data_7NIV
#
_entry.id   7NIV
#
loop_
_entity.id
_entity.type
_entity.pdbx_description
1 polymer 'QA2 Fab-fragment light chain'
2 polymer 'QA2 Fab-fragment light chain'
3 polymer 'Isoform 2 of Phosphatidylcholine translocator ABCB4'
4 polymer '4B1 Fab-fragment light chain'
5 polymer '4B1 Fab-fragment light chain'
6 non-polymer 1,2-DILINOLEOYL-SN-GLYCERO-3-PHOSPHOCHOLINE
7 non-polymer CHOLESTEROL
#
loop_
_entity_poly.entity_id
_entity_poly.type
_entity_poly.pdbx_seq_one_letter_code
_entity_poly.pdbx_strand_id
1 'polypeptide(L)'
;SDIQMTQSPSSLSASVGDRVTITCRASQSVSSAVAWYQQKPGKAPKLLIYSASSLYSGVPSRFSGSRSGTDFTLTISSLQ
PEDFATYYCQQSSSSLITFGQGTKVEIKRTVAAPSVFIFPPSDSQLKSGTASVVCLLNNFYPREAKVQWKVDNALQSGNS
QESVTEQDSKDSTYSLSSTLTLSKADYEKHKVYACEVTHQGLSSPVTKSFNRGEC
;
D
2 'polypeptide(L)'
;EISEVQLVESGGGLVQPGGSLRLSCAASGFNFSSSSIHWVRQAPGKGLEWVASISSSSGSTSYADSVKGRFTISADTSKN
TAYLQMNSLRAEDTAVYYCARAYIWWYQMRQAMDYWGQGTLVTVSSASTKGPSVFPLAPSSKSTSGGTAALGCLVKDYFP
EPVTVSWNSGALTSGVHTFPAVLQSSGLYSLSSVVTVPSSSLGTQTYICNVNHKPSNTKVDKKVEPKSCDKTHT
;
E
3 'polypeptide(L)'
;MDLEAAKNGTAWRPTSAEGDFELGISSKQKRKKTKTVKMIGVLTLFRYSDWQDKLFMSLGTIMAIAHGSGLPLMMIVFGE
MTDKFVDTAGNFSFPVNFSLSLLNPGKILEEEMTRYAYYYSGLGAGVLVAAYIQVSFWTLAAGRQIRKIRQKFFHAILRQ
EIGWFDINDTTELNTRLTDDISKISEGIGDKVGMFFQAVATFFAGFIVGFIRGWKLTLVIMAISPILGLSAAVWAKILSA
FSDKELAAYAKAGAVAEEALGAIRTVIAFGGQNKELERYQKHLENAKEIGIKKAISANISMGIAFLLIYASYALAFWYGS
TLVISKEYTIGNAMTVFFSILIGAFSVGQAAPCIDAFANARGAAYVIFDIIDNNPKIDSFSERGHKPDSIKGNLEFNDVH
FSYPSRANVKILKGLNLKVQSGQTVALVGSSGCGKSTTVQLIQRLYDPDEGTINIDGQDIRNFNVNYLREIIGVVSQEPV
LFSTTIAENICYGRGNVTMDEIKKAVKEANAYEFIMKLPQKFDTLVGERGAQLSGGQKQRIAIARALVRNPKILLLDEAT
SALDTESEAEVQAALDKAREGRTTIVIAHRLSTVRNADVIAGFEDGVIVEQGSHSELMKKEGVYFKLVNMQTSGSQIQSE
EFELNDEKAATRMAPNGWKSRLFRHSTQKNLKNSQMCQKSLDVETDGLEANVPPVSFLKVLKLNKTEWPYFVVGTVCAIA
NGGLQPAFSVIFSEIIAIFGPGDDAVKQQKCNIFSLIFLFLGIISFFTFFLQGFTFGKAGEILTRRLRSMAFKAMLRQDM
SWFDDHKNSTGALSTRLATDAAQVQGATGTRLALIAQNIANLGTGIIISFIYGWQLTLLLLAVVPIIAVSGIVEMKLLAG
NAKRDKKELEAAGKIATEAIENIRTVVSLTQERKFESMYVEKLYGPYRNSVQKAHIYGITFSISQAFMYFSYAGCFRFGA
YLIVNGHMRFRDVILVFSAIVFGAVALGHASSFAPDYAKAKLSAAHLFMLFERQPLIDSYSEEGLKPDKFEGNITFNEVV
FNYPTRANVPVLQGLSLEVKKGQTLALVGSSGCGKSTVVQLLERFYDPLAGTVLLDGQEAKKLNVQWLRAQLGIVSQEPI
LFDCSIAENIAYGDNSRVVSQDEIVSAAKAANIHPFIETLPHKYETRVGDKGTQLSGGQKQRIAIARALIRQPQILLLDE
ATSALDTESEKVVQEALDKAREGRTCIVIAHRLSTIQNADLIVVFQNGRVKEHGTHQQLLAQKGIYFSMVSVQAGTQNL
;
A
4 'polypeptide(L)'
;SDIQMTQSPSSLSASVGDRVTITCRASQSVSSAVAWYQQKPGKAPKLLIYSASSLYSGVPSRFSGSRSGTDFTLTISSLQ
PEDFATYYCQQGYSKLITFGQGTKVEIKRTVAAPSVFIFPPSDSQLKSGTASVVCLLNNFYPREAKVQWKVDNALQSGNS
QESVTEQDSKDSTYSLSSTLTLSKADYEKHKVYACEVTHQGLSSPVTKSFNRGEC
;
B
5 'polypeptide(L)'
;EISEVQLVESGGGLVQPGGSLRLSCAASGFNLYSSYIHWVRQAPGKGLEWVAYISSYYGSTSYADSVKGRFTISADTSKN
TAYLQMNSLRAEDTAVYYCARSFSINGSYSWWWDQAAYGLDYWGQGTLVTVSSASTKGPSVFPLAPSSKSTSGGTAALGC
LVKDYFPEPVTVSWNSGALTSGVHTFPAVLQSSGLYSLSSVVTVPSSSLGTQTYICNVNHKPSNTKVDKKVEPKSCDKTH
T
;
C
#
# COMPACT_ATOMS: atom_id res chain seq x y z
N THR A 6 14.51 -38.10 44.01
CA THR A 6 15.52 -37.12 43.60
C THR A 6 16.62 -37.77 42.78
N GLN A 7 17.75 -37.08 42.69
CA GLN A 7 18.93 -37.60 42.03
C GLN A 7 19.83 -38.30 43.04
N SER A 8 21.02 -38.67 42.62
CA SER A 8 22.04 -39.10 43.56
C SER A 8 23.09 -38.01 43.67
N PRO A 9 22.97 -37.10 44.63
CA PRO A 9 23.94 -36.01 44.73
C PRO A 9 25.35 -36.54 44.98
N SER A 10 26.23 -36.31 44.01
CA SER A 10 27.65 -36.54 44.16
C SER A 10 28.31 -35.18 44.36
N SER A 11 28.14 -34.61 45.55
CA SER A 11 28.75 -33.34 45.86
C SER A 11 30.26 -33.49 45.90
N LEU A 12 30.95 -32.71 45.07
CA LEU A 12 32.40 -32.82 44.97
C LEU A 12 33.02 -31.44 45.06
N SER A 13 34.02 -31.31 45.94
CA SER A 13 34.89 -30.14 45.98
C SER A 13 36.19 -30.63 46.61
N ALA A 14 37.18 -30.91 45.76
CA ALA A 14 38.35 -31.65 46.19
C ALA A 14 39.53 -31.21 45.34
N SER A 15 40.58 -32.04 45.30
CA SER A 15 41.78 -31.74 44.54
C SER A 15 41.45 -31.44 43.09
N VAL A 16 42.36 -30.73 42.43
CA VAL A 16 42.11 -30.23 41.08
C VAL A 16 42.52 -31.28 40.06
N GLY A 17 42.00 -31.16 38.85
CA GLY A 17 42.41 -32.02 37.75
C GLY A 17 41.54 -33.23 37.51
N ASP A 18 40.26 -33.17 37.87
CA ASP A 18 39.35 -34.28 37.64
C ASP A 18 38.16 -33.80 36.82
N ARG A 19 37.51 -34.75 36.15
CA ARG A 19 36.30 -34.47 35.38
C ARG A 19 35.09 -34.79 36.27
N VAL A 20 34.66 -33.80 37.05
CA VAL A 20 33.50 -33.98 37.92
C VAL A 20 32.25 -34.03 37.05
N THR A 21 31.59 -35.19 37.02
CA THR A 21 30.38 -35.40 36.24
C THR A 21 29.23 -35.67 37.20
N ILE A 22 28.35 -34.69 37.35
CA ILE A 22 27.21 -34.80 38.24
C ILE A 22 26.09 -35.50 37.52
N THR A 23 25.42 -36.41 38.22
CA THR A 23 24.36 -37.23 37.66
C THR A 23 23.02 -36.86 38.27
N CYS A 24 21.95 -37.24 37.56
CA CYS A 24 20.58 -36.99 37.98
C CYS A 24 19.74 -38.20 37.59
N ARG A 25 19.06 -38.76 38.58
CA ARG A 25 18.12 -39.85 38.37
C ARG A 25 16.70 -39.31 38.43
N ALA A 26 15.84 -39.84 37.56
CA ALA A 26 14.49 -39.30 37.43
C ALA A 26 13.58 -39.85 38.53
N SER A 27 12.53 -39.08 38.84
CA SER A 27 11.55 -39.52 39.83
C SER A 27 10.67 -40.63 39.29
N GLN A 28 10.47 -40.70 37.98
CA GLN A 28 9.74 -41.79 37.35
C GLN A 28 10.37 -42.02 35.98
N SER A 29 9.88 -43.03 35.26
CA SER A 29 10.47 -43.44 33.98
C SER A 29 9.87 -42.56 32.89
N VAL A 30 10.55 -41.45 32.60
CA VAL A 30 10.07 -40.46 31.63
C VAL A 30 11.17 -40.20 30.63
N SER A 31 10.77 -39.75 29.43
CA SER A 31 11.69 -39.54 28.34
C SER A 31 12.61 -38.35 28.64
N SER A 32 13.48 -38.02 27.69
CA SER A 32 14.59 -37.10 27.91
C SER A 32 14.10 -35.65 27.96
N ALA A 33 13.25 -35.36 28.95
CA ALA A 33 12.79 -34.00 29.21
C ALA A 33 13.28 -33.59 30.59
N VAL A 34 14.47 -32.98 30.63
CA VAL A 34 15.11 -32.55 31.87
C VAL A 34 15.83 -31.24 31.61
N ALA A 35 16.21 -30.58 32.71
CA ALA A 35 16.91 -29.31 32.61
C ALA A 35 17.79 -29.12 33.84
N TRP A 36 19.01 -28.64 33.62
CA TRP A 36 20.02 -28.50 34.66
C TRP A 36 20.33 -27.02 34.87
N TYR A 37 20.05 -26.54 36.07
CA TYR A 37 20.19 -25.13 36.38
C TYR A 37 21.32 -24.94 37.39
N GLN A 38 22.01 -23.80 37.26
CA GLN A 38 23.09 -23.41 38.15
C GLN A 38 22.59 -22.25 38.99
N GLN A 39 22.74 -22.37 40.31
CA GLN A 39 22.20 -21.38 41.24
C GLN A 39 23.34 -20.90 42.12
N LYS A 40 23.40 -19.60 42.34
CA LYS A 40 24.24 -19.05 43.39
C LYS A 40 23.30 -18.71 44.55
N PRO A 41 23.34 -19.50 45.64
CA PRO A 41 22.25 -19.47 46.63
C PRO A 41 21.89 -18.08 47.10
N GLY A 42 20.68 -17.64 46.75
CA GLY A 42 20.27 -16.27 46.91
C GLY A 42 19.97 -15.54 45.62
N LYS A 43 19.88 -16.26 44.49
CA LYS A 43 19.67 -15.66 43.18
C LYS A 43 18.72 -16.51 42.34
N ALA A 44 18.66 -16.23 41.03
CA ALA A 44 17.72 -16.84 40.10
C ALA A 44 18.45 -17.74 39.11
N PRO A 45 18.07 -19.02 39.01
CA PRO A 45 18.86 -19.96 38.20
C PRO A 45 18.83 -19.62 36.72
N LYS A 46 19.63 -20.38 35.98
CA LYS A 46 19.73 -20.23 34.53
C LYS A 46 19.89 -21.62 33.93
N LEU A 47 19.49 -21.77 32.66
CA LEU A 47 19.53 -23.07 32.01
C LEU A 47 20.78 -23.20 31.14
N LEU A 48 21.27 -24.44 31.04
CA LEU A 48 22.55 -24.72 30.41
C LEU A 48 22.39 -25.79 29.34
N ILE A 49 21.47 -26.73 29.55
CA ILE A 49 21.10 -27.72 28.55
C ILE A 49 19.59 -27.90 28.60
N TYR A 50 18.98 -28.13 27.45
CA TYR A 50 17.56 -28.41 27.34
C TYR A 50 17.37 -29.61 26.43
N SER A 51 16.21 -30.27 26.56
CA SER A 51 15.93 -31.54 25.89
C SER A 51 16.93 -32.62 26.28
N ALA A 52 17.66 -32.39 27.38
CA ALA A 52 18.61 -33.32 27.98
C ALA A 52 19.88 -33.47 27.16
N SER A 53 19.91 -32.91 25.97
CA SER A 53 21.10 -33.01 25.13
C SER A 53 21.54 -31.67 24.57
N SER A 54 20.61 -30.78 24.26
CA SER A 54 20.93 -29.59 23.47
C SER A 54 21.68 -28.58 24.33
N LEU A 55 21.94 -27.41 23.73
CA LEU A 55 22.78 -26.38 24.33
C LEU A 55 22.06 -25.05 24.28
N TYR A 56 21.99 -24.38 25.42
CA TYR A 56 21.32 -23.09 25.49
C TYR A 56 22.29 -21.97 25.11
N SER A 57 21.75 -20.77 25.00
CA SER A 57 22.50 -19.61 24.52
C SER A 57 23.31 -18.96 25.64
N GLY A 58 24.34 -18.23 25.24
CA GLY A 58 25.14 -17.42 26.14
C GLY A 58 25.84 -18.16 27.26
N VAL A 59 25.71 -19.47 27.34
CA VAL A 59 26.39 -20.26 28.36
C VAL A 59 27.81 -20.53 27.87
N PRO A 60 28.79 -20.61 28.77
CA PRO A 60 30.12 -21.06 28.36
C PRO A 60 30.11 -22.55 28.07
N SER A 61 30.75 -22.92 26.96
CA SER A 61 30.69 -24.30 26.50
C SER A 61 31.82 -25.16 27.07
N ARG A 62 32.02 -25.08 28.38
CA ARG A 62 32.60 -26.17 29.14
C ARG A 62 31.53 -27.13 29.62
N PHE A 63 30.28 -26.68 29.67
CA PHE A 63 29.13 -27.48 30.04
C PHE A 63 28.78 -28.46 28.95
N SER A 64 28.38 -29.66 29.34
CA SER A 64 27.97 -30.69 28.40
C SER A 64 27.13 -31.72 29.15
N GLY A 65 26.60 -32.67 28.39
CA GLY A 65 25.76 -33.70 28.96
C GLY A 65 25.29 -34.64 27.86
N SER A 66 24.54 -35.64 28.28
CA SER A 66 24.00 -36.64 27.37
C SER A 66 22.95 -37.45 28.12
N ARG A 67 22.38 -38.44 27.46
CA ARG A 67 21.36 -39.26 28.09
C ARG A 67 21.48 -40.75 27.75
N SER A 68 21.22 -41.58 28.75
CA SER A 68 21.27 -43.03 28.61
C SER A 68 20.13 -43.57 29.48
N GLY A 69 19.15 -44.20 28.83
CA GLY A 69 18.00 -44.68 29.57
C GLY A 69 17.25 -43.52 30.17
N THR A 70 17.35 -43.37 31.49
CA THR A 70 16.75 -42.25 32.20
C THR A 70 17.74 -41.61 33.17
N ASP A 71 19.02 -41.62 32.83
CA ASP A 71 20.07 -41.08 33.68
C ASP A 71 20.73 -39.91 32.97
N PHE A 72 20.81 -38.76 33.62
CA PHE A 72 21.28 -37.55 32.97
C PHE A 72 22.53 -37.02 33.66
N THR A 73 23.39 -36.34 32.92
CA THR A 73 24.67 -35.87 33.46
C THR A 73 25.00 -34.46 32.98
N LEU A 74 25.52 -33.64 33.89
CA LEU A 74 26.37 -32.52 33.54
C LEU A 74 27.83 -32.88 33.81
N THR A 75 28.74 -32.18 33.14
CA THR A 75 30.17 -32.45 33.26
C THR A 75 30.94 -31.14 33.33
N ILE A 76 31.91 -31.09 34.24
CA ILE A 76 32.94 -30.05 34.27
C ILE A 76 34.28 -30.73 34.43
N SER A 77 35.17 -30.55 33.47
CA SER A 77 36.37 -31.35 33.35
C SER A 77 37.60 -30.58 33.85
N SER A 78 38.54 -31.32 34.45
CA SER A 78 39.85 -30.79 34.83
C SER A 78 39.70 -29.61 35.81
N LEU A 79 39.28 -29.95 37.02
CA LEU A 79 38.82 -28.95 38.00
C LEU A 79 39.74 -27.74 38.02
N GLN A 80 39.19 -26.61 37.59
CA GLN A 80 39.90 -25.37 37.33
C GLN A 80 39.93 -24.51 38.59
N PRO A 81 40.59 -23.35 38.56
CA PRO A 81 40.41 -22.36 39.64
C PRO A 81 39.09 -21.62 39.59
N GLU A 82 38.11 -22.08 38.81
CA GLU A 82 36.89 -21.36 38.51
C GLU A 82 35.65 -22.22 38.73
N ASP A 83 35.60 -22.90 39.88
CA ASP A 83 34.48 -23.78 40.21
C ASP A 83 33.91 -23.38 41.57
N PHE A 84 32.72 -22.76 41.56
CA PHE A 84 31.95 -22.57 42.79
C PHE A 84 30.49 -22.29 42.43
N ALA A 85 29.60 -23.22 42.79
CA ALA A 85 28.16 -23.08 42.51
C ALA A 85 27.36 -24.20 43.17
N THR A 86 26.05 -24.22 42.95
CA THR A 86 25.20 -25.36 43.27
C THR A 86 24.26 -25.63 42.10
N TYR A 87 23.72 -26.84 42.05
CA TYR A 87 22.96 -27.28 40.88
C TYR A 87 21.55 -27.70 41.26
N TYR A 88 20.67 -27.65 40.27
CA TYR A 88 19.32 -28.16 40.38
C TYR A 88 18.98 -28.91 39.10
N CYS A 89 18.08 -29.90 39.20
CA CYS A 89 17.79 -30.78 38.07
C CYS A 89 16.30 -31.03 38.02
N GLN A 90 15.64 -30.55 36.97
CA GLN A 90 14.18 -30.54 36.84
C GLN A 90 13.77 -31.52 35.74
N GLN A 91 13.08 -32.59 36.13
CA GLN A 91 12.56 -33.56 35.17
C GLN A 91 11.12 -33.19 34.79
N SER A 92 10.77 -33.52 33.55
CA SER A 92 9.54 -33.00 32.96
C SER A 92 8.94 -34.05 32.02
N SER A 93 8.13 -33.59 31.07
CA SER A 93 7.33 -34.43 30.15
C SER A 93 6.21 -35.14 30.90
N SER A 94 5.74 -34.53 31.98
CA SER A 94 4.52 -34.95 32.66
C SER A 94 3.81 -33.71 33.16
N SER A 95 2.47 -33.82 33.27
CA SER A 95 1.69 -32.77 33.93
C SER A 95 2.29 -32.36 35.27
N LEU A 96 2.93 -33.29 35.97
CA LEU A 96 3.73 -32.99 37.15
C LEU A 96 5.17 -32.76 36.70
N ILE A 97 5.80 -31.72 37.25
CA ILE A 97 7.16 -31.37 36.87
C ILE A 97 7.97 -31.11 38.13
N THR A 98 8.77 -32.11 38.52
CA THR A 98 9.46 -32.11 39.80
C THR A 98 10.87 -31.54 39.63
N PHE A 99 11.70 -31.66 40.67
CA PHE A 99 13.02 -31.02 40.68
C PHE A 99 14.03 -31.95 41.32
N GLY A 100 15.27 -31.47 41.39
CA GLY A 100 16.34 -32.17 42.08
C GLY A 100 17.15 -31.20 42.91
N GLN A 101 17.82 -31.74 43.93
CA GLN A 101 18.47 -30.92 44.94
C GLN A 101 19.85 -30.46 44.49
N GLY A 102 20.67 -31.37 43.95
CA GLY A 102 21.88 -31.01 43.27
C GLY A 102 23.11 -31.19 44.15
N THR A 103 24.16 -30.45 43.83
CA THR A 103 25.43 -30.53 44.55
C THR A 103 25.86 -29.16 45.02
N LYS A 104 27.03 -29.06 45.65
CA LYS A 104 27.61 -27.78 46.08
C LYS A 104 29.10 -27.84 45.75
N VAL A 105 29.45 -27.39 44.55
CA VAL A 105 30.83 -27.48 44.07
C VAL A 105 31.61 -26.25 44.51
N GLU A 106 32.82 -26.46 45.03
CA GLU A 106 33.78 -25.40 45.29
C GLU A 106 35.19 -25.94 45.13
N ILE A 107 36.17 -25.19 45.62
CA ILE A 107 37.57 -25.59 45.52
C ILE A 107 38.37 -25.04 46.69
N LYS A 108 39.69 -25.24 46.63
CA LYS A 108 40.68 -24.79 47.64
C LYS A 108 40.62 -25.39 49.05
N ARG A 109 41.64 -25.10 49.84
CA ARG A 109 41.76 -25.57 51.22
C ARG A 109 41.52 -27.08 51.35
N THR A 110 42.36 -27.87 50.69
CA THR A 110 42.23 -29.33 50.74
C THR A 110 42.22 -29.82 52.18
N VAL A 111 43.20 -29.36 52.95
CA VAL A 111 43.33 -29.73 54.35
C VAL A 111 43.51 -28.49 55.22
N ALA A 112 42.62 -28.31 56.20
CA ALA A 112 42.70 -27.16 57.09
C ALA A 112 42.46 -27.55 58.54
N ALA A 113 43.12 -26.83 59.45
CA ALA A 113 42.98 -27.09 60.87
C ALA A 113 42.29 -25.93 61.57
N PRO A 114 41.20 -26.24 62.31
CA PRO A 114 40.42 -25.24 63.03
C PRO A 114 41.08 -24.74 64.31
N SER A 115 40.75 -23.50 64.64
CA SER A 115 41.12 -22.91 65.92
CA SER A 115 41.12 -22.91 65.92
C SER A 115 39.86 -22.72 66.75
N VAL A 116 39.87 -23.23 67.97
CA VAL A 116 38.69 -23.22 68.84
C VAL A 116 38.71 -21.98 69.72
N PHE A 117 37.59 -21.30 69.78
CA PHE A 117 37.38 -20.19 70.71
C PHE A 117 36.05 -20.37 71.42
N ILE A 118 35.99 -19.89 72.66
CA ILE A 118 34.76 -19.87 73.44
C ILE A 118 34.73 -18.58 74.23
N PHE A 119 33.52 -18.05 74.44
CA PHE A 119 33.38 -16.76 75.09
C PHE A 119 32.39 -16.86 76.24
N PRO A 120 32.55 -16.05 77.28
CA PRO A 120 31.51 -15.94 78.29
C PRO A 120 30.48 -14.92 77.86
N PRO A 121 29.20 -15.29 77.85
CA PRO A 121 28.16 -14.26 77.69
C PRO A 121 28.24 -13.26 78.83
N SER A 122 28.44 -12.00 78.45
CA SER A 122 28.79 -10.98 79.44
C SER A 122 27.60 -10.70 80.35
N ASP A 123 27.86 -9.99 81.45
CA ASP A 123 26.82 -9.73 82.43
C ASP A 123 25.71 -8.87 81.83
N SER A 124 26.00 -8.15 80.74
CA SER A 124 24.96 -7.45 80.02
C SER A 124 23.91 -8.41 79.47
N GLN A 125 24.28 -9.67 79.24
CA GLN A 125 23.34 -10.66 78.76
C GLN A 125 22.57 -11.32 79.90
N LEU A 126 23.15 -11.37 81.10
CA LEU A 126 22.49 -12.01 82.22
C LEU A 126 21.58 -11.06 82.99
N LYS A 127 21.59 -9.76 82.68
CA LYS A 127 20.66 -8.86 83.35
C LYS A 127 19.25 -9.03 82.79
N SER A 128 19.15 -9.54 81.57
CA SER A 128 17.84 -9.90 81.03
C SER A 128 17.30 -11.19 81.62
N GLY A 129 18.16 -12.19 81.80
CA GLY A 129 17.77 -13.49 82.31
C GLY A 129 18.14 -14.64 81.40
N THR A 130 19.04 -14.45 80.44
CA THR A 130 19.49 -15.51 79.56
C THR A 130 21.01 -15.50 79.50
N ALA A 131 21.56 -16.32 78.59
CA ALA A 131 22.98 -16.36 78.33
C ALA A 131 23.22 -17.12 77.02
N SER A 132 24.42 -16.93 76.46
CA SER A 132 24.79 -17.62 75.22
C SER A 132 26.30 -17.79 75.20
N VAL A 133 26.76 -18.98 75.58
CA VAL A 133 28.15 -19.35 75.38
C VAL A 133 28.28 -20.12 74.07
N VAL A 134 29.22 -19.71 73.23
CA VAL A 134 29.30 -20.16 71.84
C VAL A 134 30.67 -20.79 71.60
N CYS A 135 30.66 -22.01 71.07
CA CYS A 135 31.89 -22.73 70.76
C CYS A 135 32.29 -22.43 69.33
N LEU A 136 33.32 -21.59 69.18
CA LEU A 136 33.78 -21.13 67.87
C LEU A 136 34.78 -22.11 67.27
N LEU A 137 34.50 -22.52 66.04
CA LEU A 137 35.49 -23.15 65.19
C LEU A 137 35.71 -22.28 63.96
N ASN A 138 36.95 -21.89 63.73
CA ASN A 138 37.29 -20.99 62.63
C ASN A 138 38.44 -21.58 61.84
N ASN A 139 38.50 -21.23 60.56
CA ASN A 139 39.60 -21.59 59.67
C ASN A 139 39.65 -23.11 59.45
N PHE A 140 38.47 -23.72 59.41
CA PHE A 140 38.36 -25.17 59.28
C PHE A 140 37.82 -25.57 57.91
N TYR A 141 38.04 -26.83 57.57
CA TYR A 141 37.67 -27.45 56.31
C TYR A 141 37.77 -28.97 56.45
N PRO A 142 36.87 -29.76 55.84
CA PRO A 142 35.74 -29.34 55.02
C PRO A 142 34.57 -28.78 55.83
N ARG A 143 33.46 -28.50 55.14
CA ARG A 143 32.24 -28.07 55.81
C ARG A 143 31.79 -29.08 56.86
N GLU A 144 32.14 -30.35 56.69
CA GLU A 144 31.84 -31.37 57.70
C GLU A 144 32.77 -31.17 58.90
N ALA A 145 32.17 -30.86 60.06
CA ALA A 145 32.90 -30.74 61.31
C ALA A 145 31.90 -30.80 62.45
N LYS A 146 32.33 -31.37 63.58
CA LYS A 146 31.44 -31.66 64.70
C LYS A 146 31.76 -30.76 65.87
N VAL A 147 30.71 -30.22 66.49
CA VAL A 147 30.80 -29.49 67.75
C VAL A 147 29.78 -30.10 68.70
N GLN A 148 30.21 -30.31 69.95
CA GLN A 148 29.37 -30.96 70.95
C GLN A 148 29.56 -30.27 72.28
N TRP A 149 28.61 -30.46 73.18
CA TRP A 149 28.68 -29.86 74.50
C TRP A 149 28.69 -30.94 75.58
N LYS A 150 29.55 -30.76 76.58
CA LYS A 150 29.59 -31.65 77.74
C LYS A 150 29.72 -30.77 78.98
N VAL A 151 28.58 -30.39 79.56
CA VAL A 151 28.53 -29.53 80.72
C VAL A 151 28.14 -30.38 81.92
N ASP A 152 28.88 -30.24 83.01
CA ASP A 152 28.72 -31.08 84.19
C ASP A 152 28.71 -32.56 83.81
N ASN A 153 29.65 -32.92 82.92
CA ASN A 153 29.95 -34.31 82.58
C ASN A 153 28.70 -35.06 82.10
N ALA A 154 28.09 -34.52 81.05
CA ALA A 154 26.92 -35.15 80.44
C ALA A 154 26.98 -34.99 78.93
N LEU A 155 26.30 -35.89 78.23
CA LEU A 155 26.14 -35.80 76.77
C LEU A 155 25.01 -34.81 76.49
N GLN A 156 25.37 -33.53 76.50
CA GLN A 156 24.36 -32.48 76.42
C GLN A 156 23.87 -32.32 74.99
N SER A 157 22.54 -32.35 74.82
CA SER A 157 21.91 -32.18 73.52
C SER A 157 20.57 -31.48 73.71
N GLY A 158 20.00 -31.00 72.62
CA GLY A 158 18.81 -30.19 72.67
C GLY A 158 19.08 -28.76 73.05
N ASN A 159 20.32 -28.45 73.42
CA ASN A 159 20.76 -27.12 73.81
C ASN A 159 22.01 -26.73 73.01
N SER A 160 21.96 -26.94 71.71
CA SER A 160 23.09 -26.67 70.83
C SER A 160 22.59 -26.19 69.48
N GLN A 161 22.71 -24.90 69.23
CA GLN A 161 22.35 -24.33 67.94
C GLN A 161 23.63 -23.88 67.25
N GLU A 162 24.11 -24.68 66.31
CA GLU A 162 25.36 -24.39 65.62
C GLU A 162 25.07 -23.67 64.31
N SER A 163 25.96 -22.74 63.95
CA SER A 163 25.86 -21.97 62.73
C SER A 163 27.10 -22.18 61.89
N VAL A 164 26.90 -22.45 60.60
CA VAL A 164 27.99 -22.66 59.66
C VAL A 164 27.91 -21.62 58.56
N THR A 165 29.04 -20.97 58.28
CA THR A 165 29.08 -19.91 57.29
C THR A 165 29.52 -20.52 55.95
N GLU A 166 29.71 -19.67 54.95
CA GLU A 166 30.13 -20.08 53.62
C GLU A 166 31.55 -20.63 53.64
N GLN A 167 31.89 -21.41 52.62
CA GLN A 167 33.29 -21.72 52.36
C GLN A 167 33.99 -20.45 51.89
N ASP A 168 35.22 -20.25 52.36
CA ASP A 168 35.91 -19.00 52.10
C ASP A 168 36.08 -18.78 50.61
N SER A 169 35.99 -17.51 50.20
CA SER A 169 36.11 -17.17 48.79
C SER A 169 37.52 -17.39 48.27
N LYS A 170 38.53 -17.08 49.06
CA LYS A 170 39.93 -17.25 48.66
C LYS A 170 40.50 -18.58 49.15
N ASP A 171 40.46 -18.82 50.46
CA ASP A 171 41.25 -19.88 51.08
C ASP A 171 40.39 -20.97 51.73
N SER A 172 39.17 -21.15 51.27
CA SER A 172 38.37 -22.37 51.49
C SER A 172 38.37 -22.82 52.95
N THR A 173 38.40 -21.83 53.84
CA THR A 173 38.22 -22.09 55.26
C THR A 173 36.82 -21.68 55.68
N TYR A 174 36.26 -22.47 56.59
CA TYR A 174 34.88 -22.31 57.03
C TYR A 174 34.84 -21.60 58.38
N SER A 175 33.67 -21.04 58.68
CA SER A 175 33.43 -20.37 59.96
C SER A 175 32.26 -21.07 60.63
N LEU A 176 32.22 -20.99 61.96
CA LEU A 176 31.30 -21.81 62.72
C LEU A 176 31.12 -21.23 64.11
N SER A 177 29.85 -21.12 64.53
CA SER A 177 29.51 -20.68 65.88
C SER A 177 28.41 -21.57 66.41
N SER A 178 28.77 -22.45 67.35
CA SER A 178 27.84 -23.37 67.97
C SER A 178 27.42 -22.81 69.33
N THR A 179 26.12 -22.52 69.46
CA THR A 179 25.62 -21.74 70.59
C THR A 179 25.08 -22.67 71.67
N LEU A 180 25.59 -22.53 72.88
CA LEU A 180 24.99 -23.13 74.07
C LEU A 180 24.32 -22.03 74.89
N THR A 181 23.00 -21.98 74.82
CA THR A 181 22.25 -20.92 75.48
C THR A 181 21.58 -21.45 76.74
N LEU A 182 21.40 -20.56 77.71
CA LEU A 182 20.78 -20.91 78.98
C LEU A 182 20.08 -19.69 79.53
N SER A 183 18.90 -19.89 80.10
CA SER A 183 18.18 -18.80 80.72
C SER A 183 18.61 -18.65 82.18
N LYS A 184 17.90 -17.78 82.91
CA LYS A 184 18.24 -17.56 84.31
C LYS A 184 17.98 -18.81 85.15
N ALA A 185 16.97 -19.60 84.79
CA ALA A 185 16.63 -20.76 85.59
C ALA A 185 17.63 -21.90 85.42
N ASP A 186 18.57 -21.78 84.48
CA ASP A 186 19.47 -22.89 84.21
C ASP A 186 20.94 -22.45 84.19
N TYR A 187 21.21 -21.20 83.82
CA TYR A 187 22.58 -20.73 83.73
C TYR A 187 23.19 -20.45 85.10
N GLU A 188 22.38 -20.40 86.15
CA GLU A 188 22.85 -20.05 87.48
C GLU A 188 23.47 -21.23 88.23
N LYS A 189 23.01 -22.45 87.98
CA LYS A 189 23.38 -23.60 88.80
C LYS A 189 24.66 -24.30 88.36
N HIS A 190 25.19 -23.98 87.18
CA HIS A 190 26.37 -24.67 86.66
C HIS A 190 27.58 -23.76 86.74
N LYS A 191 28.76 -24.38 86.79
CA LYS A 191 30.02 -23.66 86.84
C LYS A 191 30.92 -23.89 85.64
N VAL A 192 31.18 -25.16 85.31
CA VAL A 192 32.10 -25.52 84.24
C VAL A 192 31.29 -25.86 82.99
N TYR A 193 31.73 -25.36 81.84
CA TYR A 193 31.13 -25.68 80.55
C TYR A 193 32.25 -26.09 79.62
N ALA A 194 32.20 -27.32 79.13
CA ALA A 194 33.27 -27.87 78.29
C ALA A 194 32.73 -28.21 76.90
N CYS A 195 33.37 -27.66 75.88
CA CYS A 195 33.06 -27.96 74.49
C CYS A 195 34.21 -28.74 73.86
N GLU A 196 33.90 -29.91 73.31
CA GLU A 196 34.85 -30.73 72.60
C GLU A 196 34.56 -30.70 71.11
N VAL A 197 35.58 -30.42 70.32
CA VAL A 197 35.46 -30.41 68.86
C VAL A 197 36.19 -31.61 68.28
N THR A 198 35.59 -32.20 67.25
CA THR A 198 36.19 -33.33 66.54
C THR A 198 36.22 -32.97 65.06
N HIS A 199 37.42 -32.92 64.48
CA HIS A 199 37.58 -32.54 63.09
C HIS A 199 38.63 -33.44 62.44
N GLN A 200 38.45 -33.69 61.14
CA GLN A 200 39.36 -34.57 60.42
C GLN A 200 40.70 -33.90 60.14
N GLY A 201 40.75 -32.57 60.16
CA GLY A 201 42.02 -31.88 60.08
C GLY A 201 42.71 -31.74 61.42
N LEU A 202 42.05 -32.14 62.50
CA LEU A 202 42.66 -32.23 63.82
C LEU A 202 43.02 -33.68 64.09
N SER A 203 44.28 -33.93 64.46
CA SER A 203 44.67 -35.28 64.83
C SER A 203 43.94 -35.73 66.09
N SER A 204 43.86 -34.86 67.09
CA SER A 204 43.25 -35.16 68.37
CA SER A 204 43.23 -35.18 68.36
C SER A 204 42.13 -34.17 68.66
N PRO A 205 41.02 -34.59 69.28
CA PRO A 205 39.92 -33.65 69.50
C PRO A 205 40.23 -32.60 70.55
N VAL A 206 40.47 -31.36 70.08
CA VAL A 206 40.70 -30.25 70.98
C VAL A 206 39.43 -29.93 71.75
N THR A 207 39.60 -29.47 72.99
CA THR A 207 38.47 -29.13 73.85
C THR A 207 38.73 -27.80 74.53
N LYS A 208 37.71 -26.94 74.58
CA LYS A 208 37.74 -25.71 75.34
C LYS A 208 36.75 -25.76 76.50
N SER A 209 37.18 -25.25 77.64
CA SER A 209 36.36 -25.25 78.84
C SER A 209 36.70 -24.02 79.67
N PHE A 210 35.79 -23.67 80.58
CA PHE A 210 35.96 -22.49 81.42
C PHE A 210 35.06 -22.65 82.63
N ASN A 211 35.25 -21.76 83.60
CA ASN A 211 34.48 -21.76 84.84
C ASN A 211 33.75 -20.44 85.01
N ARG A 212 32.69 -20.47 85.83
CA ARG A 212 31.95 -19.26 86.18
C ARG A 212 32.69 -18.59 87.33
N GLY A 213 33.64 -17.74 86.97
CA GLY A 213 34.43 -17.02 87.95
C GLY A 213 35.52 -16.16 87.33
N GLU B 1 11.93 -8.34 26.62
CA GLU B 1 12.02 -9.79 26.67
C GLU B 1 12.74 -10.37 25.45
N ILE B 2 12.67 -9.65 24.31
CA ILE B 2 13.37 -10.11 23.11
C ILE B 2 14.87 -10.11 23.32
N SER B 3 15.38 -9.07 23.99
CA SER B 3 16.78 -9.00 24.36
C SER B 3 16.98 -8.81 25.86
N GLU B 4 15.93 -8.84 26.66
CA GLU B 4 16.00 -8.61 28.10
C GLU B 4 15.03 -9.54 28.81
N VAL B 5 14.75 -9.22 30.07
CA VAL B 5 13.67 -9.87 30.81
C VAL B 5 12.76 -8.76 31.34
N GLN B 6 11.47 -8.92 31.08
CA GLN B 6 10.51 -7.88 31.43
C GLN B 6 9.66 -8.24 32.65
N LEU B 7 9.86 -9.41 33.25
CA LEU B 7 9.16 -9.80 34.47
C LEU B 7 9.59 -8.86 35.59
N VAL B 8 8.63 -8.08 36.09
CA VAL B 8 8.91 -7.03 37.07
C VAL B 8 8.58 -7.56 38.46
N GLU B 9 9.06 -6.85 39.50
CA GLU B 9 8.68 -7.12 40.88
C GLU B 9 7.17 -7.31 40.98
N SER B 10 6.78 -8.27 41.83
CA SER B 10 5.39 -8.72 41.86
C SER B 10 5.02 -9.13 43.28
N GLY B 11 3.91 -8.57 43.77
CA GLY B 11 3.33 -8.93 45.05
C GLY B 11 4.30 -9.03 46.21
N GLY B 12 4.96 -7.92 46.54
CA GLY B 12 5.96 -7.92 47.61
C GLY B 12 5.34 -7.61 48.96
N GLY B 13 5.51 -8.53 49.89
CA GLY B 13 5.02 -8.32 51.24
C GLY B 13 5.38 -9.48 52.14
N LEU B 14 5.01 -9.31 53.41
CA LEU B 14 5.25 -10.28 54.47
C LEU B 14 3.95 -10.95 54.88
N VAL B 15 4.06 -12.05 55.62
CA VAL B 15 2.89 -12.78 56.10
C VAL B 15 3.17 -13.34 57.50
N GLN B 16 2.15 -13.26 58.35
CA GLN B 16 2.11 -13.85 59.68
C GLN B 16 1.05 -14.95 59.66
N PRO B 17 0.86 -15.70 60.75
CA PRO B 17 -0.23 -16.69 60.76
C PRO B 17 -1.62 -16.10 60.55
N GLY B 18 -1.73 -14.79 60.39
CA GLY B 18 -3.02 -14.16 60.10
C GLY B 18 -3.02 -13.27 58.88
N GLY B 19 -2.34 -13.66 57.81
CA GLY B 19 -2.29 -12.85 56.61
C GLY B 19 -2.43 -13.63 55.32
N SER B 20 -2.55 -12.91 54.20
CA SER B 20 -2.68 -13.49 52.88
C SER B 20 -2.58 -12.38 51.84
N LEU B 21 -1.94 -12.66 50.71
CA LEU B 21 -1.73 -11.67 49.67
C LEU B 21 -2.17 -12.20 48.32
N ARG B 22 -2.18 -11.31 47.33
CA ARG B 22 -2.52 -11.64 45.95
C ARG B 22 -1.25 -11.47 45.13
N LEU B 23 -0.46 -12.53 45.03
CA LEU B 23 0.81 -12.44 44.32
C LEU B 23 0.55 -12.43 42.82
N SER B 24 1.44 -11.75 42.09
CA SER B 24 1.35 -11.72 40.64
C SER B 24 2.66 -12.22 40.07
N CYS B 25 2.66 -12.46 38.76
CA CYS B 25 3.89 -12.62 37.98
C CYS B 25 3.76 -11.59 36.85
N ALA B 26 4.20 -10.37 37.14
CA ALA B 26 3.95 -9.22 36.27
C ALA B 26 4.81 -9.24 35.02
N ALA B 27 4.55 -10.18 34.12
CA ALA B 27 5.34 -10.30 32.91
C ALA B 27 5.09 -9.10 31.98
N SER B 28 5.85 -9.09 30.88
CA SER B 28 5.81 -8.07 29.86
C SER B 28 6.77 -8.52 28.76
N GLY B 29 6.77 -7.79 27.65
CA GLY B 29 7.72 -8.04 26.60
C GLY B 29 7.40 -9.19 25.67
N PHE B 30 6.30 -9.90 25.90
CA PHE B 30 5.88 -10.97 25.00
C PHE B 30 4.38 -11.17 25.15
N ASN B 31 3.85 -12.12 24.38
CA ASN B 31 2.42 -12.36 24.29
C ASN B 31 2.07 -13.64 25.05
N PHE B 32 1.19 -13.52 26.05
CA PHE B 32 0.87 -14.63 26.94
C PHE B 32 0.44 -15.89 26.20
N SER B 33 0.06 -15.78 24.93
CA SER B 33 -0.31 -16.97 24.19
C SER B 33 0.90 -17.75 23.72
N SER B 34 2.10 -17.19 23.83
CA SER B 34 3.33 -17.88 23.48
C SER B 34 4.00 -18.53 24.67
N SER B 35 3.49 -18.32 25.87
CA SER B 35 4.12 -18.77 27.09
C SER B 35 3.13 -19.53 27.96
N SER B 36 3.64 -20.04 29.08
CA SER B 36 2.81 -20.70 30.10
C SER B 36 3.47 -20.40 31.44
N ILE B 37 3.00 -19.35 32.12
CA ILE B 37 3.65 -18.88 33.33
C ILE B 37 3.65 -19.97 34.38
N HIS B 38 4.76 -20.08 35.12
CA HIS B 38 4.92 -21.07 36.16
C HIS B 38 5.24 -20.40 37.49
N TRP B 39 5.41 -21.23 38.52
CA TRP B 39 5.86 -20.82 39.84
C TRP B 39 6.54 -22.02 40.47
N VAL B 40 7.49 -21.76 41.37
CA VAL B 40 8.09 -22.81 42.17
C VAL B 40 8.18 -22.30 43.60
N ARG B 41 8.37 -23.22 44.53
CA ARG B 41 8.64 -22.90 45.92
C ARG B 41 10.07 -23.29 46.24
N GLN B 42 10.82 -22.37 46.83
CA GLN B 42 12.21 -22.59 47.19
C GLN B 42 12.38 -22.25 48.66
N ALA B 43 12.14 -23.22 49.52
CA ALA B 43 12.18 -23.15 50.97
C ALA B 43 13.63 -23.24 51.44
N PRO B 44 13.97 -22.54 52.53
CA PRO B 44 15.37 -22.47 52.94
C PRO B 44 15.96 -23.84 53.25
N GLY B 45 17.18 -24.05 52.77
CA GLY B 45 17.88 -25.30 53.02
C GLY B 45 17.36 -26.51 52.28
N LYS B 46 16.61 -26.30 51.20
CA LYS B 46 16.00 -27.41 50.47
C LYS B 46 16.04 -27.13 48.98
N GLY B 47 15.74 -28.17 48.20
CA GLY B 47 15.72 -28.04 46.76
C GLY B 47 14.48 -27.33 46.26
N LEU B 48 14.41 -27.18 44.94
CA LEU B 48 13.31 -26.46 44.32
C LEU B 48 12.04 -27.32 44.33
N GLU B 49 10.92 -26.66 44.58
CA GLU B 49 9.61 -27.33 44.67
C GLU B 49 8.61 -26.58 43.81
N TRP B 50 8.28 -27.13 42.64
CA TRP B 50 7.33 -26.48 41.75
C TRP B 50 5.91 -26.64 42.29
N VAL B 51 5.06 -25.64 41.99
CA VAL B 51 3.74 -25.54 42.59
C VAL B 51 2.63 -25.50 41.55
N ALA B 52 2.80 -24.74 40.46
CA ALA B 52 1.69 -24.49 39.55
C ALA B 52 2.19 -24.35 38.13
N SER B 53 1.28 -24.56 37.18
CA SER B 53 1.59 -24.49 35.75
C SER B 53 0.32 -24.14 35.00
N ILE B 54 0.18 -22.88 34.58
CA ILE B 54 -0.99 -22.43 33.85
C ILE B 54 -0.58 -22.11 32.42
N SER B 55 -1.42 -22.52 31.47
CA SER B 55 -1.20 -22.25 30.05
C SER B 55 -2.38 -21.42 29.55
N SER B 56 -2.24 -20.10 29.65
CA SER B 56 -3.32 -19.18 29.29
C SER B 56 -3.95 -19.49 27.94
N SER B 57 -3.18 -19.98 26.97
CA SER B 57 -3.72 -20.24 25.64
C SER B 57 -4.55 -21.50 25.57
N SER B 58 -4.85 -22.13 26.71
CA SER B 58 -5.91 -23.13 26.79
C SER B 58 -6.67 -23.02 28.10
N GLY B 59 -6.33 -22.06 28.95
CA GLY B 59 -6.91 -21.97 30.28
C GLY B 59 -6.75 -23.23 31.10
N SER B 60 -5.56 -23.83 31.10
CA SER B 60 -5.32 -25.09 31.77
C SER B 60 -4.52 -24.87 33.05
N THR B 61 -4.39 -25.95 33.83
CA THR B 61 -3.58 -25.94 35.04
C THR B 61 -3.26 -27.38 35.43
N SER B 62 -1.99 -27.66 35.63
CA SER B 62 -1.53 -28.94 36.16
C SER B 62 -1.04 -28.70 37.59
N TYR B 63 -1.85 -29.07 38.56
CA TYR B 63 -1.60 -28.71 39.95
C TYR B 63 -0.59 -29.65 40.58
N ALA B 64 -0.06 -29.22 41.72
CA ALA B 64 0.89 -29.97 42.52
C ALA B 64 0.15 -30.69 43.65
N ASP B 65 0.91 -31.24 44.60
CA ASP B 65 0.36 -31.85 45.81
C ASP B 65 0.61 -31.02 47.05
N SER B 66 1.49 -30.03 47.00
CA SER B 66 1.81 -29.23 48.18
C SER B 66 0.78 -28.13 48.42
N VAL B 67 0.63 -27.24 47.45
CA VAL B 67 -0.38 -26.19 47.52
C VAL B 67 -1.67 -26.62 46.82
N LYS B 68 -1.82 -27.93 46.59
CA LYS B 68 -3.00 -28.47 45.94
C LYS B 68 -4.27 -27.93 46.58
N GLY B 69 -5.30 -27.72 45.77
CA GLY B 69 -6.59 -27.32 46.28
C GLY B 69 -6.63 -25.90 46.80
N ARG B 70 -5.75 -25.59 47.76
CA ARG B 70 -5.82 -24.34 48.48
C ARG B 70 -5.45 -23.12 47.64
N PHE B 71 -4.91 -23.32 46.45
CA PHE B 71 -4.49 -22.21 45.60
C PHE B 71 -5.33 -22.13 44.33
N THR B 72 -4.99 -21.15 43.51
CA THR B 72 -5.63 -20.91 42.22
C THR B 72 -4.78 -19.94 41.43
N ILE B 73 -4.43 -20.31 40.21
CA ILE B 73 -3.66 -19.45 39.31
C ILE B 73 -4.56 -19.05 38.14
N SER B 74 -4.64 -17.76 37.87
CA SER B 74 -5.63 -17.23 36.94
C SER B 74 -4.96 -16.12 36.13
N ALA B 75 -4.49 -16.45 34.93
CA ALA B 75 -3.73 -15.52 34.10
C ALA B 75 -4.66 -14.62 33.32
N ASP B 76 -4.18 -13.41 33.03
CA ASP B 76 -4.95 -12.37 32.38
C ASP B 76 -4.18 -11.89 31.16
N THR B 77 -4.46 -12.49 30.00
CA THR B 77 -3.75 -12.13 28.78
C THR B 77 -4.11 -10.72 28.31
N SER B 78 -5.25 -10.19 28.73
CA SER B 78 -5.58 -8.81 28.43
C SER B 78 -4.57 -7.86 29.06
N LYS B 79 -4.49 -7.83 30.38
CA LYS B 79 -3.68 -6.86 31.10
C LYS B 79 -2.21 -7.24 31.21
N ASN B 80 -1.84 -8.43 30.70
CA ASN B 80 -0.45 -8.91 30.73
C ASN B 80 0.09 -8.94 32.16
N THR B 81 -0.66 -9.58 33.05
CA THR B 81 -0.22 -9.75 34.43
C THR B 81 -0.98 -10.93 35.02
N ALA B 82 -0.30 -12.06 35.23
CA ALA B 82 -0.95 -13.21 35.85
C ALA B 82 -1.18 -12.95 37.33
N TYR B 83 -1.89 -13.88 37.98
CA TYR B 83 -2.28 -13.69 39.38
C TYR B 83 -2.46 -15.03 40.07
N LEU B 84 -1.65 -15.28 41.10
CA LEU B 84 -1.80 -16.43 41.99
C LEU B 84 -2.12 -15.88 43.37
N GLN B 85 -3.22 -16.34 43.96
CA GLN B 85 -3.62 -15.82 45.26
C GLN B 85 -2.94 -16.60 46.37
N MET B 86 -1.99 -15.96 47.05
CA MET B 86 -1.33 -16.56 48.21
C MET B 86 -2.33 -16.49 49.36
N ASN B 87 -3.14 -17.53 49.50
CA ASN B 87 -4.11 -17.65 50.58
C ASN B 87 -3.87 -18.95 51.32
N SER B 88 -4.41 -19.04 52.53
CA SER B 88 -4.20 -20.18 53.42
C SER B 88 -2.70 -20.34 53.74
N LEU B 89 -2.15 -19.31 54.38
CA LEU B 89 -0.72 -19.24 54.67
C LEU B 89 -0.41 -19.99 55.95
N ARG B 90 0.29 -21.11 55.81
CA ARG B 90 0.96 -21.77 56.91
C ARG B 90 2.40 -21.28 57.01
N ALA B 91 3.20 -21.97 57.83
CA ALA B 91 4.60 -21.60 57.96
C ALA B 91 5.46 -22.21 56.86
N GLU B 92 5.13 -23.42 56.40
CA GLU B 92 5.93 -24.09 55.38
C GLU B 92 5.89 -23.36 54.06
N ASP B 93 4.85 -22.55 53.82
CA ASP B 93 4.65 -21.81 52.59
C ASP B 93 5.72 -20.76 52.31
N THR B 94 6.65 -20.53 53.23
CA THR B 94 7.64 -19.47 53.06
C THR B 94 8.77 -19.93 52.14
N ALA B 95 9.17 -19.07 51.21
CA ALA B 95 10.12 -19.40 50.16
C ALA B 95 10.37 -18.15 49.32
N VAL B 96 11.39 -18.24 48.46
CA VAL B 96 11.56 -17.30 47.36
C VAL B 96 10.85 -17.87 46.13
N TYR B 97 9.89 -17.12 45.60
CA TYR B 97 9.00 -17.60 44.55
C TYR B 97 9.56 -17.20 43.19
N TYR B 98 10.23 -18.14 42.53
CA TYR B 98 10.63 -17.95 41.15
C TYR B 98 9.42 -18.17 40.24
N CYS B 99 8.99 -17.13 39.54
CA CYS B 99 7.95 -17.25 38.53
C CYS B 99 8.48 -16.70 37.22
N ALA B 100 8.27 -17.45 36.14
CA ALA B 100 9.09 -17.27 34.96
C ALA B 100 8.25 -17.46 33.70
N ARG B 101 8.93 -17.54 32.57
CA ARG B 101 8.38 -17.66 31.23
C ARG B 101 8.54 -19.10 30.74
N ALA B 102 7.75 -19.48 29.74
CA ALA B 102 7.75 -20.85 29.27
C ALA B 102 7.26 -20.93 27.84
N TYR B 103 8.18 -21.02 26.88
CA TYR B 103 7.82 -21.02 25.47
C TYR B 103 7.03 -22.30 25.17
N ILE B 104 5.85 -22.15 24.57
CA ILE B 104 4.96 -23.28 24.29
C ILE B 104 4.85 -23.60 22.81
N TRP B 105 5.39 -22.75 21.92
CA TRP B 105 5.34 -23.00 20.49
C TRP B 105 6.68 -23.48 19.94
N TRP B 106 7.42 -24.26 20.73
CA TRP B 106 8.54 -25.02 20.19
C TRP B 106 8.64 -26.31 20.98
N TYR B 107 8.33 -27.42 20.31
CA TYR B 107 8.28 -28.74 20.93
C TYR B 107 9.56 -29.31 21.54
N GLN B 108 10.72 -28.93 21.02
CA GLN B 108 11.97 -29.46 21.54
C GLN B 108 12.12 -29.20 23.04
N MET B 109 11.81 -27.98 23.46
CA MET B 109 11.89 -27.64 24.87
C MET B 109 10.65 -28.19 25.58
N ARG B 110 10.75 -29.44 26.04
CA ARG B 110 9.63 -30.10 26.71
C ARG B 110 9.58 -29.88 28.22
N GLN B 111 10.38 -28.95 28.71
CA GLN B 111 10.40 -28.68 30.15
C GLN B 111 10.21 -27.19 30.44
N ALA B 112 9.95 -26.43 29.39
CA ALA B 112 9.74 -24.98 29.51
C ALA B 112 10.83 -24.29 30.32
N MET B 113 10.42 -23.40 31.22
CA MET B 113 11.32 -22.64 32.08
C MET B 113 12.48 -22.02 31.29
N ASP B 114 12.14 -21.33 30.20
CA ASP B 114 13.15 -20.68 29.38
C ASP B 114 13.92 -19.71 30.25
N TYR B 115 13.18 -18.86 30.96
CA TYR B 115 13.79 -17.92 31.87
C TYR B 115 13.45 -18.27 33.31
N TRP B 116 13.91 -17.43 34.22
CA TRP B 116 13.69 -17.65 35.64
C TRP B 116 13.68 -16.32 36.36
N GLY B 117 12.75 -16.16 37.29
CA GLY B 117 12.58 -14.89 37.97
C GLY B 117 13.16 -14.89 39.37
N GLN B 118 13.80 -13.78 39.72
CA GLN B 118 14.54 -13.64 40.98
C GLN B 118 13.69 -13.94 42.20
N GLY B 119 12.41 -13.62 42.18
CA GLY B 119 11.56 -14.04 43.29
C GLY B 119 11.33 -12.96 44.32
N THR B 120 10.09 -12.90 44.81
CA THR B 120 9.71 -12.01 45.91
C THR B 120 9.35 -12.88 47.10
N LEU B 121 10.30 -13.01 48.03
CA LEU B 121 10.20 -13.88 49.20
C LEU B 121 8.86 -13.79 49.91
N VAL B 122 8.15 -14.91 50.04
CA VAL B 122 7.09 -15.01 51.03
C VAL B 122 7.72 -15.34 52.37
N THR B 123 7.44 -14.52 53.38
CA THR B 123 8.14 -14.57 54.66
C THR B 123 7.11 -14.78 55.77
N VAL B 124 6.83 -16.05 56.08
CA VAL B 124 5.85 -16.39 57.15
C VAL B 124 6.61 -16.56 58.47
N SER B 125 6.32 -15.71 59.46
CA SER B 125 6.98 -15.77 60.78
C SER B 125 5.92 -15.74 61.89
N SER B 126 6.30 -15.26 63.09
CA SER B 126 5.37 -15.18 64.24
C SER B 126 5.91 -14.23 65.31
N ALA B 127 5.09 -13.26 65.74
CA ALA B 127 5.47 -12.28 66.77
C ALA B 127 6.80 -11.60 66.41
N SER B 128 6.80 -10.79 65.35
CA SER B 128 8.02 -10.08 64.90
C SER B 128 7.94 -8.60 65.30
N THR B 129 8.67 -7.73 64.60
CA THR B 129 8.69 -6.26 64.87
C THR B 129 9.09 -5.99 66.33
N LYS B 130 10.36 -6.23 66.66
CA LYS B 130 10.87 -6.00 68.04
C LYS B 130 12.32 -5.49 67.95
N GLY B 131 12.53 -4.19 68.16
CA GLY B 131 13.85 -3.61 68.08
C GLY B 131 14.92 -4.57 68.55
N PRO B 132 16.12 -4.45 67.97
CA PRO B 132 17.22 -5.33 68.37
C PRO B 132 17.96 -4.79 69.59
N SER B 133 18.94 -5.56 70.01
CA SER B 133 19.88 -5.18 71.06
C SER B 133 21.25 -5.68 70.67
N VAL B 134 22.27 -5.26 71.42
CA VAL B 134 23.65 -5.67 71.19
C VAL B 134 24.18 -6.32 72.46
N PHE B 135 24.88 -7.44 72.30
CA PHE B 135 25.39 -8.22 73.42
C PHE B 135 26.85 -8.57 73.16
N PRO B 136 27.76 -8.24 74.07
CA PRO B 136 29.19 -8.44 73.79
C PRO B 136 29.60 -9.90 73.96
N LEU B 137 30.11 -10.48 72.88
CA LEU B 137 30.82 -11.75 72.97
C LEU B 137 32.21 -11.48 73.54
N ALA B 138 32.25 -11.08 74.82
CA ALA B 138 33.46 -10.51 75.39
C ALA B 138 34.60 -11.52 75.39
N PRO B 139 35.71 -11.21 74.71
CA PRO B 139 36.87 -12.11 74.75
C PRO B 139 37.42 -12.24 76.16
N SER B 140 37.63 -13.49 76.59
CA SER B 140 38.21 -13.75 77.90
C SER B 140 39.65 -13.26 77.95
N SER B 141 40.20 -13.24 79.16
CA SER B 141 41.61 -12.90 79.33
C SER B 141 42.52 -14.05 78.94
N LYS B 142 42.03 -15.29 78.98
CA LYS B 142 42.79 -16.46 78.59
C LYS B 142 42.83 -16.67 77.08
N SER B 143 42.39 -15.68 76.30
CA SER B 143 42.56 -15.73 74.86
C SER B 143 44.04 -15.79 74.51
N THR B 144 44.34 -16.39 73.35
CA THR B 144 45.71 -16.61 72.95
C THR B 144 46.46 -15.28 72.80
N SER B 145 47.37 -15.00 73.72
CA SER B 145 48.11 -13.74 73.71
C SER B 145 49.15 -13.75 72.59
N GLY B 146 49.15 -12.69 71.80
CA GLY B 146 50.08 -12.57 70.68
C GLY B 146 49.70 -13.41 69.47
N GLY B 147 48.71 -14.27 69.65
CA GLY B 147 48.25 -15.13 68.58
C GLY B 147 46.97 -14.59 67.98
N THR B 148 45.83 -15.16 68.36
CA THR B 148 44.52 -14.66 67.95
C THR B 148 43.64 -14.55 69.18
N ALA B 149 43.28 -13.32 69.53
CA ALA B 149 42.29 -13.04 70.57
C ALA B 149 41.00 -12.68 69.86
N ALA B 150 40.15 -13.68 69.62
CA ALA B 150 38.92 -13.46 68.89
C ALA B 150 37.96 -12.61 69.71
N LEU B 151 37.18 -11.78 69.02
CA LEU B 151 36.29 -10.85 69.70
C LEU B 151 35.11 -10.54 68.78
N GLY B 152 34.01 -10.11 69.38
CA GLY B 152 32.83 -9.80 68.61
C GLY B 152 31.68 -9.43 69.51
N CYS B 153 30.48 -9.41 68.92
CA CYS B 153 29.28 -9.03 69.65
C CYS B 153 28.07 -9.65 68.95
N LEU B 154 27.14 -10.15 69.76
CA LEU B 154 25.92 -10.80 69.28
C LEU B 154 24.75 -9.82 69.34
N VAL B 155 24.06 -9.68 68.22
CA VAL B 155 22.81 -8.93 68.17
C VAL B 155 21.66 -9.91 68.36
N LYS B 156 20.86 -9.68 69.40
CA LYS B 156 19.83 -10.63 69.81
C LYS B 156 18.46 -9.95 69.80
N ASP B 157 17.44 -10.75 69.53
CA ASP B 157 16.05 -10.31 69.49
C ASP B 157 15.88 -9.21 68.43
N TYR B 158 16.11 -9.60 67.18
CA TYR B 158 16.09 -8.66 66.06
C TYR B 158 15.27 -9.23 64.90
N PHE B 159 14.47 -8.35 64.30
CA PHE B 159 13.62 -8.66 63.15
C PHE B 159 13.04 -7.36 62.61
N PRO B 160 12.79 -7.24 61.30
CA PRO B 160 13.14 -8.21 60.27
C PRO B 160 14.53 -8.01 59.69
N GLU B 161 14.82 -8.75 58.62
CA GLU B 161 16.05 -8.52 57.87
C GLU B 161 15.92 -7.26 57.03
N PRO B 162 17.05 -6.67 56.58
CA PRO B 162 18.42 -7.02 56.95
C PRO B 162 18.97 -6.11 58.05
N VAL B 163 19.97 -6.61 58.78
CA VAL B 163 20.63 -5.83 59.83
C VAL B 163 22.06 -5.58 59.39
N THR B 164 22.39 -4.30 59.16
CA THR B 164 23.71 -3.92 58.70
C THR B 164 24.62 -3.70 59.91
N VAL B 165 25.69 -4.49 59.99
CA VAL B 165 26.64 -4.42 61.08
C VAL B 165 27.99 -4.00 60.51
N SER B 166 28.56 -2.92 61.05
CA SER B 166 29.87 -2.45 60.67
C SER B 166 30.78 -2.51 61.88
N TRP B 167 32.09 -2.43 61.63
CA TRP B 167 33.08 -2.59 62.68
C TRP B 167 34.02 -1.39 62.68
N ASN B 168 34.34 -0.91 63.89
CA ASN B 168 35.00 0.38 64.07
C ASN B 168 34.19 1.50 63.42
N SER B 169 32.86 1.35 63.43
CA SER B 169 31.94 2.24 62.73
C SER B 169 32.31 2.32 61.24
N GLY B 170 32.28 1.18 60.57
CA GLY B 170 32.59 1.12 59.16
C GLY B 170 34.04 1.32 58.80
N ALA B 171 34.91 1.54 59.79
CA ALA B 171 36.33 1.76 59.54
C ALA B 171 37.13 0.47 59.43
N LEU B 172 36.48 -0.69 59.48
CA LEU B 172 37.18 -1.98 59.34
C LEU B 172 36.13 -3.05 59.13
N THR B 173 36.39 -3.97 58.20
CA THR B 173 35.49 -5.09 57.93
C THR B 173 36.29 -6.37 57.74
N SER B 174 37.62 -6.26 57.72
CA SER B 174 38.49 -7.42 57.52
C SER B 174 38.38 -8.35 58.72
N GLY B 175 38.41 -9.66 58.47
CA GLY B 175 38.29 -10.63 59.53
C GLY B 175 36.93 -10.70 60.17
N VAL B 176 36.01 -9.81 59.82
CA VAL B 176 34.63 -9.86 60.31
C VAL B 176 33.90 -10.94 59.53
N HIS B 177 33.45 -11.98 60.24
CA HIS B 177 32.65 -13.05 59.65
C HIS B 177 31.18 -12.75 59.92
N THR B 178 30.40 -12.62 58.86
CA THR B 178 28.95 -12.50 58.96
C THR B 178 28.36 -13.91 58.85
N PHE B 179 27.97 -14.46 59.99
CA PHE B 179 27.35 -15.78 60.00
C PHE B 179 25.99 -15.70 59.33
N PRO B 180 25.44 -16.82 58.85
CA PRO B 180 24.11 -16.77 58.25
C PRO B 180 23.04 -16.46 59.28
N ALA B 181 21.97 -15.82 58.81
CA ALA B 181 20.89 -15.44 59.70
C ALA B 181 20.08 -16.66 60.09
N VAL B 182 20.53 -17.35 61.14
CA VAL B 182 19.94 -18.61 61.56
C VAL B 182 18.79 -18.33 62.52
N LEU B 183 17.90 -19.30 62.64
CA LEU B 183 16.61 -19.12 63.30
C LEU B 183 16.75 -19.24 64.82
N GLN B 184 15.82 -18.61 65.53
CA GLN B 184 15.58 -18.86 66.94
C GLN B 184 14.32 -19.70 67.11
N SER B 185 13.98 -19.99 68.36
CA SER B 185 12.80 -20.80 68.63
C SER B 185 11.54 -19.93 68.69
N SER B 186 11.71 -18.63 68.93
CA SER B 186 10.59 -17.71 68.94
C SER B 186 10.30 -17.12 67.56
N GLY B 187 10.94 -17.63 66.51
CA GLY B 187 10.81 -17.09 65.17
C GLY B 187 11.82 -16.02 64.83
N LEU B 188 12.54 -15.50 65.82
CA LEU B 188 13.55 -14.47 65.60
C LEU B 188 14.77 -15.11 64.95
N TYR B 189 15.82 -14.32 64.76
CA TYR B 189 17.01 -14.80 64.07
C TYR B 189 18.26 -14.60 64.92
N SER B 190 19.40 -15.11 64.45
CA SER B 190 20.67 -14.91 65.13
C SER B 190 21.77 -14.81 64.10
N LEU B 191 22.48 -13.69 64.11
CA LEU B 191 23.66 -13.52 63.26
C LEU B 191 24.80 -13.02 64.14
N SER B 192 25.92 -13.74 64.06
CA SER B 192 27.09 -13.45 64.90
C SER B 192 28.18 -12.81 64.06
N SER B 193 29.06 -12.07 64.72
CA SER B 193 30.18 -11.39 64.08
C SER B 193 31.43 -11.64 64.91
N VAL B 194 32.41 -12.31 64.33
CA VAL B 194 33.67 -12.63 65.00
C VAL B 194 34.81 -11.99 64.24
N VAL B 195 35.76 -11.42 64.99
CA VAL B 195 36.85 -10.64 64.42
C VAL B 195 38.17 -11.25 64.85
N THR B 196 39.17 -11.16 63.97
CA THR B 196 40.48 -11.74 64.21
C THR B 196 41.51 -10.64 64.49
N VAL B 197 42.20 -10.77 65.62
CA VAL B 197 43.27 -9.82 65.98
C VAL B 197 44.11 -10.40 67.11
N PRO B 198 45.42 -10.27 67.00
CA PRO B 198 46.30 -10.65 68.11
C PRO B 198 46.01 -9.84 69.36
N SER B 199 46.38 -10.40 70.51
CA SER B 199 46.05 -9.82 71.81
C SER B 199 46.98 -8.67 72.21
N SER B 200 47.84 -8.19 71.30
CA SER B 200 48.78 -7.14 71.67
C SER B 200 48.10 -5.77 71.69
N SER B 201 47.08 -5.56 70.86
CA SER B 201 46.53 -4.23 70.63
C SER B 201 45.24 -3.97 71.42
N LEU B 202 44.62 -5.01 71.97
CA LEU B 202 43.40 -4.80 72.75
C LEU B 202 43.68 -4.04 74.04
N GLY B 203 44.92 -4.09 74.53
CA GLY B 203 45.26 -3.34 75.72
C GLY B 203 45.33 -1.84 75.49
N THR B 204 45.83 -1.42 74.33
CA THR B 204 45.96 -0.01 74.00
C THR B 204 44.77 0.52 73.20
N GLN B 205 44.10 -0.34 72.43
CA GLN B 205 43.04 0.09 71.55
C GLN B 205 41.68 -0.43 72.02
N THR B 206 40.63 0.29 71.66
CA THR B 206 39.26 -0.07 72.00
C THR B 206 38.45 -0.21 70.72
N TYR B 207 37.60 -1.22 70.67
CA TYR B 207 36.89 -1.59 69.45
C TYR B 207 35.39 -1.46 69.66
N ILE B 208 34.72 -0.94 68.64
CA ILE B 208 33.30 -0.58 68.73
C ILE B 208 32.56 -1.22 67.55
N CYS B 209 31.92 -2.36 67.80
CA CYS B 209 31.11 -2.99 66.78
C CYS B 209 29.83 -2.20 66.59
N ASN B 210 29.58 -1.76 65.35
CA ASN B 210 28.49 -0.88 65.02
C ASN B 210 27.34 -1.70 64.44
N VAL B 211 26.11 -1.35 64.82
CA VAL B 211 24.92 -2.03 64.34
C VAL B 211 23.94 -0.97 63.85
N ASN B 212 23.21 -1.30 62.79
CA ASN B 212 22.26 -0.36 62.17
C ASN B 212 21.10 -1.20 61.62
N HIS B 213 19.96 -1.13 62.30
CA HIS B 213 18.77 -1.87 61.91
C HIS B 213 17.68 -0.87 61.52
N LYS B 214 17.64 -0.55 60.22
CA LYS B 214 16.70 0.41 59.65
C LYS B 214 15.24 -0.01 59.76
N PRO B 215 14.87 -1.28 59.55
CA PRO B 215 13.46 -1.65 59.69
C PRO B 215 12.89 -1.51 61.09
N SER B 216 13.66 -1.01 62.05
CA SER B 216 13.15 -0.77 63.40
C SER B 216 13.54 0.58 63.97
N ASN B 217 14.17 1.45 63.16
CA ASN B 217 14.50 2.81 63.57
C ASN B 217 15.56 2.84 64.66
N THR B 218 16.34 1.78 64.75
CA THR B 218 17.31 1.62 65.84
C THR B 218 18.71 1.50 65.27
N LYS B 219 19.59 2.41 65.67
CA LYS B 219 21.02 2.27 65.49
C LYS B 219 21.66 2.18 66.86
N VAL B 220 22.23 1.02 67.17
CA VAL B 220 22.72 0.72 68.51
C VAL B 220 24.19 0.33 68.43
N ASP B 221 24.95 0.69 69.47
CA ASP B 221 26.38 0.48 69.49
C ASP B 221 26.80 -0.17 70.79
N LYS B 222 28.07 -0.58 70.83
CA LYS B 222 28.70 -1.07 72.05
C LYS B 222 30.20 -1.19 71.81
N LYS B 223 30.99 -0.79 72.80
CA LYS B 223 32.43 -1.04 72.75
C LYS B 223 32.72 -2.48 73.13
N VAL B 224 33.56 -3.14 72.33
CA VAL B 224 33.95 -4.53 72.56
C VAL B 224 35.27 -4.54 73.31
N GLU B 225 35.28 -5.20 74.47
CA GLU B 225 36.39 -5.12 75.41
C GLU B 225 36.88 -6.50 75.83
N PRO B 226 38.17 -6.63 76.16
CA PRO B 226 38.69 -7.89 76.71
C PRO B 226 38.33 -8.02 78.18
N LYS B 227 37.59 -9.08 78.52
CA LYS B 227 36.94 -9.14 79.83
C LYS B 227 37.94 -9.24 80.96
N SER B 228 37.81 -8.33 81.93
CA SER B 228 38.58 -8.36 83.17
C SER B 228 37.60 -8.38 84.32
N CYS B 229 37.45 -9.53 84.96
CA CYS B 229 36.45 -9.71 86.00
C CYS B 229 36.80 -8.93 87.27
N MET C 39 -27.03 -21.70 1.68
CA MET C 39 -27.92 -21.14 2.69
C MET C 39 -28.05 -22.12 3.85
N ILE C 40 -28.18 -21.62 5.07
CA ILE C 40 -27.99 -22.46 6.24
C ILE C 40 -29.11 -22.37 7.27
N GLY C 41 -30.01 -21.40 7.22
CA GLY C 41 -31.15 -21.39 8.10
C GLY C 41 -30.95 -20.48 9.30
N VAL C 42 -32.09 -19.95 9.77
CA VAL C 42 -32.12 -18.91 10.80
C VAL C 42 -31.36 -19.28 12.07
N LEU C 43 -31.22 -20.55 12.39
CA LEU C 43 -30.70 -20.94 13.69
C LEU C 43 -29.33 -21.60 13.63
N THR C 44 -28.56 -21.33 12.59
CA THR C 44 -27.17 -21.79 12.55
C THR C 44 -26.28 -20.59 12.24
N LEU C 45 -26.82 -19.65 11.47
CA LEU C 45 -26.20 -18.35 11.30
C LEU C 45 -26.11 -17.56 12.60
N PHE C 46 -26.74 -18.03 13.68
CA PHE C 46 -26.66 -17.37 14.97
C PHE C 46 -25.90 -18.20 16.00
N ARG C 47 -25.14 -19.20 15.57
CA ARG C 47 -24.61 -20.18 16.52
C ARG C 47 -23.35 -19.68 17.21
N TYR C 48 -22.81 -18.55 16.77
CA TYR C 48 -21.60 -18.02 17.37
C TYR C 48 -21.92 -16.98 18.42
N SER C 49 -23.03 -17.17 19.13
CA SER C 49 -23.53 -16.22 20.10
C SER C 49 -23.31 -16.76 21.51
N ASP C 50 -22.69 -15.96 22.37
CA ASP C 50 -22.45 -16.30 23.76
C ASP C 50 -23.64 -15.88 24.60
N TRP C 51 -23.71 -16.40 25.83
CA TRP C 51 -24.81 -16.04 26.72
C TRP C 51 -25.13 -14.56 26.64
N GLN C 52 -24.13 -13.69 26.76
CA GLN C 52 -24.41 -12.26 26.73
C GLN C 52 -24.84 -11.81 25.35
N ASP C 53 -24.43 -12.51 24.29
CA ASP C 53 -25.00 -12.20 22.98
C ASP C 53 -26.50 -12.41 22.99
N LYS C 54 -26.93 -13.65 23.27
CA LYS C 54 -28.35 -13.93 23.38
C LYS C 54 -29.06 -12.94 24.29
N LEU C 55 -28.36 -12.39 25.27
CA LEU C 55 -29.00 -11.38 26.10
C LEU C 55 -29.16 -10.07 25.34
N PHE C 56 -28.16 -9.70 24.56
CA PHE C 56 -28.26 -8.46 23.78
C PHE C 56 -29.32 -8.59 22.70
N MET C 57 -29.35 -9.72 22.02
CA MET C 57 -30.37 -9.99 21.01
C MET C 57 -31.77 -10.00 21.61
N SER C 58 -31.96 -10.68 22.74
CA SER C 58 -33.29 -10.75 23.32
C SER C 58 -33.78 -9.37 23.77
N LEU C 59 -32.94 -8.62 24.50
CA LEU C 59 -33.43 -7.33 24.95
C LEU C 59 -33.52 -6.33 23.80
N GLY C 60 -32.68 -6.49 22.78
CA GLY C 60 -32.81 -5.66 21.60
C GLY C 60 -34.06 -5.98 20.82
N THR C 61 -34.54 -7.22 20.91
CA THR C 61 -35.77 -7.59 20.22
C THR C 61 -37.01 -7.11 20.98
N ILE C 62 -37.05 -7.26 22.30
CA ILE C 62 -38.25 -6.76 22.97
C ILE C 62 -38.28 -5.25 22.88
N MET C 63 -37.13 -4.58 22.80
CA MET C 63 -37.29 -3.14 22.58
C MET C 63 -37.31 -2.77 21.11
N ALA C 64 -37.04 -3.69 20.19
CA ALA C 64 -37.47 -3.50 18.80
C ALA C 64 -38.98 -3.45 18.73
N ILE C 65 -39.63 -4.53 19.17
CA ILE C 65 -41.09 -4.60 19.25
C ILE C 65 -41.68 -3.39 19.98
N ALA C 66 -41.00 -2.88 20.99
CA ALA C 66 -41.55 -1.73 21.70
C ALA C 66 -41.07 -0.39 21.15
N HIS C 67 -40.18 -0.41 20.16
CA HIS C 67 -40.01 0.72 19.26
C HIS C 67 -41.15 0.76 18.25
N GLY C 68 -41.51 -0.40 17.75
CA GLY C 68 -42.56 -0.59 16.76
C GLY C 68 -43.84 0.11 17.10
N SER C 69 -44.48 -0.28 18.18
CA SER C 69 -45.83 0.17 18.48
C SER C 69 -45.89 1.65 18.81
N GLY C 70 -44.81 2.39 18.54
CA GLY C 70 -44.80 3.79 18.90
C GLY C 70 -45.42 4.69 17.88
N LEU C 71 -45.57 4.23 16.64
CA LEU C 71 -46.25 5.02 15.61
C LEU C 71 -47.76 5.08 15.84
N PRO C 72 -48.49 3.95 15.90
CA PRO C 72 -49.91 4.00 16.29
C PRO C 72 -50.28 4.91 17.44
N LEU C 73 -49.62 4.83 18.60
CA LEU C 73 -50.06 5.68 19.70
C LEU C 73 -49.88 7.16 19.36
N MET C 74 -48.84 7.49 18.59
CA MET C 74 -48.71 8.85 18.10
C MET C 74 -49.94 9.21 17.28
N MET C 75 -50.41 8.28 16.45
CA MET C 75 -51.70 8.49 15.79
C MET C 75 -52.81 8.71 16.78
N ILE C 76 -53.06 7.77 17.70
CA ILE C 76 -54.18 7.89 18.64
C ILE C 76 -54.27 9.30 19.20
N VAL C 77 -53.13 9.84 19.64
CA VAL C 77 -53.20 11.23 20.08
C VAL C 77 -53.43 12.15 18.89
N PHE C 78 -52.99 11.78 17.70
CA PHE C 78 -53.21 12.64 16.54
C PHE C 78 -54.69 12.68 16.17
N GLY C 79 -55.35 11.53 16.24
CA GLY C 79 -56.80 11.46 16.18
C GLY C 79 -57.45 12.45 17.13
N GLU C 80 -57.19 12.29 18.44
CA GLU C 80 -57.90 13.17 19.37
C GLU C 80 -57.53 14.64 19.21
N MET C 81 -56.33 14.94 18.72
CA MET C 81 -56.02 16.35 18.53
C MET C 81 -56.65 16.87 17.25
N THR C 82 -56.81 16.02 16.24
CA THR C 82 -57.49 16.42 15.02
C THR C 82 -58.95 16.73 15.32
N ASP C 83 -59.59 15.88 16.13
CA ASP C 83 -60.98 16.14 16.51
C ASP C 83 -61.10 17.38 17.38
N LYS C 84 -60.19 17.55 18.33
CA LYS C 84 -60.21 18.77 19.13
C LYS C 84 -60.08 20.01 18.26
N PHE C 85 -59.13 20.01 17.31
CA PHE C 85 -58.91 21.20 16.50
C PHE C 85 -60.12 21.49 15.62
N VAL C 86 -60.60 20.49 14.87
CA VAL C 86 -61.69 20.76 13.94
C VAL C 86 -62.94 21.23 14.68
N ASP C 87 -63.30 20.56 15.78
CA ASP C 87 -64.46 20.99 16.56
C ASP C 87 -64.29 22.42 17.09
N THR C 88 -63.20 22.65 17.83
CA THR C 88 -63.04 23.92 18.53
C THR C 88 -62.95 25.09 17.57
N ALA C 89 -62.08 25.00 16.56
CA ALA C 89 -62.05 26.05 15.56
C ALA C 89 -63.35 26.15 14.77
N GLY C 90 -64.14 25.08 14.72
CA GLY C 90 -65.39 25.14 13.98
C GLY C 90 -66.46 25.90 14.69
N ASN C 91 -66.50 25.80 16.03
CA ASN C 91 -67.47 26.60 16.76
C ASN C 91 -67.08 28.07 16.81
N PHE C 92 -65.80 28.36 16.62
CA PHE C 92 -65.31 29.72 16.36
C PHE C 92 -63.83 29.69 15.99
N GLY C 106 -61.90 29.64 24.84
CA GLY C 106 -61.43 28.76 23.78
C GLY C 106 -59.97 28.35 23.90
N LYS C 107 -59.24 29.04 24.78
CA LYS C 107 -57.88 28.62 25.08
C LYS C 107 -57.87 27.27 25.80
N ILE C 108 -59.04 26.78 26.19
CA ILE C 108 -59.16 25.40 26.62
C ILE C 108 -58.59 24.48 25.55
N LEU C 109 -58.75 24.85 24.27
CA LEU C 109 -58.01 24.19 23.20
C LEU C 109 -56.52 24.18 23.48
N GLU C 110 -55.98 25.30 23.93
CA GLU C 110 -54.55 25.37 24.16
C GLU C 110 -54.14 24.45 25.30
N GLU C 111 -54.88 24.45 26.41
CA GLU C 111 -54.47 23.59 27.51
C GLU C 111 -54.65 22.11 27.18
N GLU C 112 -55.66 21.79 26.38
CA GLU C 112 -55.82 20.42 25.94
C GLU C 112 -54.69 20.01 25.02
N MET C 113 -54.31 20.88 24.09
CA MET C 113 -53.15 20.60 23.24
C MET C 113 -51.88 20.47 24.07
N THR C 114 -51.78 21.19 25.18
CA THR C 114 -50.67 20.99 26.11
C THR C 114 -50.60 19.56 26.58
N ARG C 115 -51.69 19.07 27.18
CA ARG C 115 -51.68 17.68 27.66
C ARG C 115 -51.34 16.70 26.53
N TYR C 116 -51.83 16.97 25.31
CA TYR C 116 -51.45 16.08 24.22
C TYR C 116 -49.98 16.24 23.88
N ALA C 117 -49.40 17.42 24.09
CA ALA C 117 -47.97 17.61 23.88
C ALA C 117 -47.18 16.78 24.86
N TYR C 118 -47.71 16.58 26.07
CA TYR C 118 -47.04 15.71 27.03
C TYR C 118 -47.13 14.26 26.57
N TYR C 119 -48.31 13.81 26.14
CA TYR C 119 -48.38 12.42 25.66
C TYR C 119 -47.41 12.20 24.50
N TYR C 120 -47.29 13.19 23.63
CA TYR C 120 -46.33 13.11 22.52
C TYR C 120 -44.90 13.01 23.01
N SER C 121 -44.45 14.02 23.76
CA SER C 121 -43.08 14.04 24.29
C SER C 121 -42.77 12.75 25.04
N GLY C 122 -43.65 12.34 25.93
CA GLY C 122 -43.45 11.08 26.62
C GLY C 122 -43.19 9.94 25.67
N LEU C 123 -44.02 9.82 24.63
CA LEU C 123 -43.79 8.70 23.73
C LEU C 123 -42.51 8.89 22.93
N GLY C 124 -42.12 10.14 22.71
CA GLY C 124 -40.89 10.39 21.99
C GLY C 124 -39.67 9.97 22.78
N ALA C 125 -39.66 10.26 24.08
CA ALA C 125 -38.59 9.78 24.95
C ALA C 125 -38.60 8.26 25.05
N GLY C 126 -39.78 7.67 25.15
CA GLY C 126 -39.86 6.22 25.07
C GLY C 126 -39.18 5.67 23.84
N VAL C 127 -39.36 6.34 22.70
CA VAL C 127 -38.75 5.83 21.48
C VAL C 127 -37.27 6.18 21.39
N LEU C 128 -36.85 7.31 21.99
CA LEU C 128 -35.44 7.57 22.23
C LEU C 128 -34.77 6.36 22.86
N VAL C 129 -35.28 5.97 24.02
CA VAL C 129 -34.67 4.88 24.77
C VAL C 129 -34.76 3.56 24.03
N ALA C 130 -35.90 3.27 23.39
CA ALA C 130 -36.05 1.95 22.80
C ALA C 130 -35.35 1.82 21.47
N ALA C 131 -35.19 2.92 20.72
CA ALA C 131 -34.38 2.89 19.51
C ALA C 131 -32.91 2.72 19.84
N TYR C 132 -32.43 3.51 20.81
CA TYR C 132 -31.06 3.34 21.28
C TYR C 132 -30.80 1.90 21.65
N ILE C 133 -31.65 1.31 22.47
CA ILE C 133 -31.37 -0.06 22.91
C ILE C 133 -31.44 -1.02 21.74
N GLN C 134 -32.35 -0.79 20.80
CA GLN C 134 -32.47 -1.70 19.66
C GLN C 134 -31.19 -1.74 18.83
N VAL C 135 -30.76 -0.56 18.38
CA VAL C 135 -29.64 -0.51 17.46
C VAL C 135 -28.35 -0.90 18.15
N SER C 136 -28.13 -0.33 19.34
CA SER C 136 -26.92 -0.65 20.09
C SER C 136 -26.80 -2.14 20.33
N PHE C 137 -27.78 -2.74 21.01
CA PHE C 137 -27.56 -4.13 21.35
C PHE C 137 -27.47 -5.01 20.12
N TRP C 138 -28.14 -4.64 19.03
CA TRP C 138 -28.07 -5.53 17.88
C TRP C 138 -26.71 -5.43 17.20
N THR C 139 -26.16 -4.22 17.09
CA THR C 139 -24.83 -4.06 16.52
C THR C 139 -23.76 -4.69 17.41
N LEU C 140 -23.90 -4.59 18.73
CA LEU C 140 -22.94 -5.22 19.63
C LEU C 140 -22.98 -6.74 19.53
N ALA C 141 -24.18 -7.32 19.48
CA ALA C 141 -24.25 -8.75 19.31
C ALA C 141 -23.63 -9.16 17.99
N ALA C 142 -23.82 -8.35 16.94
CA ALA C 142 -23.14 -8.67 15.70
C ALA C 142 -21.65 -8.49 15.81
N GLY C 143 -21.19 -7.53 16.63
CA GLY C 143 -19.75 -7.31 16.78
C GLY C 143 -19.06 -8.51 17.40
N ARG C 144 -19.57 -8.97 18.53
CA ARG C 144 -19.04 -10.20 19.13
C ARG C 144 -19.13 -11.37 18.16
N GLN C 145 -20.30 -11.59 17.57
CA GLN C 145 -20.44 -12.75 16.72
C GLN C 145 -19.51 -12.69 15.53
N ILE C 146 -19.27 -11.49 15.00
CA ILE C 146 -18.53 -11.37 13.76
C ILE C 146 -17.03 -11.39 13.98
N ARG C 147 -16.55 -10.90 15.14
CA ARG C 147 -15.14 -11.13 15.42
C ARG C 147 -14.87 -12.56 15.81
N LYS C 148 -15.79 -13.24 16.48
CA LYS C 148 -15.60 -14.66 16.69
C LYS C 148 -15.61 -15.41 15.36
N ILE C 149 -16.49 -15.04 14.43
CA ILE C 149 -16.53 -15.67 13.12
C ILE C 149 -15.24 -15.40 12.36
N ARG C 150 -14.69 -14.20 12.52
CA ARG C 150 -13.50 -13.79 11.78
C ARG C 150 -12.25 -14.49 12.28
N GLN C 151 -12.01 -14.43 13.60
CA GLN C 151 -10.93 -15.18 14.19
C GLN C 151 -11.03 -16.67 13.86
N LYS C 152 -12.21 -17.26 14.03
CA LYS C 152 -12.25 -18.70 13.80
C LYS C 152 -12.15 -19.03 12.33
N PHE C 153 -12.59 -18.11 11.46
CA PHE C 153 -12.39 -18.26 10.03
C PHE C 153 -10.90 -18.30 9.69
N PHE C 154 -10.15 -17.27 10.07
CA PHE C 154 -8.71 -17.28 9.83
C PHE C 154 -8.08 -18.54 10.39
N HIS C 155 -8.36 -18.85 11.66
CA HIS C 155 -7.85 -20.07 12.26
C HIS C 155 -8.05 -21.28 11.36
N ALA C 156 -9.24 -21.40 10.78
CA ALA C 156 -9.48 -22.56 9.94
C ALA C 156 -9.13 -22.32 8.48
N ILE C 157 -8.70 -21.12 8.12
CA ILE C 157 -8.20 -20.85 6.78
C ILE C 157 -6.75 -21.21 6.72
N LEU C 158 -6.08 -21.20 7.87
CA LEU C 158 -4.71 -21.67 8.00
C LEU C 158 -4.69 -23.17 8.26
N ARG C 159 -5.56 -23.65 9.15
CA ARG C 159 -5.66 -25.07 9.40
C ARG C 159 -6.01 -25.84 8.14
N GLN C 160 -6.72 -25.20 7.21
CA GLN C 160 -7.12 -25.90 6.00
C GLN C 160 -5.91 -26.15 5.11
N GLU C 161 -6.05 -27.13 4.24
CA GLU C 161 -4.89 -27.72 3.60
C GLU C 161 -4.25 -26.71 2.64
N ILE C 162 -3.20 -27.17 1.96
CA ILE C 162 -2.57 -26.40 0.91
C ILE C 162 -3.22 -26.61 -0.44
N GLY C 163 -3.51 -27.87 -0.79
CA GLY C 163 -4.28 -28.14 -1.99
C GLY C 163 -5.54 -27.32 -2.07
N TRP C 164 -6.15 -27.04 -0.93
CA TRP C 164 -7.22 -26.08 -0.87
C TRP C 164 -6.79 -24.70 -1.36
N PHE C 165 -5.48 -24.46 -1.54
CA PHE C 165 -5.03 -23.25 -2.20
C PHE C 165 -4.57 -23.52 -3.64
N ASP C 166 -4.53 -24.79 -4.06
CA ASP C 166 -4.61 -25.06 -5.50
C ASP C 166 -6.00 -24.71 -6.01
N ILE C 167 -7.02 -24.97 -5.19
CA ILE C 167 -8.39 -24.66 -5.58
C ILE C 167 -8.60 -23.16 -5.64
N ASN C 168 -8.43 -22.46 -4.52
CA ASN C 168 -8.78 -21.05 -4.44
C ASN C 168 -7.59 -20.14 -4.73
N ASP C 169 -7.88 -19.02 -5.39
CA ASP C 169 -6.93 -17.94 -5.56
C ASP C 169 -7.15 -16.85 -4.51
N THR C 170 -6.07 -16.13 -4.21
CA THR C 170 -6.01 -15.34 -2.99
C THR C 170 -6.65 -13.97 -3.12
N THR C 171 -6.96 -13.53 -4.33
CA THR C 171 -7.78 -12.32 -4.46
C THR C 171 -9.21 -12.62 -4.06
N GLU C 172 -9.75 -13.74 -4.52
CA GLU C 172 -11.04 -14.23 -4.05
C GLU C 172 -11.05 -14.32 -2.53
N LEU C 173 -10.07 -15.02 -1.97
CA LEU C 173 -10.02 -15.25 -0.52
C LEU C 173 -9.91 -13.95 0.26
N ASN C 174 -9.18 -12.94 -0.24
CA ASN C 174 -9.13 -11.72 0.56
C ASN C 174 -10.41 -10.90 0.41
N THR C 175 -11.01 -10.91 -0.78
CA THR C 175 -12.37 -10.40 -0.85
C THR C 175 -13.24 -11.09 0.17
N ARG C 176 -13.38 -12.41 0.05
CA ARG C 176 -14.16 -13.20 0.99
C ARG C 176 -13.96 -12.73 2.42
N LEU C 177 -12.73 -12.76 2.89
CA LEU C 177 -12.42 -12.43 4.27
C LEU C 177 -12.70 -10.96 4.63
N THR C 178 -12.92 -10.07 3.66
CA THR C 178 -13.26 -8.69 4.02
C THR C 178 -14.62 -8.22 3.51
N ASP C 179 -15.23 -8.97 2.59
CA ASP C 179 -16.52 -8.69 1.98
C ASP C 179 -17.62 -9.58 2.53
N ASP C 180 -17.43 -10.89 2.53
CA ASP C 180 -18.47 -11.77 3.03
C ASP C 180 -18.66 -11.60 4.53
N ILE C 181 -17.59 -11.31 5.26
CA ILE C 181 -17.72 -11.11 6.69
C ILE C 181 -18.54 -9.86 6.96
N SER C 182 -18.44 -8.85 6.10
CA SER C 182 -19.29 -7.68 6.30
C SER C 182 -20.68 -7.88 5.72
N LYS C 183 -20.85 -8.81 4.78
CA LYS C 183 -22.19 -9.26 4.41
C LYS C 183 -22.89 -9.86 5.63
N ILE C 184 -22.23 -10.79 6.32
CA ILE C 184 -22.82 -11.42 7.50
C ILE C 184 -23.05 -10.38 8.58
N SER C 185 -22.14 -9.42 8.70
CA SER C 185 -22.34 -8.35 9.68
C SER C 185 -23.56 -7.53 9.35
N GLU C 186 -23.80 -7.26 8.07
CA GLU C 186 -25.04 -6.60 7.69
C GLU C 186 -26.24 -7.44 8.09
N GLY C 187 -26.25 -8.70 7.70
CA GLY C 187 -27.35 -9.58 8.00
C GLY C 187 -27.73 -9.63 9.46
N ILE C 188 -26.83 -10.17 10.31
CA ILE C 188 -27.15 -10.32 11.72
C ILE C 188 -27.05 -9.03 12.50
N GLY C 189 -26.53 -7.97 11.91
CA GLY C 189 -26.22 -6.79 12.69
C GLY C 189 -27.39 -5.99 13.18
N ASP C 190 -28.05 -5.28 12.28
CA ASP C 190 -29.16 -4.42 12.66
C ASP C 190 -30.39 -4.59 11.78
N LYS C 191 -30.25 -5.14 10.58
CA LYS C 191 -31.36 -5.47 9.72
C LYS C 191 -32.47 -6.09 10.55
N VAL C 192 -32.11 -7.03 11.42
CA VAL C 192 -33.12 -7.81 12.10
C VAL C 192 -33.90 -6.97 13.10
N GLY C 193 -33.24 -6.00 13.74
CA GLY C 193 -33.95 -5.20 14.72
C GLY C 193 -35.00 -4.31 14.07
N MET C 194 -34.68 -3.78 12.89
CA MET C 194 -35.64 -2.92 12.21
C MET C 194 -36.69 -3.74 11.49
N PHE C 195 -36.36 -4.94 11.02
CA PHE C 195 -37.39 -5.85 10.55
C PHE C 195 -38.42 -6.11 11.63
N PHE C 196 -37.94 -6.41 12.83
CA PHE C 196 -38.88 -6.71 13.91
C PHE C 196 -39.71 -5.48 14.28
N GLN C 197 -39.09 -4.29 14.28
CA GLN C 197 -39.86 -3.09 14.55
C GLN C 197 -40.90 -2.81 13.46
N ALA C 198 -40.61 -3.21 12.22
CA ALA C 198 -41.59 -3.11 11.14
C ALA C 198 -42.80 -3.96 11.44
N VAL C 199 -42.59 -5.27 11.61
CA VAL C 199 -43.71 -6.17 11.84
C VAL C 199 -44.46 -5.78 13.11
N ALA C 200 -43.74 -5.26 14.10
CA ALA C 200 -44.40 -4.72 15.29
C ALA C 200 -45.40 -3.64 14.94
N THR C 201 -44.95 -2.57 14.26
CA THR C 201 -45.89 -1.48 14.02
C THR C 201 -47.00 -1.87 13.05
N PHE C 202 -46.75 -2.85 12.20
CA PHE C 202 -47.85 -3.44 11.42
C PHE C 202 -48.95 -3.92 12.35
N PHE C 203 -48.60 -4.86 13.23
CA PHE C 203 -49.62 -5.40 14.14
C PHE C 203 -50.21 -4.31 15.02
N ALA C 204 -49.42 -3.31 15.39
CA ALA C 204 -49.95 -2.27 16.25
C ALA C 204 -50.98 -1.41 15.54
N GLY C 205 -50.80 -1.18 14.24
CA GLY C 205 -51.83 -0.44 13.50
C GLY C 205 -53.09 -1.25 13.32
N PHE C 206 -52.93 -2.52 12.92
CA PHE C 206 -54.03 -3.46 12.91
C PHE C 206 -54.87 -3.37 14.20
N ILE C 207 -54.23 -3.66 15.33
CA ILE C 207 -54.90 -3.76 16.62
C ILE C 207 -55.45 -2.42 17.06
N VAL C 208 -54.82 -1.32 16.64
CA VAL C 208 -55.27 -0.02 17.13
C VAL C 208 -56.26 0.63 16.17
N GLY C 209 -56.51 0.02 15.03
CA GLY C 209 -57.63 0.41 14.22
C GLY C 209 -58.85 -0.29 14.75
N PHE C 210 -58.78 -1.62 14.84
CA PHE C 210 -59.88 -2.38 15.42
C PHE C 210 -60.44 -1.75 16.70
N ILE C 211 -59.57 -1.32 17.61
CA ILE C 211 -60.04 -0.84 18.91
C ILE C 211 -60.68 0.54 18.82
N ARG C 212 -60.70 1.17 17.65
CA ARG C 212 -61.33 2.49 17.55
C ARG C 212 -62.23 2.64 16.33
N GLY C 213 -62.46 1.59 15.57
CA GLY C 213 -63.45 1.52 14.51
C GLY C 213 -63.20 0.22 13.79
N TRP C 214 -64.22 -0.59 13.53
CA TRP C 214 -63.93 -1.89 12.93
C TRP C 214 -64.37 -2.01 11.48
N LYS C 215 -65.43 -1.30 11.07
CA LYS C 215 -65.81 -1.29 9.66
C LYS C 215 -64.65 -0.80 8.81
N LEU C 216 -64.20 0.43 9.11
CA LEU C 216 -63.13 1.07 8.36
C LEU C 216 -61.86 0.24 8.40
N THR C 217 -61.47 -0.24 9.58
CA THR C 217 -60.35 -1.15 9.66
C THR C 217 -60.52 -2.34 8.75
N LEU C 218 -61.73 -2.88 8.59
CA LEU C 218 -61.87 -4.02 7.69
C LEU C 218 -61.73 -3.62 6.23
N VAL C 219 -62.43 -2.57 5.81
CA VAL C 219 -62.33 -2.15 4.41
C VAL C 219 -60.89 -1.80 4.06
N ILE C 220 -60.11 -1.33 5.04
CA ILE C 220 -58.74 -0.88 4.81
C ILE C 220 -57.75 -2.03 4.90
N MET C 221 -57.83 -2.84 5.95
CA MET C 221 -57.12 -4.12 5.98
C MET C 221 -57.42 -4.97 4.76
N ALA C 222 -58.47 -4.64 4.01
CA ALA C 222 -58.75 -5.33 2.76
C ALA C 222 -57.76 -4.95 1.68
N ILE C 223 -57.61 -3.65 1.42
CA ILE C 223 -56.63 -3.18 0.43
C ILE C 223 -55.20 -3.37 0.93
N SER C 224 -54.98 -3.47 2.23
CA SER C 224 -53.64 -3.48 2.82
C SER C 224 -52.59 -4.25 2.02
N PRO C 225 -52.83 -5.44 1.44
CA PRO C 225 -51.80 -6.04 0.60
C PRO C 225 -51.39 -5.16 -0.56
N ILE C 226 -52.26 -4.25 -0.99
CA ILE C 226 -51.93 -3.41 -2.13
C ILE C 226 -50.89 -2.37 -1.76
N LEU C 227 -51.12 -1.64 -0.67
CA LEU C 227 -50.12 -0.68 -0.22
C LEU C 227 -48.85 -1.39 0.21
N GLY C 228 -48.97 -2.61 0.71
CA GLY C 228 -47.79 -3.36 1.08
C GLY C 228 -46.93 -3.71 -0.11
N LEU C 229 -47.44 -4.53 -1.02
CA LEU C 229 -46.67 -4.87 -2.22
C LEU C 229 -46.22 -3.63 -2.98
N SER C 230 -46.98 -2.54 -2.90
CA SER C 230 -46.61 -1.35 -3.65
C SER C 230 -45.39 -0.66 -3.03
N ALA C 231 -45.44 -0.37 -1.72
CA ALA C 231 -44.26 0.19 -1.09
C ALA C 231 -43.09 -0.78 -1.14
N ALA C 232 -43.35 -2.08 -1.25
CA ALA C 232 -42.27 -3.04 -1.36
C ALA C 232 -41.55 -2.91 -2.69
N VAL C 233 -42.30 -2.60 -3.76
CA VAL C 233 -41.62 -2.40 -5.04
C VAL C 233 -40.99 -1.02 -5.13
N TRP C 234 -41.66 0.02 -4.64
CA TRP C 234 -41.01 1.33 -4.63
C TRP C 234 -39.75 1.33 -3.80
N ALA C 235 -39.63 0.46 -2.81
CA ALA C 235 -38.42 0.44 -2.00
C ALA C 235 -37.42 -0.62 -2.45
N LYS C 236 -37.85 -1.60 -3.24
CA LYS C 236 -36.88 -2.48 -3.88
C LYS C 236 -36.22 -1.82 -5.08
N ILE C 237 -36.90 -0.88 -5.71
CA ILE C 237 -36.33 -0.22 -6.90
C ILE C 237 -35.17 0.67 -6.51
N LEU C 238 -35.38 1.55 -5.53
CA LEU C 238 -34.37 2.54 -5.20
C LEU C 238 -33.16 1.91 -4.51
N SER C 239 -33.22 0.61 -4.21
CA SER C 239 -32.00 -0.11 -3.85
C SER C 239 -31.45 -0.84 -5.06
N ALA C 240 -32.25 -1.76 -5.63
CA ALA C 240 -31.81 -2.64 -6.69
C ALA C 240 -31.24 -1.90 -7.88
N PHE C 241 -31.47 -0.58 -7.99
CA PHE C 241 -30.73 0.20 -8.97
C PHE C 241 -29.23 0.07 -8.75
N SER C 242 -28.76 0.45 -7.55
CA SER C 242 -27.33 0.62 -7.31
C SER C 242 -26.50 -0.52 -7.87
N ASP C 243 -26.94 -1.75 -7.63
CA ASP C 243 -26.24 -2.93 -8.13
C ASP C 243 -26.73 -3.21 -9.55
N LYS C 244 -27.96 -3.69 -9.65
CA LYS C 244 -28.58 -4.01 -10.93
C LYS C 244 -27.68 -4.87 -11.83
N GLU C 245 -27.10 -5.90 -11.27
CA GLU C 245 -26.22 -6.80 -12.02
C GLU C 245 -26.30 -8.23 -11.52
N LEU C 246 -26.49 -9.16 -12.45
CA LEU C 246 -26.57 -10.58 -12.12
C LEU C 246 -25.37 -11.33 -12.68
N ALA C 247 -25.45 -11.69 -13.96
CA ALA C 247 -24.37 -12.41 -14.63
C ALA C 247 -24.51 -12.30 -16.14
N ALA C 248 -25.05 -11.17 -16.62
CA ALA C 248 -25.24 -10.96 -18.04
C ALA C 248 -24.05 -10.26 -18.69
N TYR C 249 -23.45 -9.32 -17.98
CA TYR C 249 -22.30 -8.60 -18.51
C TYR C 249 -21.20 -9.61 -18.77
N ALA C 250 -21.19 -10.66 -17.95
CA ALA C 250 -20.10 -11.63 -17.99
C ALA C 250 -19.92 -12.21 -19.38
N LYS C 251 -20.96 -12.21 -20.20
CA LYS C 251 -20.84 -12.73 -21.56
C LYS C 251 -19.77 -11.98 -22.33
N ALA C 252 -19.59 -10.68 -22.03
CA ALA C 252 -18.56 -9.83 -22.63
C ALA C 252 -17.35 -9.68 -21.73
N GLY C 253 -17.57 -9.65 -20.42
CA GLY C 253 -16.44 -9.59 -19.50
C GLY C 253 -15.50 -10.76 -19.63
N ALA C 254 -16.02 -11.93 -20.00
CA ALA C 254 -15.17 -13.08 -20.27
C ALA C 254 -14.01 -12.71 -21.18
N VAL C 255 -14.29 -11.94 -22.23
CA VAL C 255 -13.28 -11.55 -23.21
C VAL C 255 -12.57 -10.27 -22.84
N ALA C 256 -13.25 -9.34 -22.19
CA ALA C 256 -12.56 -8.18 -21.62
C ALA C 256 -11.60 -8.59 -20.51
N GLU C 257 -11.59 -9.85 -20.12
CA GLU C 257 -10.67 -10.36 -19.09
C GLU C 257 -9.64 -11.32 -19.65
N GLU C 258 -10.06 -12.41 -20.30
CA GLU C 258 -9.10 -13.41 -20.76
C GLU C 258 -8.23 -12.84 -21.88
N ALA C 259 -8.82 -12.08 -22.79
CA ALA C 259 -8.08 -11.47 -23.87
C ALA C 259 -7.58 -10.07 -23.53
N LEU C 260 -7.59 -9.69 -22.25
CA LEU C 260 -6.78 -8.57 -21.78
C LEU C 260 -5.82 -9.04 -20.69
N GLY C 261 -5.69 -10.35 -20.51
CA GLY C 261 -4.67 -10.91 -19.65
C GLY C 261 -3.66 -11.62 -20.50
N ALA C 262 -4.08 -12.03 -21.69
CA ALA C 262 -3.17 -12.49 -22.74
C ALA C 262 -2.83 -11.35 -23.69
N ILE C 263 -2.30 -10.25 -23.14
CA ILE C 263 -2.12 -9.01 -23.90
C ILE C 263 -0.80 -8.98 -24.64
N ARG C 264 -0.08 -10.09 -24.69
CA ARG C 264 1.10 -10.14 -25.54
C ARG C 264 0.69 -10.59 -26.95
N THR C 265 0.05 -11.75 -27.04
CA THR C 265 -0.46 -12.24 -28.31
C THR C 265 -1.46 -11.28 -28.94
N VAL C 266 -1.98 -10.32 -28.16
CA VAL C 266 -2.96 -9.36 -28.65
C VAL C 266 -2.28 -8.08 -29.11
N ILE C 267 -1.04 -7.86 -28.72
CA ILE C 267 -0.26 -6.78 -29.28
C ILE C 267 0.63 -7.28 -30.40
N ALA C 268 1.09 -8.53 -30.29
CA ALA C 268 2.05 -9.05 -31.24
C ALA C 268 1.50 -9.17 -32.65
N PHE C 269 0.18 -9.15 -32.82
CA PHE C 269 -0.42 -9.45 -34.12
C PHE C 269 -1.38 -8.38 -34.58
N GLY C 270 -1.24 -7.15 -34.11
CA GLY C 270 -2.14 -6.11 -34.54
C GLY C 270 -3.58 -6.33 -34.14
N GLY C 271 -3.92 -7.49 -33.59
CA GLY C 271 -5.29 -7.83 -33.33
C GLY C 271 -5.84 -7.06 -32.16
N GLN C 272 -6.01 -5.76 -32.35
CA GLN C 272 -6.67 -4.93 -31.35
C GLN C 272 -8.00 -4.40 -31.85
N ASN C 273 -8.52 -5.02 -32.90
CA ASN C 273 -9.89 -4.85 -33.35
C ASN C 273 -10.69 -6.14 -33.35
N LYS C 274 -10.08 -7.25 -33.67
CA LYS C 274 -10.79 -8.49 -33.46
C LYS C 274 -10.99 -8.80 -31.95
N GLU C 275 -10.66 -7.87 -31.04
CA GLU C 275 -10.93 -8.00 -29.61
C GLU C 275 -11.73 -6.85 -29.05
N LEU C 276 -11.90 -5.78 -29.83
CA LEU C 276 -12.79 -4.69 -29.46
C LEU C 276 -14.12 -4.81 -30.18
N GLU C 277 -14.11 -5.30 -31.42
CA GLU C 277 -15.34 -5.60 -32.12
C GLU C 277 -16.18 -6.61 -31.36
N ARG C 278 -15.62 -7.80 -31.11
CA ARG C 278 -16.33 -8.83 -30.36
C ARG C 278 -16.84 -8.29 -29.02
N TYR C 279 -16.01 -7.48 -28.34
CA TYR C 279 -16.48 -6.79 -27.14
C TYR C 279 -17.78 -6.07 -27.40
N GLN C 280 -17.86 -5.35 -28.53
CA GLN C 280 -19.14 -4.75 -28.87
C GLN C 280 -20.20 -5.81 -29.09
N LYS C 281 -19.95 -6.74 -30.00
CA LYS C 281 -20.98 -7.70 -30.37
C LYS C 281 -21.38 -8.60 -29.22
N HIS C 282 -20.86 -8.36 -28.01
CA HIS C 282 -21.48 -8.87 -26.80
C HIS C 282 -22.12 -7.79 -25.92
N LEU C 283 -21.56 -6.58 -25.88
CA LEU C 283 -22.28 -5.50 -25.19
C LEU C 283 -23.65 -5.26 -25.81
N GLU C 284 -23.72 -5.32 -27.14
CA GLU C 284 -24.99 -5.19 -27.82
C GLU C 284 -25.98 -6.25 -27.38
N ASN C 285 -25.59 -7.52 -27.47
CA ASN C 285 -26.51 -8.57 -27.07
C ASN C 285 -26.77 -8.61 -25.58
N ALA C 286 -26.09 -7.79 -24.78
CA ALA C 286 -26.54 -7.60 -23.40
C ALA C 286 -27.59 -6.49 -23.31
N LYS C 287 -27.32 -5.37 -23.97
CA LYS C 287 -28.32 -4.33 -24.18
C LYS C 287 -29.67 -4.91 -24.59
N GLU C 288 -29.63 -5.95 -25.43
CA GLU C 288 -30.84 -6.49 -26.04
C GLU C 288 -31.86 -6.98 -25.01
N ILE C 289 -31.43 -7.27 -23.79
CA ILE C 289 -32.33 -7.72 -22.73
C ILE C 289 -32.41 -6.66 -21.65
N GLY C 290 -31.29 -5.97 -21.40
CA GLY C 290 -31.33 -4.81 -20.51
C GLY C 290 -32.43 -3.83 -20.86
N ILE C 291 -32.83 -3.79 -22.14
CA ILE C 291 -33.88 -2.84 -22.55
C ILE C 291 -35.23 -3.27 -22.00
N LYS C 292 -35.66 -4.48 -22.36
CA LYS C 292 -36.92 -4.99 -21.83
C LYS C 292 -36.93 -4.96 -20.31
N LYS C 293 -35.78 -5.10 -19.66
CA LYS C 293 -35.86 -5.17 -18.20
C LYS C 293 -35.94 -3.79 -17.57
N ALA C 294 -35.38 -2.75 -18.20
CA ALA C 294 -35.69 -1.41 -17.71
C ALA C 294 -37.16 -1.07 -17.94
N ILE C 295 -37.72 -1.56 -19.04
CA ILE C 295 -39.15 -1.40 -19.29
C ILE C 295 -39.96 -2.05 -18.18
N SER C 296 -39.58 -3.27 -17.81
CA SER C 296 -40.29 -4.00 -16.76
C SER C 296 -40.25 -3.23 -15.45
N ALA C 297 -39.05 -2.87 -15.00
CA ALA C 297 -38.93 -2.19 -13.72
C ALA C 297 -39.74 -0.90 -13.68
N ASN C 298 -39.78 -0.16 -14.79
CA ASN C 298 -40.44 1.13 -14.67
C ASN C 298 -41.95 1.06 -14.88
N ILE C 299 -42.42 0.12 -15.70
CA ILE C 299 -43.86 -0.17 -15.69
C ILE C 299 -44.29 -0.60 -14.30
N SER C 300 -43.47 -1.40 -13.60
CA SER C 300 -43.83 -1.82 -12.25
C SER C 300 -43.87 -0.66 -11.27
N MET C 301 -42.96 0.32 -11.38
CA MET C 301 -43.11 1.45 -10.47
C MET C 301 -44.26 2.37 -10.85
N GLY C 302 -44.59 2.45 -12.14
CA GLY C 302 -45.78 3.20 -12.52
C GLY C 302 -47.04 2.57 -11.96
N ILE C 303 -47.21 1.27 -12.19
CA ILE C 303 -48.30 0.55 -11.56
C ILE C 303 -48.30 0.81 -10.06
N ALA C 304 -47.20 0.53 -9.37
CA ALA C 304 -47.16 0.68 -7.91
C ALA C 304 -47.72 2.03 -7.47
N PHE C 305 -47.43 3.12 -8.17
CA PHE C 305 -48.10 4.34 -7.71
C PHE C 305 -49.55 4.42 -8.16
N LEU C 306 -49.90 3.80 -9.28
CA LEU C 306 -51.31 3.76 -9.67
C LEU C 306 -52.13 3.06 -8.59
N LEU C 307 -51.59 2.00 -8.03
CA LEU C 307 -52.30 1.28 -6.98
C LEU C 307 -52.27 2.04 -5.67
N ILE C 308 -51.19 2.75 -5.34
CA ILE C 308 -51.21 3.56 -4.12
C ILE C 308 -52.29 4.63 -4.20
N TYR C 309 -52.48 5.21 -5.38
CA TYR C 309 -53.42 6.31 -5.46
C TYR C 309 -54.86 5.84 -5.64
N ALA C 310 -55.06 4.73 -6.34
CA ALA C 310 -56.35 4.08 -6.30
C ALA C 310 -56.74 3.74 -4.87
N SER C 311 -55.77 3.24 -4.07
CA SER C 311 -56.03 2.93 -2.67
C SER C 311 -56.43 4.16 -1.88
N TYR C 312 -55.73 5.28 -2.05
CA TYR C 312 -56.16 6.46 -1.29
C TYR C 312 -57.52 6.95 -1.78
N ALA C 313 -57.90 6.65 -3.02
CA ALA C 313 -59.22 7.08 -3.50
C ALA C 313 -60.33 6.23 -2.91
N LEU C 314 -60.18 4.91 -2.97
CA LEU C 314 -61.15 4.03 -2.31
C LEU C 314 -61.31 4.38 -0.84
N ALA C 315 -60.18 4.50 -0.14
CA ALA C 315 -60.24 4.78 1.29
C ALA C 315 -60.86 6.14 1.55
N PHE C 316 -60.62 7.13 0.68
CA PHE C 316 -61.18 8.42 0.99
C PHE C 316 -62.67 8.47 0.74
N TRP C 317 -63.14 7.82 -0.32
CA TRP C 317 -64.59 7.78 -0.52
C TRP C 317 -65.27 7.08 0.64
N TYR C 318 -64.94 5.80 0.85
CA TYR C 318 -65.55 5.05 1.95
C TYR C 318 -65.52 5.83 3.24
N GLY C 319 -64.32 6.22 3.69
CA GLY C 319 -64.21 6.90 4.96
C GLY C 319 -64.61 8.35 4.91
N SER C 320 -65.20 8.78 3.82
CA SER C 320 -65.90 10.05 3.82
C SER C 320 -67.41 9.88 3.82
N THR C 321 -67.90 8.66 3.57
CA THR C 321 -69.31 8.38 3.82
C THR C 321 -69.58 8.10 5.29
N LEU C 322 -68.71 7.35 5.96
CA LEU C 322 -68.88 7.09 7.38
C LEU C 322 -68.75 8.32 8.24
N VAL C 323 -68.26 9.44 7.73
CA VAL C 323 -68.05 10.63 8.52
C VAL C 323 -69.08 11.72 8.23
N ILE C 324 -70.03 11.46 7.34
CA ILE C 324 -71.12 12.40 7.10
C ILE C 324 -72.44 11.88 7.68
N SER C 325 -72.61 10.56 7.78
CA SER C 325 -73.62 9.97 8.64
C SER C 325 -73.18 9.97 10.10
N LYS C 326 -72.12 10.72 10.41
CA LYS C 326 -71.65 11.04 11.76
C LYS C 326 -71.17 9.84 12.55
N GLU C 327 -71.09 8.65 11.93
CA GLU C 327 -70.70 7.46 12.68
C GLU C 327 -69.36 7.67 13.38
N TYR C 328 -68.33 7.99 12.59
CA TYR C 328 -67.01 8.23 13.14
C TYR C 328 -66.83 9.74 13.24
N THR C 329 -65.61 10.20 12.97
CA THR C 329 -65.28 11.62 13.00
C THR C 329 -64.05 11.84 12.14
N ILE C 330 -63.69 13.10 11.93
CA ILE C 330 -62.52 13.42 11.13
C ILE C 330 -61.30 12.75 11.76
N GLY C 331 -61.08 13.02 13.04
CA GLY C 331 -59.98 12.45 13.77
C GLY C 331 -60.02 10.94 13.82
N ASN C 332 -61.14 10.38 14.28
CA ASN C 332 -61.30 8.94 14.38
C ASN C 332 -61.02 8.18 13.09
N ALA C 333 -61.51 8.72 11.97
CA ALA C 333 -61.28 8.09 10.67
C ALA C 333 -59.81 8.14 10.30
N MET C 334 -59.17 9.26 10.61
CA MET C 334 -57.75 9.44 10.33
C MET C 334 -56.93 8.35 11.02
N THR C 335 -57.16 8.24 12.32
CA THR C 335 -56.50 7.28 13.18
C THR C 335 -56.48 5.88 12.57
N VAL C 336 -57.63 5.41 12.10
CA VAL C 336 -57.70 4.07 11.53
C VAL C 336 -56.83 3.98 10.26
N PHE C 337 -57.09 4.87 9.29
CA PHE C 337 -56.40 4.74 8.02
C PHE C 337 -54.91 4.93 8.18
N PHE C 338 -54.51 5.92 8.99
CA PHE C 338 -53.11 6.28 9.05
C PHE C 338 -52.32 5.25 9.82
N SER C 339 -52.82 4.82 10.98
CA SER C 339 -52.19 3.70 11.66
C SER C 339 -51.96 2.53 10.73
N ILE C 340 -52.98 2.17 9.93
CA ILE C 340 -52.88 0.95 9.12
C ILE C 340 -52.02 1.16 7.89
N LEU C 341 -52.13 2.32 7.26
CA LEU C 341 -51.32 2.63 6.09
C LEU C 341 -49.84 2.69 6.43
N ILE C 342 -49.46 3.34 7.53
CA ILE C 342 -48.03 3.33 7.82
C ILE C 342 -47.59 1.98 8.33
N GLY C 343 -48.47 1.22 9.00
CA GLY C 343 -48.18 -0.17 9.22
C GLY C 343 -47.73 -0.89 7.97
N ALA C 344 -48.59 -0.92 6.95
CA ALA C 344 -48.23 -1.72 5.78
C ALA C 344 -47.21 -1.05 4.87
N PHE C 345 -47.02 0.27 4.99
CA PHE C 345 -45.90 0.91 4.31
C PHE C 345 -44.57 0.51 4.95
N SER C 346 -44.51 0.51 6.28
CA SER C 346 -43.26 0.13 6.95
C SER C 346 -43.02 -1.36 6.85
N VAL C 347 -44.06 -2.15 6.55
CA VAL C 347 -43.77 -3.54 6.19
C VAL C 347 -43.36 -3.66 4.73
N GLY C 348 -43.82 -2.75 3.89
CA GLY C 348 -43.33 -2.73 2.54
C GLY C 348 -41.86 -2.38 2.48
N GLN C 349 -41.48 -1.26 3.08
CA GLN C 349 -40.15 -0.70 2.91
C GLN C 349 -39.06 -1.54 3.55
N ALA C 350 -39.40 -2.69 4.10
CA ALA C 350 -38.41 -3.60 4.62
C ALA C 350 -38.24 -4.84 3.75
N ALA C 351 -38.39 -4.66 2.43
CA ALA C 351 -38.01 -5.65 1.43
C ALA C 351 -36.50 -5.63 1.19
N PRO C 352 -35.84 -4.47 1.20
CA PRO C 352 -34.38 -4.50 1.19
C PRO C 352 -33.77 -5.16 2.40
N CYS C 353 -34.41 -5.08 3.57
CA CYS C 353 -33.86 -5.74 4.74
C CYS C 353 -34.08 -7.24 4.69
N ILE C 354 -35.22 -7.68 4.16
CA ILE C 354 -35.45 -9.10 3.98
C ILE C 354 -34.59 -9.66 2.86
N ASP C 355 -34.10 -8.78 1.98
CA ASP C 355 -33.07 -9.18 1.03
C ASP C 355 -31.70 -9.28 1.69
N ALA C 356 -31.37 -8.31 2.54
CA ALA C 356 -30.10 -8.33 3.26
C ALA C 356 -29.95 -9.59 4.08
N PHE C 357 -30.97 -9.94 4.86
CA PHE C 357 -30.88 -11.13 5.71
C PHE C 357 -30.60 -12.37 4.89
N ALA C 358 -31.02 -12.41 3.63
CA ALA C 358 -30.78 -13.63 2.84
C ALA C 358 -29.43 -13.58 2.14
N ASN C 359 -28.98 -12.39 1.76
CA ASN C 359 -27.58 -12.24 1.36
C ASN C 359 -26.65 -12.74 2.47
N ALA C 360 -26.97 -12.37 3.71
CA ALA C 360 -26.24 -12.91 4.85
C ALA C 360 -26.28 -14.42 4.86
N ARG C 361 -27.47 -15.00 5.00
CA ARG C 361 -27.58 -16.46 5.12
C ARG C 361 -26.81 -17.17 4.02
N GLY C 362 -26.78 -16.59 2.81
CA GLY C 362 -26.09 -17.25 1.72
C GLY C 362 -24.59 -17.07 1.73
N ALA C 363 -24.09 -15.99 2.34
CA ALA C 363 -22.65 -15.89 2.59
C ALA C 363 -22.22 -16.80 3.73
N ALA C 364 -22.87 -16.66 4.88
CA ALA C 364 -22.56 -17.48 6.03
C ALA C 364 -22.62 -18.97 5.72
N TYR C 365 -23.34 -19.39 4.68
CA TYR C 365 -23.23 -20.79 4.32
C TYR C 365 -21.80 -21.14 3.93
N VAL C 366 -21.18 -20.33 3.09
CA VAL C 366 -19.87 -20.73 2.58
C VAL C 366 -18.78 -20.45 3.61
N ILE C 367 -18.93 -19.39 4.41
CA ILE C 367 -17.97 -19.17 5.49
C ILE C 367 -18.03 -20.31 6.50
N PHE C 368 -19.21 -20.57 7.07
CA PHE C 368 -19.32 -21.64 8.06
C PHE C 368 -18.95 -22.99 7.50
N ASP C 369 -19.04 -23.18 6.18
CA ASP C 369 -18.59 -24.47 5.70
C ASP C 369 -17.08 -24.52 5.52
N ILE C 370 -16.45 -23.39 5.19
CA ILE C 370 -14.99 -23.34 5.22
C ILE C 370 -14.51 -23.69 6.62
N ILE C 371 -15.09 -23.02 7.63
CA ILE C 371 -14.69 -23.26 9.03
C ILE C 371 -14.84 -24.74 9.37
N ASP C 372 -16.07 -25.28 9.27
CA ASP C 372 -16.32 -26.57 9.93
C ASP C 372 -15.74 -27.74 9.22
N ASN C 373 -14.91 -27.61 8.20
CA ASN C 373 -14.21 -28.76 7.63
C ASN C 373 -13.05 -29.16 8.52
N ASN C 374 -12.81 -30.46 8.64
CA ASN C 374 -11.61 -30.95 9.32
C ASN C 374 -10.65 -31.54 8.30
N PRO C 375 -9.83 -30.72 7.64
CA PRO C 375 -8.91 -31.26 6.64
C PRO C 375 -8.13 -32.45 7.18
N LYS C 376 -7.87 -33.43 6.30
CA LYS C 376 -7.27 -34.66 6.76
C LYS C 376 -5.95 -34.41 7.47
N ILE C 377 -4.97 -33.85 6.76
CA ILE C 377 -3.67 -33.52 7.35
C ILE C 377 -3.90 -32.28 8.20
N ASP C 378 -4.05 -32.49 9.51
CA ASP C 378 -4.40 -31.45 10.45
C ASP C 378 -3.11 -30.84 10.98
N SER C 379 -2.86 -29.58 10.62
CA SER C 379 -1.73 -28.88 11.20
C SER C 379 -1.81 -28.88 12.71
N PHE C 380 -2.86 -28.32 13.26
CA PHE C 380 -2.93 -28.02 14.69
C PHE C 380 -3.22 -29.25 15.53
N SER C 381 -3.17 -30.44 14.96
CA SER C 381 -3.58 -31.64 15.68
C SER C 381 -2.44 -32.19 16.54
N GLU C 382 -2.82 -32.92 17.59
CA GLU C 382 -1.87 -33.66 18.40
C GLU C 382 -1.91 -35.16 18.12
N ARG C 383 -2.55 -35.56 17.03
CA ARG C 383 -2.59 -36.96 16.64
C ARG C 383 -1.21 -37.39 16.16
N GLY C 384 -0.61 -38.33 16.87
CA GLY C 384 0.62 -38.94 16.40
C GLY C 384 1.63 -39.06 17.52
N HIS C 385 2.79 -39.60 17.16
CA HIS C 385 3.89 -39.81 18.09
C HIS C 385 5.02 -38.82 17.81
N LYS C 386 5.78 -38.51 18.85
CA LYS C 386 6.95 -37.65 18.74
C LYS C 386 8.13 -38.30 19.46
N PRO C 387 9.25 -38.55 18.76
CA PRO C 387 10.38 -39.24 19.41
C PRO C 387 11.37 -38.32 20.12
N ASP C 388 12.44 -38.90 20.65
CA ASP C 388 13.47 -38.14 21.35
C ASP C 388 14.86 -38.30 20.72
N SER C 389 15.02 -39.30 19.86
CA SER C 389 16.29 -39.55 19.20
C SER C 389 16.00 -39.83 17.73
N ILE C 390 16.31 -38.86 16.87
CA ILE C 390 15.95 -38.92 15.46
C ILE C 390 17.22 -38.81 14.62
N LYS C 391 17.34 -39.66 13.61
CA LYS C 391 18.44 -39.65 12.68
C LYS C 391 17.92 -39.34 11.28
N GLY C 392 18.78 -38.77 10.44
CA GLY C 392 18.38 -38.37 9.11
C GLY C 392 18.45 -39.48 8.07
N ASN C 393 17.83 -40.62 8.37
CA ASN C 393 17.74 -41.73 7.41
C ASN C 393 16.39 -41.64 6.71
N LEU C 394 16.36 -40.95 5.58
CA LEU C 394 15.14 -40.66 4.85
C LEU C 394 15.02 -41.57 3.64
N GLU C 395 13.80 -42.06 3.37
CA GLU C 395 13.57 -42.93 2.24
C GLU C 395 12.26 -42.59 1.54
N PHE C 396 12.28 -42.63 0.21
CA PHE C 396 11.09 -42.50 -0.62
C PHE C 396 10.91 -43.77 -1.44
N ASN C 397 9.82 -44.50 -1.18
CA ASN C 397 9.59 -45.79 -1.83
C ASN C 397 8.21 -45.80 -2.47
N ASP C 398 8.17 -46.11 -3.76
CA ASP C 398 6.94 -46.24 -4.54
C ASP C 398 5.92 -45.17 -4.19
N VAL C 399 6.40 -43.93 -4.13
CA VAL C 399 5.53 -42.81 -3.81
C VAL C 399 4.75 -42.42 -5.06
N HIS C 400 3.59 -41.81 -4.87
CA HIS C 400 2.72 -41.46 -5.98
C HIS C 400 1.91 -40.24 -5.58
N PHE C 401 2.36 -39.06 -5.99
CA PHE C 401 1.65 -37.82 -5.71
C PHE C 401 1.10 -37.21 -6.98
N SER C 402 -0.22 -37.29 -7.14
CA SER C 402 -0.89 -36.61 -8.25
C SER C 402 -1.55 -35.36 -7.69
N TYR C 403 -1.43 -34.27 -8.43
CA TYR C 403 -1.86 -32.98 -7.94
C TYR C 403 -3.36 -32.94 -7.70
N PRO C 404 -3.83 -32.08 -6.81
CA PRO C 404 -5.27 -32.03 -6.52
C PRO C 404 -6.02 -31.14 -7.49
N SER C 405 -5.33 -30.22 -8.14
CA SER C 405 -5.92 -29.46 -9.25
C SER C 405 -5.73 -30.21 -10.56
N ARG C 406 -4.48 -30.39 -10.99
CA ARG C 406 -4.17 -30.96 -12.29
C ARG C 406 -3.59 -32.36 -12.11
N ALA C 407 -4.45 -33.29 -11.69
CA ALA C 407 -4.01 -34.65 -11.41
C ALA C 407 -3.55 -35.41 -12.64
N ASN C 408 -3.61 -34.80 -13.82
CA ASN C 408 -3.33 -35.49 -15.08
C ASN C 408 -1.87 -35.39 -15.51
N VAL C 409 -1.06 -34.58 -14.85
CA VAL C 409 0.37 -34.50 -15.11
C VAL C 409 1.07 -35.23 -13.96
N LYS C 410 1.42 -36.50 -14.18
CA LYS C 410 2.03 -37.32 -13.14
C LYS C 410 3.54 -37.18 -13.22
N ILE C 411 4.15 -36.86 -12.07
CA ILE C 411 5.54 -36.46 -12.00
C ILE C 411 6.34 -37.38 -11.09
N LEU C 412 5.66 -38.14 -10.24
CA LEU C 412 6.29 -39.17 -9.41
C LEU C 412 5.54 -40.47 -9.66
N LYS C 413 6.22 -41.45 -10.23
CA LYS C 413 5.58 -42.66 -10.74
C LYS C 413 6.30 -43.92 -10.25
N GLY C 414 6.60 -43.95 -8.96
CA GLY C 414 7.23 -45.10 -8.33
C GLY C 414 8.72 -44.89 -8.14
N LEU C 415 9.12 -44.54 -6.92
CA LEU C 415 10.48 -44.11 -6.65
C LEU C 415 11.25 -45.17 -5.88
N ASN C 416 12.55 -44.92 -5.73
CA ASN C 416 13.40 -45.70 -4.84
C ASN C 416 14.56 -44.79 -4.45
N LEU C 417 14.46 -44.19 -3.27
CA LEU C 417 15.44 -43.23 -2.77
C LEU C 417 15.77 -43.58 -1.33
N LYS C 418 17.06 -43.72 -1.05
CA LYS C 418 17.53 -44.10 0.27
C LYS C 418 18.66 -43.15 0.67
N VAL C 419 18.79 -42.87 1.95
CA VAL C 419 19.84 -41.99 2.45
C VAL C 419 20.38 -42.57 3.75
N GLN C 420 21.65 -42.30 4.03
CA GLN C 420 22.29 -42.69 5.27
C GLN C 420 22.46 -41.48 6.19
N SER C 421 22.39 -41.75 7.49
CA SER C 421 22.38 -40.68 8.49
C SER C 421 23.61 -39.79 8.36
N GLY C 422 23.37 -38.51 8.07
CA GLY C 422 24.42 -37.52 8.07
C GLY C 422 24.95 -37.12 6.71
N GLN C 423 25.14 -38.10 5.82
CA GLN C 423 25.73 -37.80 4.54
C GLN C 423 24.71 -37.20 3.59
N THR C 424 25.21 -36.41 2.66
CA THR C 424 24.36 -35.66 1.74
C THR C 424 23.96 -36.50 0.53
N VAL C 425 23.17 -35.89 -0.34
CA VAL C 425 22.71 -36.49 -1.59
C VAL C 425 22.84 -35.45 -2.69
N ALA C 426 22.34 -35.78 -3.89
CA ALA C 426 22.35 -34.81 -4.99
C ALA C 426 21.14 -35.07 -5.89
N LEU C 427 20.09 -34.28 -5.71
CA LEU C 427 18.88 -34.35 -6.54
C LEU C 427 18.93 -33.24 -7.58
N VAL C 428 19.42 -33.54 -8.78
CA VAL C 428 19.64 -32.54 -9.80
C VAL C 428 18.97 -33.01 -11.09
N GLY C 429 18.80 -32.08 -12.02
CA GLY C 429 18.21 -32.40 -13.30
C GLY C 429 18.19 -31.19 -14.20
N SER C 430 17.47 -31.34 -15.31
CA SER C 430 17.38 -30.29 -16.31
C SER C 430 16.63 -29.08 -15.73
N SER C 431 16.64 -27.98 -16.48
CA SER C 431 16.04 -26.74 -16.03
C SER C 431 14.54 -26.92 -15.79
N GLY C 432 14.08 -26.46 -14.63
CA GLY C 432 12.65 -26.38 -14.34
C GLY C 432 11.90 -27.69 -14.46
N CYS C 433 12.48 -28.78 -13.98
CA CYS C 433 11.89 -30.10 -14.14
C CYS C 433 11.12 -30.60 -12.92
N GLY C 434 10.47 -29.70 -12.20
CA GLY C 434 9.57 -30.12 -11.14
C GLY C 434 10.25 -30.85 -10.01
N LYS C 435 11.07 -30.14 -9.26
CA LYS C 435 11.78 -30.73 -8.12
C LYS C 435 11.40 -30.10 -6.79
N SER C 436 10.78 -28.91 -6.82
CA SER C 436 10.14 -28.38 -5.63
C SER C 436 9.06 -29.33 -5.12
N THR C 437 8.58 -30.23 -5.99
CA THR C 437 7.77 -31.37 -5.56
C THR C 437 8.41 -32.06 -4.35
N THR C 438 9.69 -32.45 -4.48
CA THR C 438 10.37 -33.10 -3.37
C THR C 438 10.55 -32.17 -2.18
N VAL C 439 10.49 -30.85 -2.41
CA VAL C 439 10.68 -29.91 -1.32
C VAL C 439 9.35 -29.64 -0.62
N GLN C 440 8.25 -30.06 -1.22
CA GLN C 440 6.93 -29.87 -0.63
C GLN C 440 6.18 -31.16 -0.40
N LEU C 441 6.83 -32.32 -0.59
CA LEU C 441 6.17 -33.58 -0.26
C LEU C 441 6.64 -34.18 1.07
N ILE C 442 7.76 -33.71 1.63
CA ILE C 442 8.25 -34.30 2.88
C ILE C 442 7.67 -33.56 4.06
N GLN C 443 7.59 -32.24 3.99
CA GLN C 443 6.93 -31.42 4.99
C GLN C 443 5.40 -31.49 4.91
N ARG C 444 4.91 -32.42 4.10
CA ARG C 444 3.53 -32.91 4.16
C ARG C 444 2.53 -31.87 3.68
N LEU C 445 3.03 -30.79 3.09
CA LEU C 445 2.13 -29.85 2.42
C LEU C 445 1.14 -30.57 1.53
N TYR C 446 1.57 -31.70 0.96
CA TYR C 446 0.80 -32.58 0.10
C TYR C 446 1.02 -34.02 0.57
N ASP C 447 0.46 -34.97 -0.17
CA ASP C 447 0.53 -36.37 0.23
C ASP C 447 0.65 -37.28 -1.00
N PRO C 448 1.80 -37.94 -1.22
CA PRO C 448 1.85 -39.05 -2.18
C PRO C 448 0.90 -40.15 -1.76
N ASP C 449 -0.09 -40.45 -2.61
CA ASP C 449 -1.28 -41.14 -2.15
C ASP C 449 -1.02 -42.63 -1.91
N GLU C 450 -0.21 -43.27 -2.76
CA GLU C 450 0.00 -44.71 -2.65
C GLU C 450 1.46 -45.07 -2.41
N GLY C 451 2.11 -44.40 -1.47
CA GLY C 451 3.52 -44.63 -1.21
C GLY C 451 3.87 -44.52 0.25
N THR C 452 5.09 -44.07 0.53
CA THR C 452 5.59 -43.99 1.89
C THR C 452 6.79 -43.04 1.92
N ILE C 453 6.88 -42.25 2.99
CA ILE C 453 8.01 -41.37 3.23
C ILE C 453 8.58 -41.78 4.58
N ASN C 454 9.59 -42.64 4.56
CA ASN C 454 10.06 -43.33 5.75
C ASN C 454 11.15 -42.53 6.45
N ILE C 455 10.92 -42.24 7.73
CA ILE C 455 11.88 -41.55 8.59
C ILE C 455 11.99 -42.37 9.87
N ASP C 456 13.09 -43.11 10.01
CA ASP C 456 13.40 -43.89 11.22
C ASP C 456 12.38 -45.00 11.42
N GLY C 457 12.09 -45.73 10.35
CA GLY C 457 11.23 -46.89 10.43
C GLY C 457 9.73 -46.60 10.43
N GLN C 458 9.33 -45.34 10.39
CA GLN C 458 7.93 -44.95 10.46
C GLN C 458 7.51 -44.26 9.17
N ASP C 459 6.21 -44.18 8.96
CA ASP C 459 5.66 -43.41 7.85
C ASP C 459 5.53 -41.95 8.25
N ILE C 460 5.45 -41.08 7.24
CA ILE C 460 5.46 -39.65 7.51
C ILE C 460 4.16 -39.15 8.13
N ARG C 461 3.09 -39.95 8.06
CA ARG C 461 1.79 -39.47 8.50
C ARG C 461 1.58 -39.67 9.99
N ASN C 462 2.01 -40.79 10.55
CA ASN C 462 1.78 -41.03 11.97
C ASN C 462 2.58 -40.08 12.85
N PHE C 463 3.52 -39.34 12.26
CA PHE C 463 4.12 -38.22 12.97
C PHE C 463 3.13 -37.07 13.07
N ASN C 464 3.16 -36.38 14.21
CA ASN C 464 2.48 -35.10 14.26
C ASN C 464 3.11 -34.17 13.23
N VAL C 465 2.27 -33.38 12.56
CA VAL C 465 2.77 -32.43 11.57
C VAL C 465 3.45 -31.25 12.24
N ASN C 466 2.87 -30.75 13.33
CA ASN C 466 3.46 -29.63 14.04
C ASN C 466 4.82 -29.97 14.63
N TYR C 467 5.12 -31.26 14.78
CA TYR C 467 6.47 -31.68 15.13
C TYR C 467 7.29 -32.07 13.90
N LEU C 468 6.64 -32.58 12.86
CA LEU C 468 7.35 -32.96 11.65
C LEU C 468 8.02 -31.76 10.99
N ARG C 469 7.22 -30.77 10.59
CA ARG C 469 7.78 -29.63 9.88
C ARG C 469 8.68 -28.80 10.79
N GLU C 470 8.86 -29.27 12.02
CA GLU C 470 9.73 -28.60 12.98
C GLU C 470 11.15 -29.13 12.89
N ILE C 471 11.31 -30.42 12.58
CA ILE C 471 12.65 -31.00 12.53
C ILE C 471 13.32 -30.87 11.17
N ILE C 472 12.71 -30.16 10.23
CA ILE C 472 13.30 -29.95 8.91
C ILE C 472 13.24 -28.47 8.57
N GLY C 473 14.26 -27.99 7.87
CA GLY C 473 14.29 -26.63 7.37
C GLY C 473 14.84 -26.61 5.96
N VAL C 474 14.44 -25.65 5.15
CA VAL C 474 14.79 -25.63 3.74
C VAL C 474 15.30 -24.24 3.37
N VAL C 475 15.88 -24.13 2.18
CA VAL C 475 16.16 -22.85 1.53
C VAL C 475 15.35 -22.83 0.24
N SER C 476 14.42 -21.88 0.14
CA SER C 476 13.46 -21.88 -0.94
C SER C 476 14.06 -21.28 -2.20
N GLN C 477 13.68 -21.85 -3.36
CA GLN C 477 14.34 -21.54 -4.63
C GLN C 477 14.46 -20.05 -4.84
N GLU C 478 13.34 -19.36 -4.91
CA GLU C 478 13.36 -17.91 -4.90
C GLU C 478 13.28 -17.46 -3.45
N PRO C 479 14.16 -16.57 -3.01
CA PRO C 479 14.14 -16.15 -1.60
C PRO C 479 12.76 -15.65 -1.20
N VAL C 480 12.20 -16.29 -0.18
CA VAL C 480 10.81 -16.13 0.17
C VAL C 480 10.75 -15.41 1.51
N LEU C 481 10.68 -14.08 1.44
CA LEU C 481 10.76 -13.26 2.63
C LEU C 481 9.39 -12.94 3.17
N PHE C 482 9.33 -12.80 4.49
CA PHE C 482 8.18 -12.23 5.17
C PHE C 482 8.44 -10.76 5.41
N SER C 483 7.41 -9.94 5.23
CA SER C 483 7.61 -8.50 5.26
C SER C 483 7.92 -8.02 6.67
N THR C 484 9.09 -8.38 7.19
CA THR C 484 9.53 -7.97 8.51
C THR C 484 11.02 -7.63 8.46
N THR C 485 11.51 -7.01 9.54
CA THR C 485 12.93 -6.71 9.68
C THR C 485 13.75 -8.01 9.71
N ILE C 486 15.07 -7.85 9.56
CA ILE C 486 15.96 -9.00 9.47
C ILE C 486 15.87 -9.87 10.72
N ALA C 487 16.07 -9.28 11.89
CA ALA C 487 15.99 -10.05 13.12
C ALA C 487 14.64 -10.76 13.23
N GLU C 488 13.55 -10.01 13.04
CA GLU C 488 12.24 -10.63 13.11
C GLU C 488 11.91 -11.43 11.83
N ASN C 489 12.71 -11.29 10.77
CA ASN C 489 12.66 -12.28 9.69
C ASN C 489 13.20 -13.61 10.17
N ILE C 490 14.15 -13.57 11.11
CA ILE C 490 14.85 -14.77 11.53
C ILE C 490 14.15 -15.47 12.69
N CYS C 491 13.67 -14.70 13.67
CA CYS C 491 12.90 -15.31 14.76
C CYS C 491 11.72 -16.13 14.25
N TYR C 492 11.23 -15.83 13.04
CA TYR C 492 10.22 -16.67 12.41
C TYR C 492 10.71 -18.09 12.21
N GLY C 493 12.01 -18.35 12.31
CA GLY C 493 12.50 -19.71 12.22
C GLY C 493 12.09 -20.52 13.42
N ARG C 494 12.23 -19.95 14.62
CA ARG C 494 11.98 -20.69 15.84
C ARG C 494 11.15 -19.94 16.87
N GLY C 495 10.94 -18.63 16.70
CA GLY C 495 10.11 -17.86 17.59
C GLY C 495 10.72 -17.56 18.95
N ASN C 496 11.73 -18.32 19.38
CA ASN C 496 12.48 -18.05 20.59
C ASN C 496 13.98 -18.21 20.27
N VAL C 497 14.59 -17.11 19.83
CA VAL C 497 16.00 -17.08 19.47
C VAL C 497 16.55 -15.72 19.85
N THR C 498 17.61 -15.71 20.66
CA THR C 498 18.09 -14.48 21.25
C THR C 498 19.36 -14.00 20.56
N MET C 499 19.81 -12.81 20.96
CA MET C 499 20.92 -12.12 20.30
C MET C 499 22.11 -13.03 20.02
N ASP C 500 22.59 -13.73 21.06
CA ASP C 500 23.76 -14.60 20.92
C ASP C 500 23.58 -15.56 19.75
N GLU C 501 22.52 -16.36 19.76
CA GLU C 501 22.28 -17.31 18.67
C GLU C 501 22.00 -16.60 17.35
N ILE C 502 21.38 -15.42 17.38
CA ILE C 502 21.18 -14.67 16.16
C ILE C 502 22.52 -14.38 15.49
N LYS C 503 23.48 -13.90 16.27
CA LYS C 503 24.79 -13.58 15.72
C LYS C 503 25.54 -14.83 15.30
N LYS C 504 25.52 -15.87 16.15
CA LYS C 504 26.17 -17.13 15.79
C LYS C 504 25.66 -17.66 14.46
N ALA C 505 24.35 -17.62 14.24
CA ALA C 505 23.78 -18.20 13.03
C ALA C 505 23.81 -17.23 11.84
N VAL C 506 24.00 -15.93 12.08
CA VAL C 506 24.12 -15.01 10.94
C VAL C 506 25.56 -14.96 10.45
N LYS C 507 26.53 -15.12 11.34
CA LYS C 507 27.92 -15.21 10.92
C LYS C 507 28.34 -16.64 10.60
N GLU C 508 27.55 -17.62 11.00
CA GLU C 508 27.84 -19.02 10.71
C GLU C 508 27.64 -19.36 9.24
N ALA C 509 27.25 -18.39 8.42
CA ALA C 509 27.36 -18.51 6.97
C ALA C 509 27.85 -17.23 6.30
N ASN C 510 28.59 -16.39 7.03
CA ASN C 510 29.11 -15.13 6.51
C ASN C 510 27.99 -14.28 5.94
N ALA C 511 27.09 -13.85 6.82
CA ALA C 511 26.00 -12.95 6.48
C ALA C 511 26.09 -11.65 7.26
N TYR C 512 27.27 -11.04 7.27
CA TYR C 512 27.55 -9.90 8.13
C TYR C 512 27.66 -8.58 7.38
N GLU C 513 28.57 -8.46 6.41
CA GLU C 513 28.87 -7.16 5.83
C GLU C 513 27.67 -6.60 5.09
N PHE C 514 27.01 -7.42 4.27
CA PHE C 514 25.93 -6.90 3.43
C PHE C 514 24.70 -6.55 4.24
N ILE C 515 24.55 -7.12 5.42
CA ILE C 515 23.53 -6.66 6.35
C ILE C 515 24.02 -5.45 7.14
N MET C 516 25.24 -5.54 7.70
CA MET C 516 25.71 -4.52 8.63
C MET C 516 26.08 -3.20 7.96
N LYS C 517 26.21 -3.17 6.63
CA LYS C 517 26.50 -1.93 5.94
C LYS C 517 25.42 -0.88 6.22
N LEU C 518 24.18 -1.16 5.80
CA LEU C 518 23.10 -0.23 6.08
C LEU C 518 22.87 -0.12 7.59
N PRO C 519 22.56 1.07 8.10
CA PRO C 519 22.43 1.24 9.56
C PRO C 519 21.22 0.50 10.10
N GLN C 520 21.08 0.55 11.43
CA GLN C 520 19.92 0.05 12.17
C GLN C 520 19.40 -1.26 11.58
N LYS C 521 20.34 -2.18 11.30
CA LYS C 521 20.12 -3.40 10.53
C LYS C 521 18.79 -4.06 10.86
N PHE C 522 18.43 -4.06 12.14
CA PHE C 522 17.26 -4.77 12.62
C PHE C 522 16.07 -3.83 12.86
N ASP C 523 16.09 -2.65 12.24
CA ASP C 523 14.86 -1.88 12.04
C ASP C 523 14.74 -1.32 10.63
N THR C 524 15.79 -1.30 9.83
CA THR C 524 15.61 -1.19 8.39
C THR C 524 14.78 -2.37 7.91
N LEU C 525 13.58 -2.08 7.43
CA LEU C 525 12.69 -3.13 6.98
C LEU C 525 13.11 -3.60 5.60
N VAL C 526 12.89 -4.87 5.33
CA VAL C 526 13.16 -5.41 4.01
C VAL C 526 11.83 -5.44 3.25
N GLY C 527 11.89 -5.60 1.93
CA GLY C 527 10.82 -5.15 1.07
C GLY C 527 9.76 -6.21 0.78
N GLU C 528 8.59 -5.71 0.38
CA GLU C 528 7.47 -6.54 -0.06
C GLU C 528 7.86 -7.30 -1.33
N ARG C 529 7.80 -8.63 -1.27
CA ARG C 529 8.10 -9.50 -2.42
C ARG C 529 9.55 -9.36 -2.86
N GLY C 530 10.41 -8.83 -1.99
CA GLY C 530 11.80 -8.60 -2.33
C GLY C 530 12.03 -7.30 -3.09
N ALA C 531 11.71 -6.17 -2.44
CA ALA C 531 11.73 -4.87 -3.09
C ALA C 531 12.84 -3.94 -2.61
N GLN C 532 13.23 -4.01 -1.34
CA GLN C 532 14.32 -3.17 -0.84
C GLN C 532 15.47 -4.02 -0.34
N LEU C 533 15.86 -5.03 -1.13
CA LEU C 533 17.09 -5.76 -0.90
C LEU C 533 17.42 -6.55 -2.15
N SER C 534 18.70 -6.90 -2.30
CA SER C 534 19.22 -7.45 -3.53
C SER C 534 19.11 -8.98 -3.54
N GLY C 535 19.51 -9.59 -4.66
CA GLY C 535 19.44 -11.02 -4.83
C GLY C 535 20.44 -11.81 -4.03
N GLY C 536 21.46 -11.16 -3.48
CA GLY C 536 22.41 -11.83 -2.61
C GLY C 536 22.26 -11.41 -1.17
N GLN C 537 21.90 -10.13 -0.95
CA GLN C 537 21.65 -9.66 0.41
C GLN C 537 20.41 -10.29 1.02
N LYS C 538 19.48 -10.76 0.18
CA LYS C 538 18.24 -11.38 0.64
C LYS C 538 18.33 -12.91 0.68
N GLN C 539 18.84 -13.52 -0.39
CA GLN C 539 18.80 -14.98 -0.51
C GLN C 539 19.55 -15.69 0.59
N ARG C 540 20.80 -15.29 0.85
CA ARG C 540 21.66 -16.01 1.78
C ARG C 540 21.02 -16.15 3.16
N ILE C 541 20.23 -15.16 3.59
CA ILE C 541 19.67 -15.17 4.93
C ILE C 541 18.80 -16.40 5.14
N ALA C 542 18.29 -17.00 4.06
CA ALA C 542 17.46 -18.18 4.16
C ALA C 542 18.23 -19.42 4.58
N ILE C 543 19.51 -19.28 4.92
CA ILE C 543 20.25 -20.34 5.58
C ILE C 543 20.27 -20.14 7.09
N ALA C 544 20.34 -18.89 7.52
CA ALA C 544 20.45 -18.60 8.95
C ALA C 544 19.15 -18.91 9.69
N ARG C 545 18.04 -18.32 9.25
CA ARG C 545 16.74 -18.59 9.85
C ARG C 545 16.50 -20.10 9.96
N ALA C 546 16.51 -20.80 8.84
CA ALA C 546 16.22 -22.23 8.86
C ALA C 546 17.39 -23.04 9.43
N LEU C 547 18.38 -22.36 10.03
CA LEU C 547 19.38 -23.00 10.87
C LEU C 547 19.06 -22.86 12.35
N VAL C 548 18.57 -21.69 12.78
CA VAL C 548 18.32 -21.45 14.20
C VAL C 548 17.31 -22.47 14.70
N ARG C 549 16.59 -23.10 13.75
CA ARG C 549 15.73 -24.23 14.06
C ARG C 549 16.50 -25.37 14.70
N ASN C 550 17.84 -25.38 14.57
CA ASN C 550 18.69 -26.50 14.97
C ASN C 550 18.11 -27.78 14.41
N PRO C 551 18.12 -27.95 13.08
CA PRO C 551 17.36 -29.05 12.47
C PRO C 551 17.92 -30.43 12.77
N LYS C 552 17.20 -31.44 12.28
CA LYS C 552 17.69 -32.80 12.16
C LYS C 552 17.79 -33.25 10.71
N ILE C 553 17.09 -32.58 9.81
CA ILE C 553 17.38 -32.59 8.38
C ILE C 553 17.23 -31.14 7.91
N LEU C 554 18.01 -30.77 6.89
CA LEU C 554 17.87 -29.48 6.23
C LEU C 554 17.81 -29.75 4.74
N LEU C 555 17.09 -28.91 4.01
CA LEU C 555 16.89 -29.14 2.59
C LEU C 555 17.31 -27.91 1.80
N LEU C 556 17.46 -28.09 0.49
CA LEU C 556 17.82 -26.99 -0.40
C LEU C 556 17.09 -27.19 -1.72
N ASP C 557 16.39 -26.16 -2.18
CA ASP C 557 15.97 -26.09 -3.58
C ASP C 557 16.84 -25.06 -4.28
N GLU C 558 18.04 -25.48 -4.66
CA GLU C 558 19.02 -24.62 -5.34
C GLU C 558 19.24 -23.34 -4.54
N ALA C 559 19.73 -23.51 -3.32
CA ALA C 559 19.91 -22.39 -2.40
C ALA C 559 20.69 -21.25 -3.02
N THR C 560 21.69 -21.55 -3.84
CA THR C 560 22.67 -20.57 -4.29
C THR C 560 22.72 -20.51 -5.80
N SER C 561 21.56 -20.45 -6.44
CA SER C 561 21.51 -20.25 -7.89
C SER C 561 22.03 -18.87 -8.28
N ALA C 562 21.48 -17.82 -7.64
CA ALA C 562 21.91 -16.44 -7.88
C ALA C 562 22.98 -15.99 -6.90
N LEU C 563 23.73 -16.92 -6.31
CA LEU C 563 24.83 -16.59 -5.43
C LEU C 563 26.14 -16.89 -6.13
N ASP C 564 26.99 -15.88 -6.26
CA ASP C 564 28.12 -15.94 -7.19
C ASP C 564 29.28 -16.74 -6.59
N THR C 565 30.42 -16.67 -7.28
CA THR C 565 31.53 -17.57 -7.02
C THR C 565 32.06 -17.43 -5.60
N GLU C 566 32.59 -16.24 -5.25
CA GLU C 566 33.12 -16.05 -3.90
C GLU C 566 32.03 -16.19 -2.86
N SER C 567 30.80 -15.83 -3.22
CA SER C 567 29.67 -16.12 -2.36
C SER C 567 29.55 -17.61 -2.10
N GLU C 568 29.67 -18.43 -3.15
CA GLU C 568 29.67 -19.87 -2.96
C GLU C 568 30.86 -20.33 -2.11
N ALA C 569 32.03 -19.70 -2.28
CA ALA C 569 33.21 -20.08 -1.51
C ALA C 569 33.09 -19.68 -0.04
N GLU C 570 32.17 -18.77 0.28
CA GLU C 570 31.89 -18.46 1.68
C GLU C 570 30.60 -19.09 2.21
N VAL C 571 29.79 -19.71 1.37
CA VAL C 571 28.56 -20.35 1.89
C VAL C 571 28.70 -21.86 1.94
N GLN C 572 29.39 -22.48 0.97
CA GLN C 572 29.41 -23.94 0.92
C GLN C 572 30.07 -24.56 2.14
N ALA C 573 30.78 -23.75 2.93
CA ALA C 573 31.26 -24.24 4.22
C ALA C 573 30.10 -24.52 5.16
N ALA C 574 29.31 -23.49 5.49
CA ALA C 574 28.10 -23.69 6.26
C ALA C 574 27.18 -24.72 5.63
N LEU C 575 27.20 -24.82 4.31
CA LEU C 575 26.39 -25.79 3.58
C LEU C 575 26.83 -27.23 3.86
N ASP C 576 28.14 -27.50 3.91
CA ASP C 576 28.61 -28.87 4.11
C ASP C 576 29.42 -29.08 5.37
N LYS C 577 29.75 -28.02 6.12
CA LYS C 577 30.06 -28.20 7.53
C LYS C 577 28.79 -28.39 8.35
N ALA C 578 27.64 -28.10 7.75
CA ALA C 578 26.36 -28.33 8.42
C ALA C 578 26.25 -29.74 8.94
N ARG C 579 26.45 -30.73 8.08
CA ARG C 579 26.24 -32.13 8.46
C ARG C 579 27.21 -32.53 9.57
N GLU C 580 26.66 -33.05 10.66
CA GLU C 580 27.42 -33.76 11.67
C GLU C 580 26.96 -35.20 11.78
N GLY C 581 25.66 -35.42 11.97
CA GLY C 581 25.03 -36.72 11.87
C GLY C 581 23.68 -36.57 11.21
N ARG C 582 23.41 -35.39 10.67
CA ARG C 582 22.12 -35.06 10.07
C ARG C 582 22.25 -34.91 8.56
N THR C 583 21.16 -35.24 7.86
CA THR C 583 21.11 -35.26 6.41
C THR C 583 20.88 -33.86 5.85
N THR C 584 21.23 -33.70 4.56
CA THR C 584 20.86 -32.54 3.78
C THR C 584 20.48 -32.99 2.38
N ILE C 585 19.29 -32.58 1.92
CA ILE C 585 18.78 -32.97 0.61
C ILE C 585 19.08 -31.84 -0.35
N VAL C 586 20.01 -32.10 -1.28
CA VAL C 586 20.49 -31.08 -2.20
C VAL C 586 19.73 -31.17 -3.52
N ILE C 587 19.17 -30.04 -3.93
CA ILE C 587 18.75 -29.82 -5.30
C ILE C 587 19.71 -28.79 -5.88
N ALA C 588 20.62 -29.24 -6.73
CA ALA C 588 21.70 -28.41 -7.24
C ALA C 588 21.32 -27.83 -8.61
N HIS C 589 22.01 -26.74 -8.97
CA HIS C 589 21.89 -26.14 -10.30
C HIS C 589 23.20 -26.23 -11.06
N ARG C 590 24.31 -25.91 -10.39
CA ARG C 590 25.62 -25.90 -11.03
C ARG C 590 26.31 -27.26 -10.89
N LEU C 591 27.54 -27.31 -11.39
CA LEU C 591 28.43 -28.46 -11.22
C LEU C 591 29.55 -28.19 -10.22
N SER C 592 29.32 -27.27 -9.28
CA SER C 592 30.40 -26.82 -8.40
C SER C 592 30.57 -27.69 -7.16
N THR C 593 29.50 -27.95 -6.41
CA THR C 593 29.58 -28.73 -5.19
C THR C 593 28.69 -29.96 -5.18
N VAL C 594 28.13 -30.34 -6.33
CA VAL C 594 27.48 -31.65 -6.44
C VAL C 594 28.49 -32.75 -6.15
N ARG C 595 29.75 -32.52 -6.49
CA ARG C 595 30.82 -33.46 -6.15
C ARG C 595 31.01 -33.63 -4.65
N ASN C 596 30.57 -32.66 -3.84
CA ASN C 596 30.60 -32.80 -2.39
C ASN C 596 29.44 -33.70 -1.94
N ALA C 597 29.53 -34.96 -2.36
CA ALA C 597 28.45 -35.91 -2.09
C ALA C 597 29.00 -37.33 -2.12
N ASP C 598 28.17 -38.26 -1.64
CA ASP C 598 28.36 -39.68 -1.83
C ASP C 598 27.23 -40.33 -2.60
N VAL C 599 26.20 -39.55 -2.97
CA VAL C 599 25.04 -40.03 -3.70
C VAL C 599 24.75 -39.03 -4.82
N ILE C 600 24.31 -39.53 -5.96
CA ILE C 600 23.88 -38.71 -7.08
C ILE C 600 22.61 -39.34 -7.66
N ALA C 601 21.46 -38.73 -7.34
CA ALA C 601 20.16 -39.24 -7.76
C ALA C 601 19.60 -38.35 -8.86
N GLY C 602 19.28 -38.95 -10.00
CA GLY C 602 18.83 -38.19 -11.15
C GLY C 602 17.34 -38.20 -11.37
N PHE C 603 16.86 -37.26 -12.20
CA PHE C 603 15.45 -37.17 -12.55
C PHE C 603 15.24 -37.67 -13.97
N GLU C 604 14.27 -38.55 -14.15
CA GLU C 604 14.01 -39.18 -15.45
C GLU C 604 12.59 -39.70 -15.47
N ASP C 605 11.77 -39.13 -16.36
CA ASP C 605 10.40 -39.57 -16.59
C ASP C 605 9.65 -39.85 -15.29
N GLY C 606 9.90 -39.04 -14.26
CA GLY C 606 9.30 -39.28 -12.96
C GLY C 606 9.81 -40.47 -12.21
N VAL C 607 10.89 -41.11 -12.69
CA VAL C 607 11.45 -42.29 -12.05
C VAL C 607 12.95 -42.09 -11.87
N ILE C 608 13.44 -42.34 -10.66
CA ILE C 608 14.84 -42.13 -10.33
C ILE C 608 15.66 -43.18 -11.08
N VAL C 609 16.83 -42.77 -11.58
CA VAL C 609 17.66 -43.66 -12.37
C VAL C 609 19.07 -43.85 -11.82
N GLU C 610 19.80 -42.81 -11.44
CA GLU C 610 21.23 -42.91 -11.15
C GLU C 610 21.45 -42.78 -9.65
N GLN C 611 22.48 -43.47 -9.15
CA GLN C 611 22.83 -43.48 -7.73
C GLN C 611 24.19 -44.16 -7.58
N GLY C 612 25.03 -43.61 -6.70
CA GLY C 612 26.38 -44.11 -6.53
C GLY C 612 27.43 -43.02 -6.45
N SER C 613 28.70 -43.40 -6.34
CA SER C 613 29.77 -42.42 -6.14
C SER C 613 30.29 -41.89 -7.47
N HIS C 614 31.12 -40.85 -7.38
CA HIS C 614 31.49 -40.09 -8.57
C HIS C 614 32.39 -40.89 -9.51
N SER C 615 33.48 -41.46 -8.98
CA SER C 615 34.43 -42.17 -9.84
C SER C 615 33.85 -43.49 -10.34
N GLU C 616 33.23 -44.28 -9.46
CA GLU C 616 32.65 -45.55 -9.86
C GLU C 616 31.58 -45.38 -10.92
N LEU C 617 31.00 -44.18 -11.05
CA LEU C 617 29.90 -43.95 -11.97
C LEU C 617 30.35 -43.26 -13.26
N MET C 618 31.58 -42.76 -13.32
CA MET C 618 32.10 -42.17 -14.56
C MET C 618 32.16 -43.20 -15.69
N LYS C 619 31.89 -44.46 -15.40
CA LYS C 619 31.73 -45.51 -16.40
C LYS C 619 30.28 -45.96 -16.55
N LYS C 620 29.36 -45.40 -15.76
CA LYS C 620 28.00 -45.91 -15.68
C LYS C 620 27.06 -45.35 -16.73
N GLU C 621 27.36 -44.16 -17.27
CA GLU C 621 26.56 -43.54 -18.34
C GLU C 621 25.16 -43.17 -17.85
N GLY C 622 25.12 -42.41 -16.76
CA GLY C 622 23.88 -41.96 -16.16
C GLY C 622 23.31 -40.72 -16.81
N VAL C 623 22.71 -39.86 -16.00
CA VAL C 623 22.08 -38.62 -16.48
C VAL C 623 22.96 -37.40 -16.21
N TYR C 624 23.47 -37.26 -14.98
CA TYR C 624 24.48 -36.25 -14.70
C TYR C 624 25.72 -36.46 -15.57
N PHE C 625 25.94 -37.70 -16.03
CA PHE C 625 26.95 -37.98 -17.04
C PHE C 625 26.81 -37.04 -18.24
N LYS C 626 25.57 -36.73 -18.62
CA LYS C 626 25.34 -35.75 -19.67
C LYS C 626 25.45 -34.33 -19.17
N LEU C 627 24.93 -34.06 -17.96
CA LEU C 627 24.98 -32.71 -17.41
C LEU C 627 26.41 -32.20 -17.27
N VAL C 628 27.39 -33.10 -17.19
CA VAL C 628 28.78 -32.67 -17.12
C VAL C 628 29.38 -32.49 -18.52
N ASN C 629 28.59 -32.70 -19.56
CA ASN C 629 29.07 -32.53 -20.93
C ASN C 629 27.91 -32.35 -21.91
N VAL C 692 -4.29 10.86 -7.97
CA VAL C 692 -5.04 11.05 -9.22
C VAL C 692 -5.59 12.46 -9.27
N PRO C 693 -5.52 13.08 -10.44
CA PRO C 693 -6.04 14.44 -10.60
C PRO C 693 -7.55 14.44 -10.56
N PRO C 694 -8.17 15.40 -9.86
CA PRO C 694 -9.62 15.50 -9.89
C PRO C 694 -10.13 15.82 -11.28
N VAL C 695 -11.45 15.71 -11.45
CA VAL C 695 -12.14 16.08 -12.67
C VAL C 695 -13.53 16.54 -12.27
N SER C 696 -13.94 17.70 -12.77
CA SER C 696 -15.07 18.40 -12.19
C SER C 696 -16.38 17.68 -12.47
N PHE C 697 -17.45 18.27 -11.97
CA PHE C 697 -18.79 17.87 -12.39
C PHE C 697 -18.97 18.12 -13.88
N LEU C 698 -18.61 19.34 -14.32
CA LEU C 698 -18.78 19.71 -15.72
C LEU C 698 -18.18 18.69 -16.67
N LYS C 699 -17.07 18.07 -16.30
CA LYS C 699 -16.38 17.20 -17.24
C LYS C 699 -17.05 15.84 -17.34
N VAL C 700 -17.53 15.31 -16.20
CA VAL C 700 -18.29 14.08 -16.24
C VAL C 700 -19.68 14.31 -16.83
N LEU C 701 -20.16 15.56 -16.87
CA LEU C 701 -21.41 15.85 -17.56
C LEU C 701 -21.21 16.03 -19.06
N LYS C 702 -20.07 16.56 -19.48
CA LYS C 702 -19.77 16.65 -20.89
C LYS C 702 -19.48 15.29 -21.47
N LEU C 703 -19.08 14.33 -20.65
CA LEU C 703 -18.76 13.01 -21.20
C LEU C 703 -19.93 12.39 -21.96
N ASN C 704 -21.17 12.80 -21.67
CA ASN C 704 -22.33 12.40 -22.48
C ASN C 704 -23.23 13.60 -22.78
N LYS C 705 -22.91 14.34 -23.85
CA LYS C 705 -23.85 15.33 -24.38
C LYS C 705 -24.47 14.86 -25.68
N THR C 706 -24.39 13.58 -26.00
CA THR C 706 -25.21 13.02 -27.05
C THR C 706 -26.60 12.67 -26.55
N GLU C 707 -26.89 12.91 -25.29
CA GLU C 707 -28.25 12.87 -24.77
C GLU C 707 -28.56 14.13 -24.01
N TRP C 708 -28.89 15.19 -24.73
CA TRP C 708 -29.69 16.26 -24.13
C TRP C 708 -31.17 15.90 -24.09
N PRO C 709 -31.75 15.16 -25.06
CA PRO C 709 -33.20 14.94 -24.97
C PRO C 709 -33.60 14.04 -23.83
N TYR C 710 -32.84 12.97 -23.57
CA TYR C 710 -33.19 12.11 -22.44
C TYR C 710 -33.07 12.88 -21.15
N PHE C 711 -32.02 13.68 -20.99
CA PHE C 711 -31.89 14.35 -19.70
C PHE C 711 -32.95 15.42 -19.55
N VAL C 712 -33.43 15.98 -20.65
CA VAL C 712 -34.46 17.01 -20.55
C VAL C 712 -35.80 16.40 -20.15
N VAL C 713 -36.21 15.34 -20.84
CA VAL C 713 -37.48 14.70 -20.52
C VAL C 713 -37.42 14.05 -19.14
N GLY C 714 -36.35 13.29 -18.86
CA GLY C 714 -36.16 12.75 -17.52
C GLY C 714 -36.22 13.79 -16.42
N THR C 715 -35.52 14.91 -16.58
CA THR C 715 -35.46 15.88 -15.50
C THR C 715 -36.75 16.66 -15.35
N VAL C 716 -37.52 16.87 -16.43
CA VAL C 716 -38.81 17.53 -16.20
C VAL C 716 -39.80 16.55 -15.58
N CYS C 717 -39.71 15.27 -15.93
CA CYS C 717 -40.44 14.25 -15.19
C CYS C 717 -40.10 14.32 -13.71
N ALA C 718 -38.81 14.29 -13.38
CA ALA C 718 -38.40 14.38 -11.99
C ALA C 718 -38.98 15.59 -11.30
N ILE C 719 -38.93 16.76 -11.94
CA ILE C 719 -39.56 17.94 -11.33
C ILE C 719 -41.06 17.73 -11.14
N ALA C 720 -41.66 16.85 -11.95
CA ALA C 720 -43.08 16.56 -11.77
C ALA C 720 -43.30 15.30 -10.93
N ASN C 721 -42.26 14.80 -10.25
CA ASN C 721 -42.42 13.78 -9.22
C ASN C 721 -42.02 14.26 -7.84
N GLY C 722 -41.13 15.24 -7.75
CA GLY C 722 -40.91 15.82 -6.47
C GLY C 722 -42.01 16.76 -6.03
N GLY C 723 -43.06 16.92 -6.83
CA GLY C 723 -44.11 17.87 -6.53
C GLY C 723 -45.39 17.20 -6.12
N LEU C 724 -45.39 15.87 -6.02
CA LEU C 724 -46.54 15.17 -5.50
C LEU C 724 -46.76 15.45 -4.02
N GLN C 725 -45.69 15.76 -3.29
CA GLN C 725 -45.77 15.96 -1.84
C GLN C 725 -46.46 17.28 -1.49
N PRO C 726 -46.08 18.41 -2.09
CA PRO C 726 -46.88 19.61 -1.86
C PRO C 726 -48.28 19.49 -2.43
N ALA C 727 -48.48 18.59 -3.40
CA ALA C 727 -49.81 18.26 -3.86
C ALA C 727 -50.65 17.66 -2.74
N PHE C 728 -50.21 16.54 -2.16
CA PHE C 728 -50.87 15.99 -0.99
C PHE C 728 -51.11 17.05 0.05
N SER C 729 -50.13 17.92 0.25
CA SER C 729 -50.24 18.90 1.32
C SER C 729 -51.40 19.85 1.09
N VAL C 730 -51.54 20.39 -0.12
CA VAL C 730 -52.67 21.27 -0.37
C VAL C 730 -53.98 20.50 -0.46
N ILE C 731 -53.94 19.26 -0.98
CA ILE C 731 -55.15 18.45 -1.06
C ILE C 731 -55.77 18.28 0.31
N PHE C 732 -55.04 17.72 1.25
CA PHE C 732 -55.66 17.61 2.57
C PHE C 732 -55.42 18.83 3.42
N SER C 733 -55.02 19.94 2.83
CA SER C 733 -55.37 21.22 3.41
C SER C 733 -56.84 21.54 3.10
N GLU C 734 -57.29 21.21 1.89
CA GLU C 734 -58.70 21.40 1.56
C GLU C 734 -59.58 20.45 2.35
N ILE C 735 -59.22 19.17 2.36
CA ILE C 735 -60.02 18.14 3.02
C ILE C 735 -60.36 18.53 4.46
N ILE C 736 -59.51 19.35 5.09
CA ILE C 736 -59.69 19.70 6.49
C ILE C 736 -60.61 20.93 6.54
N ALA C 737 -61.04 21.41 5.38
CA ALA C 737 -61.94 22.54 5.32
C ALA C 737 -63.29 22.19 4.73
N ILE C 738 -63.35 21.12 3.95
CA ILE C 738 -64.62 20.67 3.38
C ILE C 738 -65.31 19.71 4.34
N PHE C 739 -64.63 19.36 5.43
CA PHE C 739 -65.17 18.46 6.44
C PHE C 739 -65.49 19.23 7.71
N GLY C 740 -66.22 20.33 7.55
CA GLY C 740 -66.62 21.16 8.68
C GLY C 740 -68.01 20.81 9.17
N PRO C 741 -68.71 21.78 9.78
CA PRO C 741 -70.06 21.60 10.30
C PRO C 741 -71.13 22.16 9.36
N GLY C 742 -72.26 21.46 9.25
CA GLY C 742 -73.35 21.90 8.40
C GLY C 742 -73.21 21.47 6.95
N ASP C 743 -74.28 21.66 6.19
CA ASP C 743 -74.31 21.30 4.77
C ASP C 743 -73.81 19.89 4.49
N ASP C 744 -74.58 18.90 4.95
CA ASP C 744 -74.22 17.49 4.77
C ASP C 744 -74.59 16.95 3.40
N ALA C 745 -75.34 17.71 2.63
CA ALA C 745 -75.76 17.30 1.29
C ALA C 745 -74.66 17.57 0.26
N VAL C 746 -74.04 18.75 0.36
CA VAL C 746 -72.98 19.13 -0.56
C VAL C 746 -71.61 18.69 -0.07
N LYS C 747 -71.56 18.08 1.11
CA LYS C 747 -70.31 17.60 1.68
C LYS C 747 -69.92 16.26 1.06
N GLN C 748 -70.91 15.56 0.50
CA GLN C 748 -70.66 14.28 -0.15
C GLN C 748 -70.26 14.49 -1.60
N GLN C 749 -70.47 15.70 -2.10
CA GLN C 749 -70.10 16.05 -3.47
C GLN C 749 -68.60 16.24 -3.56
N LYS C 750 -68.09 17.16 -2.74
CA LYS C 750 -66.66 17.45 -2.72
C LYS C 750 -65.84 16.18 -2.50
N CYS C 751 -66.22 15.35 -1.52
CA CYS C 751 -65.46 14.12 -1.30
C CYS C 751 -65.49 13.19 -2.50
N ASN C 752 -66.50 13.28 -3.37
CA ASN C 752 -66.39 12.47 -4.57
C ASN C 752 -65.44 13.09 -5.60
N ILE C 753 -65.48 14.42 -5.74
CA ILE C 753 -64.48 15.09 -6.58
C ILE C 753 -63.08 14.67 -6.17
N PHE C 754 -62.85 14.52 -4.86
CA PHE C 754 -61.52 14.22 -4.37
C PHE C 754 -61.16 12.75 -4.53
N SER C 755 -62.12 11.84 -4.37
CA SER C 755 -61.87 10.48 -4.82
C SER C 755 -61.36 10.47 -6.25
N LEU C 756 -62.00 11.28 -7.10
CA LEU C 756 -61.60 11.32 -8.51
C LEU C 756 -60.19 11.87 -8.67
N ILE C 757 -59.92 13.05 -8.13
CA ILE C 757 -58.62 13.71 -8.19
C ILE C 757 -57.51 12.73 -7.80
N PHE C 758 -57.69 12.04 -6.67
CA PHE C 758 -56.72 11.01 -6.31
C PHE C 758 -56.54 9.99 -7.43
N LEU C 759 -57.63 9.57 -8.07
CA LEU C 759 -57.45 8.59 -9.15
C LEU C 759 -56.66 9.17 -10.32
N PHE C 760 -56.93 10.44 -10.66
CA PHE C 760 -56.26 11.03 -11.81
C PHE C 760 -54.77 11.21 -11.55
N LEU C 761 -54.39 11.65 -10.34
CA LEU C 761 -52.96 11.66 -10.06
C LEU C 761 -52.39 10.26 -10.01
N GLY C 762 -53.20 9.27 -9.67
CA GLY C 762 -52.77 7.90 -9.88
C GLY C 762 -52.27 7.67 -11.28
N ILE C 763 -53.07 8.04 -12.28
CA ILE C 763 -52.67 7.74 -13.66
C ILE C 763 -51.54 8.66 -14.13
N ILE C 764 -51.60 9.96 -13.80
CA ILE C 764 -50.48 10.84 -14.11
C ILE C 764 -49.19 10.23 -13.60
N SER C 765 -49.11 9.97 -12.30
CA SER C 765 -47.85 9.47 -11.75
C SER C 765 -47.51 8.09 -12.25
N PHE C 766 -48.48 7.31 -12.74
CA PHE C 766 -48.10 6.17 -13.57
C PHE C 766 -47.19 6.62 -14.69
N PHE C 767 -47.62 7.63 -15.44
CA PHE C 767 -46.87 7.96 -16.65
C PHE C 767 -45.60 8.74 -16.31
N THR C 768 -45.67 9.65 -15.35
CA THR C 768 -44.50 10.40 -14.94
C THR C 768 -43.41 9.49 -14.37
N PHE C 769 -43.79 8.51 -13.53
CA PHE C 769 -42.77 7.63 -12.97
C PHE C 769 -42.20 6.70 -14.03
N PHE C 770 -43.06 6.15 -14.89
CA PHE C 770 -42.52 5.33 -15.98
C PHE C 770 -41.52 6.13 -16.80
N LEU C 771 -41.89 7.35 -17.19
CA LEU C 771 -40.98 8.12 -18.01
C LEU C 771 -39.68 8.34 -17.25
N GLN C 772 -39.71 9.09 -16.15
CA GLN C 772 -38.51 9.34 -15.37
C GLN C 772 -37.57 8.15 -15.30
N GLY C 773 -38.09 7.02 -14.85
CA GLY C 773 -37.28 5.84 -14.76
C GLY C 773 -36.71 5.46 -16.11
N PHE C 774 -37.56 5.03 -17.05
CA PHE C 774 -37.08 4.52 -18.33
C PHE C 774 -36.09 5.44 -19.01
N THR C 775 -36.34 6.76 -18.91
CA THR C 775 -35.48 7.75 -19.51
C THR C 775 -34.07 7.70 -18.94
N PHE C 776 -33.94 7.89 -17.63
CA PHE C 776 -32.58 7.88 -17.07
C PHE C 776 -31.97 6.49 -17.08
N GLY C 777 -32.78 5.44 -17.15
CA GLY C 777 -32.24 4.10 -17.28
C GLY C 777 -31.57 3.88 -18.63
N LYS C 778 -32.20 4.35 -19.70
CA LYS C 778 -31.55 4.15 -20.98
C LYS C 778 -30.44 5.15 -21.23
N ALA C 779 -30.49 6.34 -20.63
CA ALA C 779 -29.35 7.24 -20.74
C ALA C 779 -28.14 6.69 -19.98
N GLY C 780 -28.38 6.11 -18.80
CA GLY C 780 -27.31 5.44 -18.11
C GLY C 780 -26.72 4.30 -18.91
N GLU C 781 -27.58 3.45 -19.48
CA GLU C 781 -27.07 2.35 -20.28
C GLU C 781 -26.23 2.84 -21.46
N ILE C 782 -26.67 3.91 -22.11
CA ILE C 782 -25.90 4.50 -23.19
C ILE C 782 -24.50 4.86 -22.72
N LEU C 783 -24.44 5.74 -21.71
CA LEU C 783 -23.15 6.19 -21.20
C LEU C 783 -22.27 5.00 -20.82
N THR C 784 -22.89 3.95 -20.26
CA THR C 784 -22.12 2.81 -19.80
C THR C 784 -21.46 2.09 -20.96
N ARG C 785 -22.19 1.91 -22.06
CA ARG C 785 -21.59 1.18 -23.16
C ARG C 785 -20.51 2.01 -23.85
N ARG C 786 -20.74 3.33 -24.00
CA ARG C 786 -19.63 4.16 -24.44
C ARG C 786 -18.41 3.96 -23.56
N LEU C 787 -18.51 4.31 -22.27
CA LEU C 787 -17.35 4.25 -21.40
C LEU C 787 -16.66 2.90 -21.46
N ARG C 788 -17.42 1.82 -21.46
CA ARG C 788 -16.82 0.49 -21.54
C ARG C 788 -15.95 0.35 -22.79
N SER C 789 -16.49 0.71 -23.95
CA SER C 789 -15.70 0.46 -25.16
C SER C 789 -14.58 1.49 -25.32
N MET C 790 -14.79 2.72 -24.88
CA MET C 790 -13.74 3.72 -24.93
C MET C 790 -12.55 3.30 -24.05
N ALA C 791 -12.82 2.99 -22.78
CA ALA C 791 -11.76 2.49 -21.91
C ALA C 791 -11.07 1.27 -22.50
N PHE C 792 -11.82 0.34 -23.10
CA PHE C 792 -11.16 -0.89 -23.55
C PHE C 792 -10.32 -0.66 -24.79
N LYS C 793 -10.79 0.18 -25.71
CA LYS C 793 -9.94 0.56 -26.83
C LYS C 793 -8.67 1.24 -26.32
N ALA C 794 -8.82 2.31 -25.55
CA ALA C 794 -7.68 3.07 -25.07
C ALA C 794 -6.90 2.31 -24.00
N MET C 795 -7.30 1.07 -23.74
CA MET C 795 -6.52 0.16 -22.90
C MET C 795 -5.94 -1.00 -23.68
N LEU C 796 -6.24 -1.12 -24.96
CA LEU C 796 -5.35 -1.94 -25.78
C LEU C 796 -4.30 -1.08 -26.46
N ARG C 797 -4.44 0.24 -26.38
CA ARG C 797 -3.50 1.19 -26.97
C ARG C 797 -2.54 1.68 -25.88
N GLN C 798 -1.57 0.83 -25.56
CA GLN C 798 -0.46 1.19 -24.71
C GLN C 798 0.72 0.36 -25.14
N ASP C 799 1.82 0.44 -24.40
CA ASP C 799 2.92 -0.48 -24.57
C ASP C 799 2.75 -1.63 -23.59
N MET C 800 3.75 -2.49 -23.48
CA MET C 800 3.77 -3.45 -22.40
C MET C 800 4.65 -2.98 -21.25
N SER C 801 5.12 -1.74 -21.31
CA SER C 801 5.75 -1.11 -20.17
C SER C 801 4.73 -0.59 -19.17
N TRP C 802 3.46 -0.95 -19.33
CA TRP C 802 2.37 -0.48 -18.49
C TRP C 802 1.49 -1.60 -17.99
N PHE C 803 1.45 -2.73 -18.69
CA PHE C 803 0.59 -3.86 -18.36
C PHE C 803 1.29 -4.93 -17.54
N ASP C 804 2.50 -4.64 -17.05
CA ASP C 804 3.23 -5.57 -16.20
C ASP C 804 3.20 -5.17 -14.74
N ASP C 805 2.78 -3.95 -14.44
CA ASP C 805 2.85 -3.37 -13.11
C ASP C 805 1.76 -3.98 -12.23
N HIS C 806 1.56 -3.39 -11.06
CA HIS C 806 0.55 -3.85 -10.12
C HIS C 806 -0.55 -2.83 -9.91
N LYS C 807 -0.31 -1.57 -10.24
CA LYS C 807 -1.42 -0.64 -10.40
C LYS C 807 -2.31 -1.04 -11.56
N ASN C 808 -1.80 -1.84 -12.51
CA ASN C 808 -2.57 -2.29 -13.68
C ASN C 808 -2.39 -3.80 -13.82
N SER C 809 -3.17 -4.56 -13.05
CA SER C 809 -3.16 -6.00 -13.11
C SER C 809 -4.05 -6.48 -14.25
N THR C 810 -4.39 -7.76 -14.23
CA THR C 810 -5.48 -8.23 -15.08
C THR C 810 -6.83 -7.94 -14.43
N GLY C 811 -7.00 -8.35 -13.17
CA GLY C 811 -8.25 -8.11 -12.49
C GLY C 811 -8.42 -6.67 -12.04
N ALA C 812 -7.33 -5.94 -11.89
CA ALA C 812 -7.45 -4.51 -11.61
C ALA C 812 -8.07 -3.77 -12.79
N LEU C 813 -7.48 -3.93 -13.96
CA LEU C 813 -8.10 -3.41 -15.18
C LEU C 813 -9.54 -3.86 -15.31
N SER C 814 -9.79 -5.18 -15.25
CA SER C 814 -11.15 -5.68 -15.44
C SER C 814 -12.13 -5.13 -14.40
N THR C 815 -11.68 -4.96 -13.17
CA THR C 815 -12.47 -4.24 -12.18
C THR C 815 -12.81 -2.86 -12.67
N ARG C 816 -11.82 -2.14 -13.21
CA ARG C 816 -12.11 -0.77 -13.63
C ARG C 816 -13.13 -0.77 -14.77
N LEU C 817 -12.98 -1.68 -15.72
CA LEU C 817 -13.97 -1.84 -16.78
C LEU C 817 -15.36 -2.11 -16.22
N ALA C 818 -15.50 -3.21 -15.49
CA ALA C 818 -16.82 -3.73 -15.16
C ALA C 818 -17.42 -3.08 -13.91
N THR C 819 -16.73 -2.11 -13.32
CA THR C 819 -17.33 -1.43 -12.18
C THR C 819 -17.27 0.10 -12.25
N ASP C 820 -16.21 0.67 -12.80
CA ASP C 820 -16.14 2.12 -12.83
C ASP C 820 -17.01 2.68 -13.95
N ALA C 821 -17.21 1.91 -15.01
CA ALA C 821 -18.20 2.28 -16.00
C ALA C 821 -19.58 2.46 -15.36
N ALA C 822 -20.05 1.43 -14.66
CA ALA C 822 -21.36 1.51 -14.02
C ALA C 822 -21.41 2.65 -13.02
N GLN C 823 -20.32 2.91 -12.29
CA GLN C 823 -20.43 3.94 -11.27
C GLN C 823 -20.45 5.34 -11.88
N VAL C 824 -19.67 5.59 -12.94
CA VAL C 824 -19.75 6.90 -13.58
C VAL C 824 -21.10 7.07 -14.24
N GLN C 825 -21.64 5.99 -14.81
CA GLN C 825 -23.04 5.98 -15.24
C GLN C 825 -23.96 6.50 -14.16
N GLY C 826 -23.81 6.02 -12.95
CA GLY C 826 -24.61 6.58 -11.90
C GLY C 826 -24.40 8.07 -11.81
N ALA C 827 -23.18 8.43 -11.40
CA ALA C 827 -22.89 9.78 -10.95
C ALA C 827 -23.12 10.84 -12.01
N THR C 828 -23.36 10.48 -13.26
CA THR C 828 -23.59 11.51 -14.25
C THR C 828 -24.94 12.21 -14.04
N GLY C 829 -26.03 11.46 -14.14
CA GLY C 829 -27.36 12.03 -14.16
C GLY C 829 -28.31 11.51 -13.11
N THR C 830 -27.97 10.40 -12.44
CA THR C 830 -28.74 10.05 -11.27
C THR C 830 -28.73 11.20 -10.28
N ARG C 831 -27.57 11.81 -10.06
CA ARG C 831 -27.52 13.04 -9.26
C ARG C 831 -28.35 14.15 -9.85
N LEU C 832 -28.46 14.24 -11.18
CA LEU C 832 -29.31 15.27 -11.77
C LEU C 832 -30.76 15.12 -11.32
N ALA C 833 -31.28 13.89 -11.41
CA ALA C 833 -32.61 13.62 -10.87
C ALA C 833 -32.66 13.94 -9.39
N LEU C 834 -31.84 13.25 -8.59
CA LEU C 834 -31.82 13.41 -7.14
C LEU C 834 -31.80 14.86 -6.70
N ILE C 835 -31.21 15.75 -7.50
CA ILE C 835 -31.27 17.17 -7.15
C ILE C 835 -32.54 17.82 -7.65
N ALA C 836 -33.09 17.38 -8.80
CA ALA C 836 -34.29 18.02 -9.30
C ALA C 836 -35.51 17.70 -8.46
N GLN C 837 -35.65 16.44 -8.04
CA GLN C 837 -36.68 16.07 -7.08
C GLN C 837 -36.54 16.90 -5.83
N ASN C 838 -35.43 16.72 -5.12
CA ASN C 838 -35.22 17.30 -3.80
C ASN C 838 -35.15 18.82 -3.86
N ILE C 839 -35.19 19.39 -5.06
CA ILE C 839 -35.44 20.83 -5.17
C ILE C 839 -36.92 21.10 -5.35
N ALA C 840 -37.63 20.31 -6.15
CA ALA C 840 -39.05 20.53 -6.33
C ALA C 840 -39.90 19.94 -5.20
N ASN C 841 -39.26 19.42 -4.16
CA ASN C 841 -39.94 18.66 -3.11
C ASN C 841 -39.78 19.33 -1.75
N LEU C 842 -38.56 19.66 -1.34
CA LEU C 842 -38.42 20.58 -0.22
C LEU C 842 -38.51 22.00 -0.70
N GLY C 843 -37.98 22.28 -1.89
CA GLY C 843 -38.05 23.62 -2.42
C GLY C 843 -39.48 24.06 -2.54
N THR C 844 -40.29 23.31 -3.27
CA THR C 844 -41.70 23.68 -3.42
C THR C 844 -42.41 23.72 -2.07
N GLY C 845 -42.07 22.80 -1.17
CA GLY C 845 -42.73 22.76 0.12
C GLY C 845 -42.28 23.87 1.04
N ILE C 846 -40.98 24.12 1.10
CA ILE C 846 -40.50 25.28 1.84
C ILE C 846 -41.13 26.55 1.30
N ILE C 847 -41.29 26.66 -0.02
CA ILE C 847 -41.86 27.86 -0.61
C ILE C 847 -43.32 28.02 -0.20
N ILE C 848 -44.10 26.96 -0.37
CA ILE C 848 -45.52 26.99 -0.01
C ILE C 848 -45.68 27.32 1.46
N SER C 849 -45.07 26.51 2.32
CA SER C 849 -45.06 26.77 3.75
C SER C 849 -44.71 28.21 4.09
N PHE C 850 -43.71 28.80 3.41
CA PHE C 850 -43.39 30.19 3.70
C PHE C 850 -44.48 31.13 3.22
N ILE C 851 -45.19 30.77 2.17
CA ILE C 851 -46.28 31.63 1.72
C ILE C 851 -47.40 31.64 2.75
N TYR C 852 -47.78 30.46 3.22
CA TYR C 852 -48.95 30.31 4.09
C TYR C 852 -48.64 30.70 5.53
N GLY C 853 -47.70 30.00 6.17
CA GLY C 853 -47.26 30.37 7.50
C GLY C 853 -45.77 30.28 7.68
N TRP C 854 -45.10 31.39 7.97
CA TRP C 854 -43.64 31.40 7.97
C TRP C 854 -43.04 31.10 9.33
N GLN C 855 -43.74 31.49 10.40
CA GLN C 855 -43.27 31.29 11.75
C GLN C 855 -43.07 29.82 12.07
N LEU C 856 -44.05 28.99 11.72
CA LEU C 856 -43.95 27.56 11.97
C LEU C 856 -43.05 26.89 10.95
N THR C 857 -42.90 27.51 9.78
CA THR C 857 -42.04 26.98 8.74
C THR C 857 -40.60 27.10 9.22
N LEU C 858 -40.30 28.23 9.86
CA LEU C 858 -38.96 28.47 10.39
C LEU C 858 -38.67 27.41 11.42
N LEU C 859 -39.56 27.25 12.39
CA LEU C 859 -39.39 26.24 13.43
C LEU C 859 -39.22 24.84 12.86
N LEU C 860 -39.85 24.53 11.72
CA LEU C 860 -39.66 23.20 11.14
C LEU C 860 -38.39 23.08 10.31
N LEU C 861 -37.97 24.16 9.64
CA LEU C 861 -36.66 24.12 9.01
C LEU C 861 -35.59 23.83 10.04
N ALA C 862 -35.73 24.42 11.23
CA ALA C 862 -34.81 24.12 12.32
C ALA C 862 -34.61 22.63 12.51
N VAL C 863 -35.66 21.84 12.30
CA VAL C 863 -35.63 20.42 12.63
C VAL C 863 -35.30 19.53 11.43
N VAL C 864 -35.60 19.97 10.21
CA VAL C 864 -35.39 19.18 8.99
C VAL C 864 -34.08 18.38 8.97
N PRO C 865 -32.94 18.94 9.41
CA PRO C 865 -31.72 18.15 9.44
C PRO C 865 -31.73 17.04 10.46
N ILE C 866 -32.64 17.07 11.43
CA ILE C 866 -32.63 16.08 12.51
C ILE C 866 -33.68 15.02 12.22
N ILE C 867 -34.53 15.26 11.22
CA ILE C 867 -35.45 14.22 10.78
C ILE C 867 -34.88 13.45 9.61
N ALA C 868 -34.20 14.13 8.69
CA ALA C 868 -33.67 13.38 7.54
C ALA C 868 -32.30 12.79 7.82
N VAL C 869 -32.13 12.13 8.97
CA VAL C 869 -30.87 11.48 9.30
C VAL C 869 -31.10 10.01 9.60
N SER C 870 -32.28 9.67 10.12
CA SER C 870 -32.53 8.28 10.48
C SER C 870 -32.63 7.41 9.23
N GLY C 871 -33.23 7.94 8.16
CA GLY C 871 -33.33 7.18 6.93
C GLY C 871 -31.98 6.91 6.31
N ILE C 872 -31.04 7.84 6.45
CA ILE C 872 -29.73 7.61 5.88
C ILE C 872 -28.84 6.81 6.83
N VAL C 873 -29.14 6.83 8.13
CA VAL C 873 -28.32 6.07 9.08
C VAL C 873 -28.63 4.59 8.98
N GLU C 874 -29.92 4.23 9.00
CA GLU C 874 -30.28 2.81 9.00
C GLU C 874 -29.58 2.03 7.89
N MET C 875 -29.24 2.68 6.78
CA MET C 875 -28.49 2.04 5.70
C MET C 875 -27.23 2.83 5.34
N LYS C 876 -26.67 3.59 6.28
CA LYS C 876 -25.36 4.22 6.15
C LYS C 876 -24.36 3.67 7.17
N LEU C 877 -24.68 3.83 8.45
CA LEU C 877 -23.92 3.33 9.60
C LEU C 877 -22.41 3.55 9.50
N LEU C 878 -21.97 4.53 8.70
CA LEU C 878 -20.56 4.93 8.63
C LEU C 878 -20.50 6.40 8.21
N ALA C 879 -20.45 7.30 9.19
CA ALA C 879 -20.44 8.74 8.92
C ALA C 879 -19.19 9.44 9.40
N GLY C 880 -18.79 9.20 10.65
CA GLY C 880 -17.48 9.62 11.12
C GLY C 880 -16.58 8.42 11.23
N ASN C 881 -16.94 7.37 10.48
CA ASN C 881 -16.31 6.07 10.60
C ASN C 881 -15.98 5.43 9.26
N ALA C 882 -16.50 5.96 8.14
CA ALA C 882 -16.45 5.24 6.87
C ALA C 882 -15.01 5.02 6.39
N LYS C 883 -14.32 6.11 6.05
CA LYS C 883 -12.92 5.98 5.70
C LYS C 883 -12.17 5.30 6.84
N ARG C 884 -12.66 5.45 8.06
CA ARG C 884 -12.03 4.84 9.22
C ARG C 884 -12.09 3.32 9.11
N ASP C 885 -13.26 2.80 8.76
CA ASP C 885 -13.44 1.36 8.60
C ASP C 885 -12.50 0.82 7.53
N LYS C 886 -12.39 1.53 6.42
CA LYS C 886 -11.52 1.11 5.33
C LYS C 886 -10.08 1.10 5.81
N LYS C 887 -9.70 2.11 6.59
CA LYS C 887 -8.34 2.20 7.10
C LYS C 887 -8.06 1.13 8.14
N GLU C 888 -8.83 1.08 9.22
CA GLU C 888 -8.42 0.18 10.29
C GLU C 888 -8.49 -1.27 9.83
N LEU C 889 -9.49 -1.62 9.03
CA LEU C 889 -9.54 -3.00 8.57
C LEU C 889 -8.43 -3.34 7.59
N GLU C 890 -7.97 -2.41 6.76
CA GLU C 890 -6.82 -2.75 5.92
C GLU C 890 -5.56 -2.90 6.75
N ALA C 891 -5.37 -2.01 7.74
CA ALA C 891 -4.17 -2.06 8.55
C ALA C 891 -4.15 -3.30 9.42
N ALA C 892 -5.32 -3.89 9.67
CA ALA C 892 -5.35 -5.13 10.43
C ALA C 892 -5.38 -6.37 9.54
N GLY C 893 -5.73 -6.21 8.26
CA GLY C 893 -5.75 -7.35 7.37
C GLY C 893 -4.49 -7.48 6.54
N LYS C 894 -3.58 -6.51 6.64
CA LYS C 894 -2.32 -6.62 5.94
C LYS C 894 -1.61 -7.94 6.26
N ILE C 895 -1.67 -8.37 7.53
CA ILE C 895 -1.09 -9.66 7.91
C ILE C 895 -1.86 -10.81 7.27
N ALA C 896 -3.19 -10.70 7.24
CA ALA C 896 -4.01 -11.67 6.53
C ALA C 896 -3.48 -11.88 5.11
N THR C 897 -3.35 -10.78 4.37
CA THR C 897 -2.87 -10.83 3.00
C THR C 897 -1.46 -11.40 2.92
N GLU C 898 -0.57 -10.97 3.82
CA GLU C 898 0.81 -11.43 3.82
C GLU C 898 0.87 -12.95 3.95
N ALA C 899 0.36 -13.48 5.05
CA ALA C 899 0.41 -14.93 5.25
C ALA C 899 -0.54 -15.68 4.34
N ILE C 900 -1.39 -14.98 3.60
CA ILE C 900 -2.34 -15.67 2.74
C ILE C 900 -1.79 -15.84 1.33
N GLU C 901 -0.86 -14.99 0.91
CA GLU C 901 -0.32 -15.14 -0.44
C GLU C 901 0.86 -16.10 -0.47
N ASN C 902 1.91 -15.77 0.28
CA ASN C 902 3.11 -16.61 0.37
C ASN C 902 2.93 -17.63 1.50
N ILE C 903 2.12 -18.65 1.23
CA ILE C 903 1.70 -19.54 2.30
C ILE C 903 2.43 -20.87 2.31
N ARG C 904 3.17 -21.20 1.25
CA ARG C 904 3.96 -22.41 1.28
C ARG C 904 5.01 -22.32 2.37
N THR C 905 5.52 -21.12 2.61
CA THR C 905 6.55 -20.94 3.63
C THR C 905 5.97 -20.90 5.04
N VAL C 906 4.96 -20.05 5.29
CA VAL C 906 4.30 -20.06 6.58
C VAL C 906 3.95 -21.49 6.97
N VAL C 907 3.22 -22.20 6.11
CA VAL C 907 2.90 -23.57 6.42
C VAL C 907 4.12 -24.48 6.37
N SER C 908 5.27 -23.99 5.90
CA SER C 908 6.46 -24.85 5.84
C SER C 908 7.36 -24.65 7.04
N LEU C 909 7.47 -23.42 7.54
CA LEU C 909 8.13 -23.17 8.82
C LEU C 909 7.32 -23.62 10.01
N THR C 910 6.09 -24.09 9.81
CA THR C 910 5.09 -24.18 10.87
C THR C 910 5.21 -22.99 11.79
N GLN C 911 5.10 -21.82 11.19
CA GLN C 911 5.21 -20.57 11.92
C GLN C 911 3.99 -19.74 11.65
N GLU C 912 2.83 -20.38 11.78
CA GLU C 912 1.53 -19.81 11.49
C GLU C 912 0.84 -19.29 12.73
N ARG C 913 1.05 -19.91 13.87
CA ARG C 913 0.43 -19.43 15.10
C ARG C 913 0.90 -18.02 15.45
N LYS C 914 2.14 -17.67 15.09
CA LYS C 914 2.60 -16.31 15.26
C LYS C 914 1.76 -15.35 14.41
N PHE C 915 1.47 -15.75 13.17
CA PHE C 915 0.70 -14.91 12.26
C PHE C 915 -0.74 -14.77 12.74
N GLU C 916 -1.32 -15.88 13.15
CA GLU C 916 -2.64 -15.87 13.77
C GLU C 916 -2.71 -14.88 14.91
N SER C 917 -1.79 -14.97 15.88
CA SER C 917 -1.86 -14.09 17.04
C SER C 917 -1.65 -12.63 16.67
N MET C 918 -0.82 -12.35 15.67
CA MET C 918 -0.73 -10.96 15.20
C MET C 918 -2.05 -10.52 14.59
N TYR C 919 -2.67 -11.41 13.82
CA TYR C 919 -4.00 -11.15 13.26
C TYR C 919 -4.95 -10.71 14.35
N VAL C 920 -5.12 -11.55 15.37
CA VAL C 920 -5.97 -11.24 16.51
C VAL C 920 -5.64 -9.86 17.09
N GLU C 921 -4.38 -9.64 17.45
CA GLU C 921 -4.11 -8.41 18.16
C GLU C 921 -4.24 -7.19 17.27
N LYS C 922 -4.35 -7.38 15.95
CA LYS C 922 -4.69 -6.28 15.05
C LYS C 922 -6.20 -6.15 14.85
N LEU C 923 -6.95 -7.25 15.00
CA LEU C 923 -8.40 -7.19 15.05
C LEU C 923 -8.88 -6.40 16.25
N TYR C 924 -8.08 -6.33 17.31
CA TYR C 924 -8.55 -5.59 18.48
C TYR C 924 -8.77 -4.11 18.15
N GLY C 925 -8.51 -3.69 16.92
CA GLY C 925 -8.75 -2.33 16.52
C GLY C 925 -10.11 -2.11 15.87
N PRO C 926 -10.45 -2.97 14.88
CA PRO C 926 -11.83 -2.97 14.36
C PRO C 926 -12.88 -3.18 15.43
N TYR C 927 -12.47 -3.71 16.58
CA TYR C 927 -13.42 -4.09 17.60
C TYR C 927 -13.84 -2.90 18.43
N ARG C 928 -12.88 -2.12 18.91
CA ARG C 928 -13.25 -0.88 19.59
C ARG C 928 -13.77 0.15 18.60
N ASN C 929 -13.34 0.06 17.34
CA ASN C 929 -13.97 0.85 16.31
C ASN C 929 -15.47 0.57 16.27
N SER C 930 -15.83 -0.71 16.06
CA SER C 930 -17.23 -1.10 16.00
C SER C 930 -17.99 -0.76 17.26
N VAL C 931 -17.34 -0.79 18.42
CA VAL C 931 -18.08 -0.50 19.65
C VAL C 931 -18.43 0.97 19.73
N GLN C 932 -17.46 1.85 19.49
CA GLN C 932 -17.82 3.26 19.52
C GLN C 932 -18.74 3.62 18.35
N LYS C 933 -18.63 2.90 17.24
CA LYS C 933 -19.55 3.02 16.12
C LYS C 933 -20.98 2.76 16.56
N ALA C 934 -21.24 1.56 17.05
CA ALA C 934 -22.54 1.18 17.58
C ALA C 934 -23.07 2.25 18.50
N HIS C 935 -22.25 2.78 19.40
CA HIS C 935 -22.83 3.64 20.42
C HIS C 935 -23.15 5.04 19.91
N ILE C 936 -22.28 5.63 19.08
CA ILE C 936 -22.64 6.97 18.59
C ILE C 936 -23.71 6.89 17.51
N TYR C 937 -23.83 5.73 16.83
CA TYR C 937 -24.87 5.62 15.81
C TYR C 937 -26.23 5.30 16.41
N GLY C 938 -26.27 4.45 17.45
CA GLY C 938 -27.48 4.35 18.23
C GLY C 938 -27.94 5.70 18.73
N ILE C 939 -27.01 6.56 19.13
CA ILE C 939 -27.41 7.88 19.63
C ILE C 939 -27.97 8.76 18.51
N THR C 940 -27.32 8.80 17.34
CA THR C 940 -27.87 9.64 16.28
C THR C 940 -29.22 9.12 15.78
N PHE C 941 -29.34 7.80 15.58
CA PHE C 941 -30.61 7.21 15.14
C PHE C 941 -31.73 7.51 16.13
N SER C 942 -31.47 7.28 17.42
CA SER C 942 -32.50 7.48 18.41
C SER C 942 -32.88 8.94 18.52
N ILE C 943 -31.93 9.86 18.39
CA ILE C 943 -32.35 11.24 18.56
C ILE C 943 -33.09 11.75 17.34
N SER C 944 -32.75 11.27 16.14
CA SER C 944 -33.56 11.62 14.97
C SER C 944 -34.99 11.13 15.13
N GLN C 945 -35.15 9.82 15.32
CA GLN C 945 -36.47 9.26 15.57
C GLN C 945 -37.23 10.05 16.62
N ALA C 946 -36.70 10.09 17.85
CA ALA C 946 -37.46 10.75 18.90
C ALA C 946 -37.70 12.22 18.59
N PHE C 947 -36.91 12.79 17.69
CA PHE C 947 -37.16 14.19 17.43
C PHE C 947 -38.29 14.34 16.42
N MET C 948 -38.62 13.26 15.71
CA MET C 948 -39.90 13.23 14.99
C MET C 948 -41.10 13.45 15.92
N TYR C 949 -41.17 12.71 17.03
CA TYR C 949 -42.33 12.84 17.91
C TYR C 949 -42.30 14.17 18.63
N PHE C 950 -41.13 14.57 19.13
CA PHE C 950 -41.06 15.91 19.68
C PHE C 950 -41.37 16.96 18.62
N SER C 951 -41.25 16.60 17.34
CA SER C 951 -41.63 17.50 16.25
C SER C 951 -43.14 17.67 16.21
N TYR C 952 -43.86 16.55 16.15
CA TYR C 952 -45.31 16.60 16.34
C TYR C 952 -45.67 17.51 17.50
N ALA C 953 -44.97 17.34 18.62
CA ALA C 953 -45.39 17.98 19.86
C ALA C 953 -45.17 19.48 19.83
N GLY C 954 -43.92 19.91 19.67
CA GLY C 954 -43.65 21.33 19.67
C GLY C 954 -44.28 22.05 18.49
N CYS C 955 -44.32 21.38 17.33
CA CYS C 955 -44.93 21.97 16.14
C CYS C 955 -46.42 22.21 16.35
N PHE C 956 -47.14 21.24 16.91
CA PHE C 956 -48.57 21.45 17.10
C PHE C 956 -48.88 22.33 18.29
N ARG C 957 -48.05 22.35 19.32
CA ARG C 957 -48.27 23.30 20.40
C ARG C 957 -48.09 24.73 19.93
N PHE C 958 -46.93 25.02 19.34
CA PHE C 958 -46.73 26.31 18.68
C PHE C 958 -47.84 26.57 17.68
N GLY C 959 -48.28 25.54 16.96
CA GLY C 959 -49.38 25.68 16.03
C GLY C 959 -50.64 26.17 16.70
N ALA C 960 -51.04 25.51 17.79
CA ALA C 960 -52.27 25.89 18.47
C ALA C 960 -52.16 27.28 19.07
N TYR C 961 -50.95 27.69 19.43
CA TYR C 961 -50.77 29.07 19.86
C TYR C 961 -51.06 30.01 18.71
N LEU C 962 -50.36 29.82 17.59
CA LEU C 962 -50.64 30.56 16.37
C LEU C 962 -52.14 30.66 16.11
N ILE C 963 -52.80 29.51 16.02
CA ILE C 963 -54.23 29.45 15.69
C ILE C 963 -55.03 30.34 16.64
N VAL C 964 -54.77 30.25 17.94
CA VAL C 964 -55.57 31.06 18.86
C VAL C 964 -55.11 32.49 18.89
N ASN C 965 -54.05 32.84 18.16
CA ASN C 965 -53.64 34.23 18.05
C ASN C 965 -54.25 34.94 16.85
N GLY C 966 -54.81 34.19 15.90
CA GLY C 966 -55.15 34.74 14.61
C GLY C 966 -54.13 34.48 13.53
N HIS C 967 -52.89 34.17 13.90
CA HIS C 967 -51.77 34.11 12.96
C HIS C 967 -51.82 32.90 12.03
N MET C 968 -52.84 32.05 12.13
CA MET C 968 -53.01 30.91 11.23
C MET C 968 -54.40 30.30 11.33
N ARG C 969 -54.57 29.13 10.73
CA ARG C 969 -55.86 28.47 10.69
C ARG C 969 -55.65 27.00 10.39
N PHE C 970 -56.28 26.12 11.18
CA PHE C 970 -55.79 24.76 11.35
C PHE C 970 -55.58 24.05 10.03
N ARG C 971 -56.40 24.37 9.03
CA ARG C 971 -56.16 23.87 7.68
C ARG C 971 -54.74 24.22 7.21
N ASP C 972 -54.21 25.37 7.62
CA ASP C 972 -52.87 25.78 7.22
C ASP C 972 -51.77 25.23 8.12
N VAL C 973 -52.03 25.08 9.42
CA VAL C 973 -51.05 24.39 10.25
C VAL C 973 -50.86 22.97 9.76
N ILE C 974 -51.92 22.35 9.22
CA ILE C 974 -51.78 20.99 8.75
C ILE C 974 -51.40 20.92 7.27
N LEU C 975 -51.44 22.03 6.55
CA LEU C 975 -50.66 22.12 5.32
C LEU C 975 -49.16 22.15 5.61
N VAL C 976 -48.73 23.16 6.38
CA VAL C 976 -47.32 23.40 6.63
C VAL C 976 -46.66 22.18 7.26
N PHE C 977 -47.17 21.75 8.42
CA PHE C 977 -46.60 20.60 9.09
C PHE C 977 -46.29 19.49 8.12
N SER C 978 -47.23 19.13 7.26
CA SER C 978 -47.05 17.92 6.46
C SER C 978 -46.16 18.18 5.27
N ALA C 979 -46.28 19.35 4.65
CA ALA C 979 -45.39 19.74 3.57
C ALA C 979 -43.94 19.61 3.99
N ILE C 980 -43.59 20.24 5.12
CA ILE C 980 -42.19 20.27 5.53
C ILE C 980 -41.77 18.94 6.13
N VAL C 981 -42.51 18.41 7.11
CA VAL C 981 -42.09 17.18 7.75
C VAL C 981 -41.92 16.05 6.74
N PHE C 982 -42.71 16.04 5.66
CA PHE C 982 -42.55 14.90 4.79
C PHE C 982 -41.80 15.19 3.52
N GLY C 983 -41.58 16.45 3.17
CA GLY C 983 -40.44 16.76 2.34
C GLY C 983 -39.14 16.32 3.01
N ALA C 984 -39.08 16.47 4.34
CA ALA C 984 -37.90 16.03 5.09
C ALA C 984 -37.74 14.52 5.06
N VAL C 985 -38.78 13.77 5.45
CA VAL C 985 -38.66 12.31 5.40
C VAL C 985 -38.41 11.83 3.97
N ALA C 986 -38.94 12.55 2.97
CA ALA C 986 -38.74 12.14 1.59
C ALA C 986 -37.32 12.41 1.12
N LEU C 987 -36.75 13.55 1.50
CA LEU C 987 -35.32 13.79 1.30
C LEU C 987 -34.50 12.67 1.91
N GLY C 988 -34.84 12.29 3.14
CA GLY C 988 -34.20 11.13 3.75
C GLY C 988 -34.22 9.91 2.87
N HIS C 989 -35.42 9.47 2.51
CA HIS C 989 -35.61 8.28 1.69
C HIS C 989 -34.93 8.31 0.33
N ALA C 990 -34.87 9.49 -0.28
CA ALA C 990 -34.27 9.62 -1.60
C ALA C 990 -32.75 9.67 -1.51
N SER C 991 -32.22 10.57 -0.68
CA SER C 991 -30.79 10.60 -0.40
C SER C 991 -30.26 9.22 -0.07
N SER C 992 -30.84 8.55 0.94
CA SER C 992 -30.32 7.26 1.38
C SER C 992 -30.51 6.16 0.34
N PHE C 993 -30.98 6.49 -0.85
CA PHE C 993 -31.09 5.57 -1.97
C PHE C 993 -30.34 6.21 -3.14
N ALA C 994 -29.05 5.90 -3.25
CA ALA C 994 -28.15 6.70 -4.06
C ALA C 994 -26.88 5.89 -4.31
N PRO C 995 -26.16 6.18 -5.39
CA PRO C 995 -24.96 5.40 -5.76
C PRO C 995 -23.62 5.93 -5.29
N ASP C 996 -23.57 6.90 -4.38
CA ASP C 996 -22.32 7.52 -3.93
C ASP C 996 -21.58 8.21 -5.08
N TYR C 997 -22.18 9.32 -5.51
CA TYR C 997 -21.54 10.24 -6.45
C TYR C 997 -20.09 10.47 -6.14
N ALA C 998 -19.79 10.99 -4.94
CA ALA C 998 -18.41 11.30 -4.60
C ALA C 998 -17.52 10.06 -4.56
N LYS C 999 -18.09 8.86 -4.63
CA LYS C 999 -17.29 7.68 -4.89
C LYS C 999 -16.91 7.62 -6.37
N ALA C 1000 -17.91 7.59 -7.23
CA ALA C 1000 -17.71 7.43 -8.68
C ALA C 1000 -17.07 8.62 -9.33
N LYS C 1001 -16.87 9.72 -8.63
CA LYS C 1001 -16.03 10.76 -9.16
C LYS C 1001 -14.55 10.36 -9.17
N LEU C 1002 -14.15 9.46 -8.27
CA LEU C 1002 -12.84 8.84 -8.38
C LEU C 1002 -12.77 7.88 -9.56
N SER C 1003 -13.85 7.15 -9.82
CA SER C 1003 -13.92 6.41 -11.07
C SER C 1003 -13.78 7.32 -12.28
N ALA C 1004 -14.42 8.48 -12.22
CA ALA C 1004 -14.28 9.47 -13.30
C ALA C 1004 -12.82 9.82 -13.50
N ALA C 1005 -12.12 10.18 -12.43
CA ALA C 1005 -10.73 10.57 -12.55
C ALA C 1005 -9.86 9.44 -13.08
N HIS C 1006 -10.07 8.21 -12.60
CA HIS C 1006 -9.32 7.06 -13.10
C HIS C 1006 -9.53 6.86 -14.58
N LEU C 1007 -10.79 6.72 -15.00
CA LEU C 1007 -11.09 6.56 -16.41
C LEU C 1007 -10.42 7.64 -17.25
N PHE C 1008 -10.55 8.90 -16.85
CA PHE C 1008 -9.99 9.97 -17.67
C PHE C 1008 -8.48 9.82 -17.83
N MET C 1009 -7.76 9.66 -16.71
CA MET C 1009 -6.31 9.49 -16.80
C MET C 1009 -5.97 8.30 -17.67
N LEU C 1010 -6.88 7.33 -17.76
CA LEU C 1010 -6.63 6.17 -18.62
C LEU C 1010 -6.87 6.49 -20.09
N PHE C 1011 -7.76 7.44 -20.36
CA PHE C 1011 -7.94 7.89 -21.73
C PHE C 1011 -6.68 8.59 -22.24
N GLU C 1012 -6.21 9.61 -21.51
CA GLU C 1012 -5.35 10.59 -22.17
C GLU C 1012 -3.89 10.16 -22.36
N ARG C 1013 -3.37 9.24 -21.57
CA ARG C 1013 -1.95 8.85 -21.65
C ARG C 1013 -1.47 8.62 -23.07
N GLN C 1014 -0.27 9.08 -23.40
CA GLN C 1014 0.30 8.91 -24.73
C GLN C 1014 1.43 7.90 -24.66
N PRO C 1015 1.19 6.68 -25.07
CA PRO C 1015 2.24 5.66 -25.07
C PRO C 1015 3.25 5.90 -26.18
N LEU C 1016 4.50 6.17 -25.79
CA LEU C 1016 5.59 6.37 -26.73
C LEU C 1016 5.74 5.26 -27.75
N ILE C 1017 5.05 4.14 -27.56
CA ILE C 1017 4.94 3.06 -28.53
C ILE C 1017 3.49 3.03 -28.98
N ASP C 1018 2.94 4.22 -29.24
CA ASP C 1018 1.52 4.35 -29.69
C ASP C 1018 1.30 3.46 -30.93
N SER C 1019 0.62 2.33 -30.75
CA SER C 1019 0.35 1.39 -31.87
C SER C 1019 -0.76 1.95 -32.76
N TYR C 1020 -1.64 2.78 -32.21
CA TYR C 1020 -2.76 3.37 -32.98
C TYR C 1020 -2.34 4.72 -33.57
N SER C 1021 -1.28 4.71 -34.40
CA SER C 1021 -0.80 5.93 -35.10
C SER C 1021 -0.22 5.55 -36.46
N GLU C 1022 -0.37 6.41 -37.46
CA GLU C 1022 0.14 6.15 -38.83
C GLU C 1022 1.51 6.82 -39.00
N GLU C 1023 1.83 7.78 -38.12
CA GLU C 1023 3.13 8.50 -38.20
C GLU C 1023 4.27 7.48 -38.26
N GLY C 1024 5.16 7.63 -39.24
CA GLY C 1024 6.28 6.73 -39.40
C GLY C 1024 6.58 6.48 -40.87
N LEU C 1025 7.55 5.61 -41.10
CA LEU C 1025 8.06 5.33 -42.43
C LEU C 1025 7.74 3.88 -42.80
N LYS C 1026 7.14 3.69 -43.98
CA LYS C 1026 6.65 2.38 -44.42
C LYS C 1026 7.43 1.88 -45.63
N PRO C 1027 8.56 1.21 -45.42
CA PRO C 1027 9.25 0.56 -46.54
C PRO C 1027 8.45 -0.62 -47.09
N ASP C 1028 8.88 -1.09 -48.26
CA ASP C 1028 8.08 -2.01 -49.06
C ASP C 1028 8.59 -3.44 -49.00
N LYS C 1029 9.86 -3.66 -49.31
CA LYS C 1029 10.48 -4.98 -49.19
C LYS C 1029 11.41 -4.95 -47.99
N PHE C 1030 10.91 -5.38 -46.84
CA PHE C 1030 11.78 -5.51 -45.67
C PHE C 1030 12.63 -6.75 -45.87
N GLU C 1031 13.88 -6.53 -46.28
CA GLU C 1031 14.84 -7.63 -46.33
C GLU C 1031 15.04 -8.17 -44.92
N GLY C 1032 15.06 -9.49 -44.78
CA GLY C 1032 15.01 -10.09 -43.47
C GLY C 1032 16.30 -9.89 -42.69
N ASN C 1033 16.65 -8.62 -42.47
CA ASN C 1033 17.85 -8.26 -41.73
C ASN C 1033 17.47 -7.44 -40.51
N ILE C 1034 18.09 -7.76 -39.38
CA ILE C 1034 18.16 -6.87 -38.22
C ILE C 1034 19.53 -6.23 -38.23
N THR C 1035 19.72 -5.21 -37.41
CA THR C 1035 21.03 -4.59 -37.25
C THR C 1035 21.12 -4.10 -35.82
N PHE C 1036 21.75 -4.91 -34.95
CA PHE C 1036 21.81 -4.59 -33.53
C PHE C 1036 23.24 -4.18 -33.19
N ASN C 1037 23.44 -2.87 -33.05
CA ASN C 1037 24.74 -2.26 -32.76
C ASN C 1037 24.79 -1.95 -31.27
N GLU C 1038 25.36 -2.89 -30.50
CA GLU C 1038 25.67 -2.71 -29.08
C GLU C 1038 24.41 -2.39 -28.26
N VAL C 1039 23.51 -3.38 -28.24
CA VAL C 1039 22.21 -3.22 -27.58
C VAL C 1039 22.31 -3.68 -26.12
N VAL C 1040 21.65 -2.94 -25.23
CA VAL C 1040 21.54 -3.25 -23.81
C VAL C 1040 20.14 -2.86 -23.35
N PHE C 1041 19.59 -3.61 -22.38
CA PHE C 1041 18.34 -3.20 -21.72
C PHE C 1041 18.07 -3.96 -20.42
N ASN C 1042 17.90 -3.23 -19.33
CA ASN C 1042 17.50 -3.79 -18.04
C ASN C 1042 16.08 -3.35 -17.73
N TYR C 1043 15.28 -4.28 -17.15
CA TYR C 1043 13.86 -4.12 -16.86
C TYR C 1043 13.51 -2.74 -16.30
N PRO C 1044 12.36 -2.17 -16.67
CA PRO C 1044 12.03 -0.81 -16.22
C PRO C 1044 11.60 -0.74 -14.76
N THR C 1045 10.75 -1.67 -14.32
CA THR C 1045 10.27 -1.61 -12.94
C THR C 1045 11.18 -2.43 -12.02
N ARG C 1046 11.64 -3.60 -12.47
CA ARG C 1046 12.78 -4.28 -11.85
C ARG C 1046 14.03 -3.59 -12.40
N ALA C 1047 14.31 -2.41 -11.84
CA ALA C 1047 15.09 -1.40 -12.53
C ALA C 1047 16.56 -1.74 -12.71
N ASN C 1048 17.10 -2.69 -11.93
CA ASN C 1048 18.54 -2.83 -11.84
C ASN C 1048 19.09 -4.18 -12.30
N VAL C 1049 18.30 -5.25 -12.19
CA VAL C 1049 18.79 -6.59 -12.55
C VAL C 1049 19.04 -6.65 -14.05
N PRO C 1050 20.30 -6.73 -14.50
CA PRO C 1050 20.58 -6.66 -15.94
C PRO C 1050 20.45 -8.01 -16.63
N VAL C 1051 19.54 -8.09 -17.61
CA VAL C 1051 19.30 -9.32 -18.34
C VAL C 1051 20.08 -9.29 -19.65
N LEU C 1052 20.47 -8.08 -20.06
CA LEU C 1052 21.27 -7.85 -21.26
C LEU C 1052 22.26 -6.74 -20.93
N GLN C 1053 23.54 -7.09 -20.82
CA GLN C 1053 24.60 -6.16 -20.39
C GLN C 1053 25.72 -6.12 -21.42
N GLY C 1054 25.36 -5.91 -22.69
CA GLY C 1054 26.33 -5.80 -23.75
C GLY C 1054 26.24 -6.92 -24.76
N LEU C 1055 25.59 -6.62 -25.88
CA LEU C 1055 25.37 -7.58 -26.95
C LEU C 1055 25.49 -6.86 -28.28
N SER C 1056 25.59 -7.63 -29.36
CA SER C 1056 25.59 -7.09 -30.71
C SER C 1056 25.34 -8.23 -31.67
N LEU C 1057 24.35 -8.07 -32.54
CA LEU C 1057 24.02 -9.14 -33.47
C LEU C 1057 23.48 -8.55 -34.76
N GLU C 1058 23.30 -9.44 -35.74
CA GLU C 1058 22.65 -9.16 -37.00
C GLU C 1058 22.42 -10.48 -37.74
N VAL C 1059 21.26 -10.64 -38.35
CA VAL C 1059 20.98 -11.82 -39.15
C VAL C 1059 20.98 -11.42 -40.62
N LYS C 1060 21.35 -12.35 -41.49
CA LYS C 1060 21.31 -12.06 -42.90
C LYS C 1060 20.03 -12.61 -43.53
N LYS C 1061 19.65 -12.01 -44.65
CA LYS C 1061 18.38 -12.31 -45.30
C LYS C 1061 18.37 -13.73 -45.83
N GLY C 1062 17.67 -14.63 -45.15
CA GLY C 1062 17.59 -16.02 -45.56
C GLY C 1062 18.49 -16.98 -44.80
N GLN C 1063 19.15 -16.53 -43.74
CA GLN C 1063 19.99 -17.42 -42.94
C GLN C 1063 19.21 -17.91 -41.72
N THR C 1064 19.86 -18.79 -40.96
CA THR C 1064 19.27 -19.36 -39.75
C THR C 1064 20.26 -19.25 -38.60
N LEU C 1065 19.74 -19.19 -37.37
CA LEU C 1065 20.59 -19.09 -36.19
C LEU C 1065 19.84 -19.56 -34.95
N ALA C 1066 20.58 -19.81 -33.86
CA ALA C 1066 19.98 -20.27 -32.62
C ALA C 1066 20.81 -19.92 -31.40
N LEU C 1067 20.14 -19.60 -30.30
CA LEU C 1067 20.80 -19.25 -29.05
C LEU C 1067 20.36 -20.21 -27.95
N VAL C 1068 21.34 -20.79 -27.25
CA VAL C 1068 21.04 -21.75 -26.18
C VAL C 1068 21.81 -21.32 -24.94
N GLY C 1069 21.24 -21.59 -23.78
CA GLY C 1069 21.94 -21.28 -22.54
C GLY C 1069 21.08 -21.53 -21.32
N SER C 1070 21.34 -20.73 -20.29
CA SER C 1070 20.75 -20.91 -18.97
C SER C 1070 19.31 -20.39 -18.96
N SER C 1071 18.68 -20.40 -17.79
CA SER C 1071 17.25 -20.11 -17.68
C SER C 1071 16.94 -18.65 -17.94
N GLY C 1072 16.56 -18.32 -19.18
CA GLY C 1072 16.08 -16.99 -19.51
C GLY C 1072 17.14 -15.94 -19.75
N CYS C 1073 18.36 -16.34 -20.03
CA CYS C 1073 19.46 -15.39 -20.22
C CYS C 1073 19.35 -14.70 -21.58
N GLY C 1074 18.43 -13.73 -21.64
CA GLY C 1074 18.28 -12.91 -22.82
C GLY C 1074 17.78 -13.62 -24.06
N LYS C 1075 17.29 -14.86 -23.93
CA LYS C 1075 16.71 -15.55 -25.07
C LYS C 1075 15.43 -14.86 -25.53
N SER C 1076 14.54 -14.55 -24.59
CA SER C 1076 13.30 -13.88 -24.93
C SER C 1076 13.44 -12.36 -24.83
N THR C 1077 14.10 -11.86 -23.79
CA THR C 1077 14.05 -10.45 -23.44
C THR C 1077 14.68 -9.59 -24.54
N VAL C 1078 15.18 -10.22 -25.60
CA VAL C 1078 15.50 -9.50 -26.82
C VAL C 1078 14.31 -9.40 -27.76
N VAL C 1079 13.38 -10.36 -27.70
CA VAL C 1079 12.16 -10.28 -28.51
C VAL C 1079 11.36 -9.04 -28.14
N GLN C 1080 11.24 -8.76 -26.84
CA GLN C 1080 10.54 -7.57 -26.38
C GLN C 1080 11.23 -6.28 -26.80
N LEU C 1081 12.36 -6.36 -27.50
CA LEU C 1081 13.07 -5.19 -28.02
C LEU C 1081 12.88 -5.03 -29.53
N LEU C 1082 12.58 -6.12 -30.23
CA LEU C 1082 12.32 -6.05 -31.67
C LEU C 1082 10.84 -5.96 -31.96
N GLU C 1083 10.01 -6.67 -31.20
CA GLU C 1083 8.59 -6.36 -31.16
C GLU C 1083 8.34 -4.95 -30.69
N ARG C 1084 9.36 -4.28 -30.15
CA ARG C 1084 9.24 -2.90 -29.71
C ARG C 1084 8.12 -2.74 -28.69
N PHE C 1085 8.05 -3.67 -27.74
CA PHE C 1085 7.31 -3.36 -26.52
C PHE C 1085 7.99 -2.23 -25.77
N TYR C 1086 9.32 -2.33 -25.61
CA TYR C 1086 10.12 -1.31 -24.93
C TYR C 1086 11.18 -0.76 -25.88
N ASP C 1087 11.71 0.40 -25.53
CA ASP C 1087 12.78 1.05 -26.28
C ASP C 1087 14.09 0.90 -25.53
N PRO C 1088 15.07 0.15 -26.06
CA PRO C 1088 16.28 -0.13 -25.29
C PRO C 1088 17.12 1.13 -25.06
N LEU C 1089 17.71 1.20 -23.87
CA LEU C 1089 18.21 2.48 -23.36
C LEU C 1089 19.70 2.65 -23.66
N ALA C 1090 20.48 1.59 -23.49
CA ALA C 1090 21.90 1.59 -23.86
C ALA C 1090 22.04 0.73 -25.11
N GLY C 1091 21.76 1.32 -26.26
CA GLY C 1091 21.73 0.54 -27.49
C GLY C 1091 21.06 1.34 -28.58
N THR C 1092 20.96 0.70 -29.74
CA THR C 1092 20.30 1.32 -30.89
C THR C 1092 19.81 0.19 -31.80
N VAL C 1093 18.51 -0.01 -31.82
CA VAL C 1093 17.90 -1.04 -32.65
C VAL C 1093 17.58 -0.44 -34.02
N LEU C 1094 17.93 -1.18 -35.07
CA LEU C 1094 17.62 -0.80 -36.44
C LEU C 1094 17.51 -2.07 -37.25
N LEU C 1095 16.47 -2.14 -38.08
CA LEU C 1095 16.12 -3.35 -38.81
C LEU C 1095 16.43 -3.16 -40.28
N ASP C 1096 17.01 -4.19 -40.91
CA ASP C 1096 17.38 -4.16 -42.33
C ASP C 1096 18.39 -3.05 -42.62
N GLY C 1097 19.04 -2.53 -41.59
CA GLY C 1097 19.98 -1.44 -41.73
C GLY C 1097 19.40 -0.05 -41.58
N GLN C 1098 18.09 0.08 -41.44
CA GLN C 1098 17.44 1.36 -41.21
C GLN C 1098 16.87 1.40 -39.80
N GLU C 1099 16.82 2.59 -39.22
CA GLU C 1099 16.54 2.69 -37.79
C GLU C 1099 15.05 2.58 -37.50
N ALA C 1100 14.75 2.04 -36.31
CA ALA C 1100 13.39 1.64 -35.97
C ALA C 1100 12.50 2.82 -35.62
N LYS C 1101 12.89 3.62 -34.61
CA LYS C 1101 12.01 4.63 -34.04
C LYS C 1101 11.30 5.47 -35.11
N LYS C 1102 11.94 5.67 -36.26
CA LYS C 1102 11.29 6.34 -37.38
C LYS C 1102 10.26 5.47 -38.09
N LEU C 1103 10.36 4.15 -37.97
CA LEU C 1103 9.40 3.25 -38.60
C LEU C 1103 8.01 3.45 -38.00
N ASN C 1104 6.99 3.21 -38.82
CA ASN C 1104 5.64 3.05 -38.31
C ASN C 1104 5.57 1.75 -37.51
N VAL C 1105 5.00 1.82 -36.31
CA VAL C 1105 5.07 0.69 -35.39
C VAL C 1105 4.15 -0.44 -35.81
N GLN C 1106 2.98 -0.12 -36.37
CA GLN C 1106 2.06 -1.18 -36.78
C GLN C 1106 2.63 -1.97 -37.93
N TRP C 1107 2.98 -1.30 -39.03
CA TRP C 1107 3.71 -1.95 -40.12
C TRP C 1107 4.82 -2.83 -39.58
N LEU C 1108 5.56 -2.33 -38.58
CA LEU C 1108 6.69 -3.06 -38.02
C LEU C 1108 6.27 -4.45 -37.55
N ARG C 1109 5.08 -4.56 -36.96
CA ARG C 1109 4.58 -5.85 -36.50
C ARG C 1109 3.73 -6.55 -37.54
N ALA C 1110 3.99 -6.29 -38.82
CA ALA C 1110 3.41 -7.05 -39.92
C ALA C 1110 4.39 -8.03 -40.55
N GLN C 1111 5.65 -7.61 -40.74
CA GLN C 1111 6.67 -8.47 -41.31
C GLN C 1111 7.28 -9.43 -40.29
N LEU C 1112 7.05 -9.21 -39.00
CA LEU C 1112 7.78 -9.90 -37.95
C LEU C 1112 6.93 -11.02 -37.39
N GLY C 1113 7.41 -12.25 -37.54
CA GLY C 1113 6.68 -13.44 -37.10
C GLY C 1113 7.18 -13.94 -35.75
N ILE C 1114 6.25 -14.40 -34.93
CA ILE C 1114 6.58 -14.98 -33.64
C ILE C 1114 5.73 -16.22 -33.44
N VAL C 1115 6.28 -17.16 -32.67
CA VAL C 1115 5.53 -18.28 -32.11
C VAL C 1115 6.01 -18.39 -30.67
N SER C 1116 5.31 -19.19 -29.88
CA SER C 1116 5.48 -19.15 -28.43
C SER C 1116 5.84 -20.50 -27.85
N GLN C 1117 6.85 -20.47 -26.97
CA GLN C 1117 7.06 -21.53 -25.99
C GLN C 1117 5.77 -21.83 -25.22
N GLU C 1118 4.87 -20.85 -25.13
CA GLU C 1118 3.59 -20.96 -24.41
C GLU C 1118 2.48 -20.44 -25.30
N PRO C 1119 2.07 -21.22 -26.32
CA PRO C 1119 1.08 -20.71 -27.29
C PRO C 1119 -0.33 -20.76 -26.73
N ILE C 1120 -1.05 -19.64 -26.88
CA ILE C 1120 -2.27 -19.39 -26.14
C ILE C 1120 -3.34 -18.87 -27.10
N LEU C 1121 -4.60 -19.27 -26.85
CA LEU C 1121 -5.73 -19.02 -27.75
C LEU C 1121 -6.94 -18.55 -26.93
N PHE C 1122 -7.82 -17.77 -27.56
CA PHE C 1122 -8.94 -17.11 -26.88
C PHE C 1122 -10.13 -18.05 -26.78
N ASP C 1123 -11.22 -17.52 -26.21
CA ASP C 1123 -12.47 -18.26 -26.06
C ASP C 1123 -13.33 -18.05 -27.30
N CYS C 1124 -12.90 -18.64 -28.40
CA CYS C 1124 -13.61 -18.50 -29.65
C CYS C 1124 -13.65 -19.83 -30.40
N SER C 1125 -14.19 -19.74 -31.60
CA SER C 1125 -14.18 -20.85 -32.54
C SER C 1125 -12.77 -20.94 -33.07
N ILE C 1126 -12.57 -21.67 -34.16
CA ILE C 1126 -11.25 -21.71 -34.78
C ILE C 1126 -11.33 -21.34 -36.24
N ALA C 1127 -12.44 -20.75 -36.67
CA ALA C 1127 -12.44 -19.98 -37.90
C ALA C 1127 -11.68 -18.68 -37.72
N GLU C 1128 -11.94 -18.01 -36.59
CA GLU C 1128 -11.33 -16.73 -36.30
C GLU C 1128 -9.96 -16.89 -35.62
N ASN C 1129 -9.91 -17.68 -34.56
CA ASN C 1129 -8.77 -17.88 -33.67
C ASN C 1129 -7.45 -18.00 -34.43
N ILE C 1130 -7.44 -18.78 -35.50
CA ILE C 1130 -6.19 -18.95 -36.23
C ILE C 1130 -6.05 -17.91 -37.33
N ALA C 1131 -7.15 -17.30 -37.76
CA ALA C 1131 -7.07 -16.25 -38.76
C ALA C 1131 -6.56 -14.95 -38.19
N TYR C 1132 -6.59 -14.83 -36.87
CA TYR C 1132 -6.24 -13.62 -36.12
C TYR C 1132 -5.02 -12.93 -36.70
N GLY C 1133 -4.03 -13.74 -37.07
CA GLY C 1133 -2.72 -13.21 -37.43
C GLY C 1133 -2.70 -12.06 -38.42
N ASP C 1134 -3.77 -11.89 -39.19
CA ASP C 1134 -3.86 -10.71 -40.06
C ASP C 1134 -5.25 -10.11 -39.96
N ASN C 1135 -5.41 -9.17 -39.04
CA ASN C 1135 -6.47 -8.19 -39.18
C ASN C 1135 -6.00 -7.09 -40.14
N SER C 1136 -6.97 -6.35 -40.68
CA SER C 1136 -6.82 -5.44 -41.82
C SER C 1136 -6.82 -6.16 -43.15
N ARG C 1137 -7.14 -7.46 -43.18
CA ARG C 1137 -7.63 -8.10 -44.39
C ARG C 1137 -8.33 -9.39 -44.01
N VAL C 1138 -9.45 -9.65 -44.67
CA VAL C 1138 -10.16 -10.93 -44.51
C VAL C 1138 -9.16 -12.07 -44.66
N VAL C 1139 -9.25 -13.05 -43.77
CA VAL C 1139 -8.52 -14.29 -43.95
C VAL C 1139 -9.48 -15.33 -44.50
N SER C 1140 -9.14 -15.92 -45.64
CA SER C 1140 -10.05 -16.81 -46.34
C SER C 1140 -10.15 -18.14 -45.59
N GLN C 1141 -10.93 -19.05 -46.17
CA GLN C 1141 -11.10 -20.37 -45.57
C GLN C 1141 -9.93 -21.29 -45.93
N ASP C 1142 -9.58 -21.36 -47.22
CA ASP C 1142 -8.51 -22.23 -47.66
C ASP C 1142 -7.16 -21.78 -47.10
N GLU C 1143 -6.98 -20.47 -46.90
CA GLU C 1143 -5.79 -19.99 -46.21
C GLU C 1143 -5.62 -20.66 -44.86
N ILE C 1144 -6.72 -20.88 -44.14
CA ILE C 1144 -6.64 -21.47 -42.80
C ILE C 1144 -6.21 -22.93 -42.87
N VAL C 1145 -6.67 -23.65 -43.90
CA VAL C 1145 -6.37 -25.07 -43.96
C VAL C 1145 -5.02 -25.32 -44.60
N SER C 1146 -4.62 -24.48 -45.56
CA SER C 1146 -3.25 -24.52 -46.06
C SER C 1146 -2.26 -24.42 -44.92
N ALA C 1147 -2.44 -23.42 -44.05
CA ALA C 1147 -1.62 -23.29 -42.86
C ALA C 1147 -1.68 -24.55 -42.00
N ALA C 1148 -2.86 -25.13 -41.86
CA ALA C 1148 -3.02 -26.30 -41.00
C ALA C 1148 -2.20 -27.47 -41.51
N LYS C 1149 -2.10 -27.66 -42.83
CA LYS C 1149 -1.19 -28.66 -43.36
C LYS C 1149 0.25 -28.18 -43.29
N ALA C 1150 0.48 -26.88 -43.50
CA ALA C 1150 1.81 -26.32 -43.38
C ALA C 1150 2.35 -26.48 -41.96
N ALA C 1151 1.59 -26.00 -40.97
CA ALA C 1151 2.01 -26.05 -39.58
C ALA C 1151 2.10 -27.47 -39.02
N ASN C 1152 1.79 -28.49 -39.83
CA ASN C 1152 1.77 -29.89 -39.38
C ASN C 1152 0.81 -30.07 -38.21
N ILE C 1153 -0.35 -29.40 -38.29
CA ILE C 1153 -1.47 -29.65 -37.40
C ILE C 1153 -2.63 -30.34 -38.09
N HIS C 1154 -2.76 -30.21 -39.41
CA HIS C 1154 -3.75 -30.99 -40.13
C HIS C 1154 -3.46 -32.50 -40.10
N PRO C 1155 -2.21 -32.97 -39.98
CA PRO C 1155 -2.01 -34.37 -39.60
C PRO C 1155 -2.86 -34.83 -38.42
N PHE C 1156 -3.35 -33.91 -37.58
CA PHE C 1156 -4.26 -34.27 -36.51
C PHE C 1156 -5.57 -33.47 -36.52
N ILE C 1157 -5.67 -32.40 -37.32
CA ILE C 1157 -6.91 -31.61 -37.35
C ILE C 1157 -8.11 -32.47 -37.76
N GLU C 1158 -7.89 -33.48 -38.58
CA GLU C 1158 -9.01 -34.19 -39.20
C GLU C 1158 -9.71 -35.15 -38.26
N THR C 1159 -9.51 -34.99 -36.94
CA THR C 1159 -10.17 -35.80 -35.92
C THR C 1159 -11.39 -35.09 -35.34
N LEU C 1160 -11.36 -33.77 -35.26
CA LEU C 1160 -12.38 -33.01 -34.55
C LEU C 1160 -13.75 -33.21 -35.19
N PRO C 1161 -14.77 -33.63 -34.43
CA PRO C 1161 -16.12 -33.73 -35.01
C PRO C 1161 -16.63 -32.39 -35.51
N HIS C 1162 -16.28 -31.31 -34.83
CA HIS C 1162 -16.45 -29.96 -35.36
C HIS C 1162 -15.12 -29.54 -35.98
N LYS C 1163 -14.98 -29.79 -37.29
CA LYS C 1163 -13.70 -29.68 -37.96
C LYS C 1163 -13.05 -28.30 -37.78
N TYR C 1164 -13.79 -27.24 -38.08
CA TYR C 1164 -13.18 -25.91 -38.09
C TYR C 1164 -14.01 -24.87 -37.33
N GLU C 1165 -14.96 -25.29 -36.49
CA GLU C 1165 -15.86 -24.32 -35.85
C GLU C 1165 -16.16 -24.63 -34.40
N THR C 1166 -15.33 -25.37 -33.68
CA THR C 1166 -15.65 -25.70 -32.30
C THR C 1166 -15.28 -24.55 -31.37
N ARG C 1167 -15.99 -24.46 -30.25
CA ARG C 1167 -15.75 -23.40 -29.26
C ARG C 1167 -14.66 -23.86 -28.31
N VAL C 1168 -13.47 -23.25 -28.43
CA VAL C 1168 -12.33 -23.58 -27.60
C VAL C 1168 -12.27 -22.63 -26.40
N GLY C 1169 -11.64 -23.09 -25.32
CA GLY C 1169 -11.69 -22.41 -24.03
C GLY C 1169 -10.73 -21.24 -23.90
N ASP C 1170 -10.05 -21.14 -22.75
CA ASP C 1170 -9.28 -19.94 -22.39
C ASP C 1170 -7.79 -20.27 -22.31
N LYS C 1171 -7.01 -19.65 -23.18
CA LYS C 1171 -5.54 -19.64 -23.15
C LYS C 1171 -4.96 -21.03 -22.89
N GLY C 1172 -5.26 -21.95 -23.81
CA GLY C 1172 -4.78 -23.32 -23.69
C GLY C 1172 -5.57 -24.14 -22.69
N THR C 1173 -6.88 -24.24 -22.89
CA THR C 1173 -7.74 -24.99 -21.97
C THR C 1173 -8.36 -26.18 -22.67
N GLN C 1174 -9.00 -25.96 -23.82
CA GLN C 1174 -9.62 -27.03 -24.59
C GLN C 1174 -8.65 -27.69 -25.55
N LEU C 1175 -7.35 -27.61 -25.25
CA LEU C 1175 -6.29 -28.15 -26.09
C LEU C 1175 -5.43 -29.09 -25.24
N SER C 1176 -4.28 -29.51 -25.76
CA SER C 1176 -3.36 -30.37 -25.04
C SER C 1176 -1.99 -29.70 -24.97
N GLY C 1177 -1.00 -30.46 -24.48
CA GLY C 1177 0.35 -29.95 -24.44
C GLY C 1177 1.10 -30.10 -25.75
N GLY C 1178 0.73 -31.10 -26.56
CA GLY C 1178 1.32 -31.25 -27.87
C GLY C 1178 0.66 -30.41 -28.93
N GLN C 1179 -0.66 -30.23 -28.83
CA GLN C 1179 -1.42 -29.62 -29.91
C GLN C 1179 -1.00 -28.17 -30.13
N LYS C 1180 -1.08 -27.33 -29.10
CA LYS C 1180 -0.83 -25.91 -29.27
C LYS C 1180 0.61 -25.60 -29.69
N GLN C 1181 1.55 -26.53 -29.43
CA GLN C 1181 2.92 -26.37 -29.90
C GLN C 1181 3.00 -26.09 -31.39
N ARG C 1182 1.97 -26.46 -32.15
CA ARG C 1182 1.96 -26.31 -33.60
C ARG C 1182 0.74 -25.59 -34.14
N ILE C 1183 -0.04 -24.92 -33.27
CA ILE C 1183 -1.19 -24.15 -33.73
C ILE C 1183 -0.82 -22.68 -33.95
N ALA C 1184 -0.06 -22.11 -33.01
CA ALA C 1184 0.37 -20.73 -33.16
C ALA C 1184 1.33 -20.56 -34.33
N ILE C 1185 1.91 -21.65 -34.82
CA ILE C 1185 2.68 -21.63 -36.06
C ILE C 1185 1.94 -20.87 -37.14
N ALA C 1186 0.63 -21.10 -37.24
CA ALA C 1186 -0.15 -20.52 -38.33
C ALA C 1186 -0.58 -19.09 -38.04
N ARG C 1187 -1.00 -18.80 -36.81
CA ARG C 1187 -1.50 -17.47 -36.47
C ARG C 1187 -0.46 -16.38 -36.65
N ALA C 1188 0.76 -16.72 -36.99
CA ALA C 1188 1.71 -15.77 -37.54
C ALA C 1188 2.10 -16.08 -38.98
N LEU C 1189 1.90 -17.33 -39.41
CA LEU C 1189 2.16 -17.70 -40.80
C LEU C 1189 1.08 -17.19 -41.75
N ILE C 1190 0.09 -16.47 -41.23
CA ILE C 1190 -0.93 -15.88 -42.09
C ILE C 1190 -0.39 -14.65 -42.82
N ARG C 1191 0.26 -13.74 -42.09
CA ARG C 1191 0.79 -12.52 -42.66
C ARG C 1191 1.96 -12.76 -43.62
N GLN C 1192 2.45 -13.99 -43.71
CA GLN C 1192 3.71 -14.31 -44.38
C GLN C 1192 4.79 -13.37 -43.84
N PRO C 1193 5.23 -13.57 -42.60
CA PRO C 1193 6.24 -12.68 -42.04
C PRO C 1193 7.62 -12.95 -42.60
N GLN C 1194 8.64 -12.27 -42.08
CA GLN C 1194 10.01 -12.50 -42.53
C GLN C 1194 10.91 -13.08 -41.46
N ILE C 1195 10.76 -12.68 -40.20
CA ILE C 1195 11.65 -13.10 -39.13
C ILE C 1195 10.92 -14.12 -38.27
N LEU C 1196 11.29 -15.39 -38.38
CA LEU C 1196 10.72 -16.43 -37.53
C LEU C 1196 11.45 -16.43 -36.19
N LEU C 1197 10.68 -16.56 -35.10
CA LEU C 1197 11.23 -16.74 -33.75
C LEU C 1197 10.48 -17.90 -33.09
N LEU C 1198 10.90 -19.12 -33.38
CA LEU C 1198 10.30 -20.30 -32.76
C LEU C 1198 10.94 -20.55 -31.41
N ASP C 1199 10.61 -19.69 -30.45
CA ASP C 1199 11.23 -19.78 -29.12
C ASP C 1199 10.67 -21.02 -28.44
N GLU C 1200 11.36 -22.13 -28.64
CA GLU C 1200 10.91 -23.46 -28.23
C GLU C 1200 9.43 -23.67 -28.56
N ALA C 1201 8.99 -23.08 -29.69
CA ALA C 1201 7.61 -23.23 -30.14
C ALA C 1201 7.20 -24.67 -30.28
N THR C 1202 8.13 -25.57 -30.57
CA THR C 1202 7.89 -27.01 -30.71
C THR C 1202 8.85 -27.71 -29.77
N SER C 1203 8.36 -28.02 -28.57
CA SER C 1203 9.13 -28.70 -27.53
C SER C 1203 8.45 -29.96 -27.03
N ALA C 1204 7.12 -29.98 -26.97
CA ALA C 1204 6.36 -31.10 -26.46
C ALA C 1204 5.83 -32.01 -27.56
N LEU C 1205 5.94 -31.61 -28.82
CA LEU C 1205 5.72 -32.54 -29.91
C LEU C 1205 6.68 -33.72 -29.78
N ASP C 1206 6.14 -34.93 -29.88
CA ASP C 1206 7.00 -36.09 -29.95
C ASP C 1206 7.94 -35.97 -31.14
N THR C 1207 9.02 -36.75 -31.10
CA THR C 1207 9.97 -36.76 -32.21
C THR C 1207 9.30 -37.19 -33.51
N GLU C 1208 8.21 -37.96 -33.42
CA GLU C 1208 7.55 -38.50 -34.61
C GLU C 1208 6.79 -37.43 -35.39
N SER C 1209 6.32 -36.38 -34.71
CA SER C 1209 5.47 -35.38 -35.36
C SER C 1209 6.18 -34.06 -35.64
N GLU C 1210 7.37 -33.84 -35.06
CA GLU C 1210 7.92 -32.49 -35.08
C GLU C 1210 8.84 -32.22 -36.26
N LYS C 1211 9.92 -33.02 -36.40
CA LYS C 1211 11.02 -32.66 -37.30
C LYS C 1211 10.53 -32.26 -38.69
N VAL C 1212 9.36 -32.76 -39.09
CA VAL C 1212 8.74 -32.37 -40.35
C VAL C 1212 8.37 -30.88 -40.35
N VAL C 1213 8.33 -30.25 -39.17
CA VAL C 1213 8.06 -28.82 -39.11
C VAL C 1213 9.15 -28.03 -39.83
N GLN C 1214 10.38 -28.54 -39.83
CA GLN C 1214 11.47 -27.87 -40.53
C GLN C 1214 11.63 -28.33 -41.97
N GLU C 1215 10.60 -28.96 -42.53
CA GLU C 1215 10.59 -29.30 -43.96
C GLU C 1215 9.78 -28.27 -44.74
N ALA C 1216 8.52 -28.08 -44.36
CA ALA C 1216 7.73 -26.99 -44.92
C ALA C 1216 8.21 -25.62 -44.44
N LEU C 1217 9.23 -25.58 -43.58
CA LEU C 1217 9.81 -24.33 -43.10
C LEU C 1217 11.28 -24.18 -43.48
N ASP C 1218 11.70 -24.77 -44.59
CA ASP C 1218 12.89 -24.32 -45.31
C ASP C 1218 12.67 -24.22 -46.80
N LYS C 1219 11.73 -24.98 -47.36
CA LYS C 1219 11.30 -24.81 -48.74
C LYS C 1219 10.40 -23.60 -48.91
N ALA C 1220 9.95 -23.01 -47.80
CA ALA C 1220 9.23 -21.75 -47.75
C ALA C 1220 10.00 -20.68 -46.99
N ARG C 1221 10.74 -21.07 -45.95
CA ARG C 1221 11.57 -20.12 -45.20
C ARG C 1221 12.53 -19.37 -46.09
N GLU C 1222 12.81 -19.87 -47.29
CA GLU C 1222 13.67 -19.14 -48.21
C GLU C 1222 12.90 -17.95 -48.76
N GLY C 1223 13.58 -16.81 -48.89
CA GLY C 1223 12.93 -15.55 -49.10
C GLY C 1223 12.70 -14.75 -47.83
N ARG C 1224 13.13 -15.26 -46.68
CA ARG C 1224 12.99 -14.58 -45.40
C ARG C 1224 13.98 -15.17 -44.41
N THR C 1225 14.20 -14.44 -43.32
CA THR C 1225 15.23 -14.78 -42.34
C THR C 1225 14.67 -15.73 -41.28
N CYS C 1226 15.44 -15.91 -40.21
CA CYS C 1226 15.04 -16.78 -39.11
C CYS C 1226 15.92 -16.50 -37.90
N ILE C 1227 15.29 -16.36 -36.74
CA ILE C 1227 15.94 -16.40 -35.44
C ILE C 1227 15.38 -17.60 -34.70
N VAL C 1228 16.17 -18.19 -33.83
CA VAL C 1228 15.74 -19.38 -33.09
C VAL C 1228 16.19 -19.26 -31.64
N ILE C 1229 15.29 -19.62 -30.73
CA ILE C 1229 15.63 -19.88 -29.33
C ILE C 1229 15.02 -21.24 -29.00
N ALA C 1230 15.86 -22.27 -28.96
CA ALA C 1230 15.36 -23.62 -28.74
C ALA C 1230 16.47 -24.49 -28.17
N HIS C 1231 16.08 -25.50 -27.40
CA HIS C 1231 17.02 -26.43 -26.79
C HIS C 1231 16.96 -27.78 -27.50
N ARG C 1232 16.71 -27.72 -28.81
CA ARG C 1232 16.51 -28.91 -29.62
C ARG C 1232 17.75 -29.14 -30.48
N LEU C 1233 18.70 -29.92 -29.92
CA LEU C 1233 19.91 -30.31 -30.62
C LEU C 1233 19.63 -30.97 -31.97
N SER C 1234 18.41 -31.49 -32.18
CA SER C 1234 18.05 -32.12 -33.44
C SER C 1234 17.87 -31.11 -34.57
N THR C 1235 17.75 -29.82 -34.26
CA THR C 1235 17.54 -28.79 -35.25
C THR C 1235 18.53 -27.64 -35.14
N ILE C 1236 19.16 -27.45 -33.97
CA ILE C 1236 20.17 -26.40 -33.81
C ILE C 1236 21.21 -26.46 -34.92
N GLN C 1237 21.46 -27.66 -35.45
CA GLN C 1237 22.61 -27.90 -36.33
C GLN C 1237 22.36 -27.51 -37.78
N ASN C 1238 21.38 -26.65 -38.05
CA ASN C 1238 21.29 -25.97 -39.34
C ASN C 1238 21.55 -24.46 -39.22
N ALA C 1239 22.47 -24.07 -38.34
CA ALA C 1239 22.79 -22.67 -38.14
C ALA C 1239 23.63 -22.14 -39.30
N ASP C 1240 23.65 -20.80 -39.43
CA ASP C 1240 24.59 -20.11 -40.30
C ASP C 1240 25.54 -19.24 -39.50
N LEU C 1241 25.01 -18.34 -38.67
CA LEU C 1241 25.80 -17.53 -37.75
C LEU C 1241 25.65 -18.09 -36.34
N ILE C 1242 26.70 -17.91 -35.53
CA ILE C 1242 26.73 -18.48 -34.19
C ILE C 1242 27.07 -17.37 -33.19
N VAL C 1243 26.19 -17.19 -32.21
CA VAL C 1243 26.39 -16.26 -31.10
C VAL C 1243 25.94 -16.98 -29.83
N VAL C 1244 26.74 -16.86 -28.77
CA VAL C 1244 26.55 -17.65 -27.56
C VAL C 1244 26.48 -16.73 -26.35
N PHE C 1245 25.75 -17.17 -25.32
CA PHE C 1245 25.68 -16.46 -24.06
C PHE C 1245 26.92 -16.74 -23.22
N GLN C 1246 27.52 -15.67 -22.68
CA GLN C 1246 28.47 -15.81 -21.58
C GLN C 1246 28.26 -14.62 -20.66
N ASN C 1247 27.69 -14.87 -19.48
CA ASN C 1247 27.35 -13.82 -18.52
C ASN C 1247 26.51 -12.72 -19.16
N GLY C 1248 25.53 -13.11 -19.99
CA GLY C 1248 24.69 -12.15 -20.68
C GLY C 1248 25.42 -11.25 -21.65
N ARG C 1249 26.52 -11.74 -22.24
CA ARG C 1249 27.32 -10.98 -23.18
C ARG C 1249 27.52 -11.77 -24.46
N VAL C 1250 27.76 -11.07 -25.57
CA VAL C 1250 28.18 -11.71 -26.81
C VAL C 1250 29.70 -11.71 -26.87
N LYS C 1251 30.27 -12.92 -26.89
CA LYS C 1251 31.72 -13.09 -26.87
C LYS C 1251 32.32 -12.84 -28.25
N ILE D 3 -13.56 41.60 -31.55
CA ILE D 3 -12.75 40.48 -31.11
C ILE D 3 -11.31 40.61 -31.59
N GLN D 4 -10.86 41.85 -31.78
CA GLN D 4 -9.54 42.12 -32.35
C GLN D 4 -8.90 43.33 -31.67
N MET D 5 -7.62 43.56 -31.98
CA MET D 5 -6.82 44.55 -31.27
C MET D 5 -6.01 45.38 -32.25
N THR D 6 -6.08 46.70 -32.08
CA THR D 6 -5.57 47.67 -33.05
C THR D 6 -4.72 48.71 -32.33
N GLN D 7 -3.39 48.58 -32.41
CA GLN D 7 -2.48 49.62 -31.91
C GLN D 7 -2.68 50.89 -32.71
N SER D 8 -2.72 52.04 -32.03
CA SER D 8 -2.55 53.31 -32.74
C SER D 8 -1.09 53.70 -32.95
N PRO D 9 -0.22 53.75 -31.92
CA PRO D 9 1.14 54.30 -32.08
C PRO D 9 2.20 53.25 -32.43
N SER D 10 2.24 52.82 -33.69
CA SER D 10 3.30 51.93 -34.11
C SER D 10 4.62 52.69 -34.23
N SER D 11 5.71 51.99 -33.92
CA SER D 11 7.08 52.51 -34.13
C SER D 11 7.32 53.77 -33.30
N LEU D 12 7.24 53.61 -31.98
CA LEU D 12 7.60 54.68 -31.07
C LEU D 12 9.09 54.94 -31.13
N SER D 13 9.45 56.20 -31.43
CA SER D 13 10.84 56.58 -31.68
C SER D 13 11.21 57.84 -30.89
N ALA D 14 10.56 58.02 -29.74
CA ALA D 14 10.79 59.18 -28.90
C ALA D 14 12.03 58.97 -28.04
N SER D 15 12.21 59.87 -27.06
CA SER D 15 13.46 59.98 -26.32
C SER D 15 13.39 59.27 -24.97
N VAL D 16 14.56 59.13 -24.36
CA VAL D 16 14.69 58.64 -23.00
C VAL D 16 14.43 59.79 -22.02
N GLY D 17 13.54 59.55 -21.06
CA GLY D 17 13.25 60.53 -20.04
C GLY D 17 12.10 61.46 -20.34
N ASP D 18 10.95 60.91 -20.73
CA ASP D 18 9.78 61.70 -21.06
C ASP D 18 8.56 60.80 -21.15
N ARG D 19 7.38 61.40 -21.13
CA ARG D 19 6.15 60.64 -21.28
C ARG D 19 6.09 60.04 -22.68
N VAL D 20 6.26 58.72 -22.75
CA VAL D 20 6.05 57.98 -23.98
C VAL D 20 4.92 56.99 -23.73
N THR D 21 3.88 57.07 -24.55
CA THR D 21 2.62 56.43 -24.25
C THR D 21 2.08 55.69 -25.46
N ILE D 22 1.39 54.60 -25.18
CA ILE D 22 0.82 53.71 -26.18
C ILE D 22 -0.70 53.71 -26.01
N THR D 23 -1.41 53.84 -27.11
CA THR D 23 -2.86 53.74 -27.16
C THR D 23 -3.24 52.66 -28.15
N CYS D 24 -3.72 51.53 -27.65
CA CYS D 24 -4.07 50.36 -28.46
C CYS D 24 -5.56 50.15 -28.30
N ARG D 25 -6.34 50.50 -29.32
CA ARG D 25 -7.79 50.49 -29.21
C ARG D 25 -8.31 49.07 -29.32
N ALA D 26 -9.26 48.73 -28.47
CA ALA D 26 -9.72 47.36 -28.27
C ALA D 26 -10.89 47.04 -29.18
N SER D 27 -11.56 45.92 -28.90
CA SER D 27 -12.74 45.49 -29.63
C SER D 27 -14.00 46.07 -29.01
N GLN D 28 -15.15 45.53 -29.40
CA GLN D 28 -16.46 46.07 -29.02
C GLN D 28 -16.67 46.10 -27.51
N SER D 29 -16.48 44.95 -26.85
CA SER D 29 -16.90 44.77 -25.47
C SER D 29 -15.78 44.16 -24.63
N VAL D 30 -14.57 44.70 -24.76
CA VAL D 30 -13.44 44.10 -24.05
C VAL D 30 -13.55 44.33 -22.55
N SER D 31 -14.14 45.46 -22.15
CA SER D 31 -14.54 45.69 -20.77
C SER D 31 -13.37 45.49 -19.79
N SER D 32 -12.30 46.24 -20.04
CA SER D 32 -11.14 46.33 -19.15
C SER D 32 -10.36 45.03 -19.05
N ALA D 33 -10.37 44.20 -20.10
CA ALA D 33 -9.72 42.90 -20.09
C ALA D 33 -8.40 42.90 -20.86
N VAL D 34 -7.62 43.96 -20.77
CA VAL D 34 -6.39 44.08 -21.56
C VAL D 34 -5.18 43.72 -20.70
N ALA D 35 -4.12 43.27 -21.36
CA ALA D 35 -2.81 43.13 -20.74
C ALA D 35 -1.79 43.85 -21.62
N TRP D 36 -0.70 44.28 -21.00
CA TRP D 36 0.34 45.02 -21.72
C TRP D 36 1.65 44.30 -21.43
N TYR D 37 2.37 43.90 -22.49
CA TYR D 37 3.46 42.94 -22.36
C TYR D 37 4.73 43.48 -22.97
N GLN D 38 5.85 43.30 -22.26
CA GLN D 38 7.17 43.68 -22.74
C GLN D 38 7.93 42.45 -23.21
N GLN D 39 8.09 42.29 -24.51
CA GLN D 39 8.96 41.28 -25.08
C GLN D 39 10.26 41.94 -25.53
N LYS D 40 11.38 41.42 -25.03
CA LYS D 40 12.69 41.73 -25.55
C LYS D 40 12.99 40.87 -26.77
N PRO D 41 13.89 41.31 -27.65
CA PRO D 41 14.12 40.57 -28.90
C PRO D 41 14.61 39.16 -28.66
N GLY D 42 14.10 38.23 -29.47
CA GLY D 42 14.62 36.87 -29.51
C GLY D 42 14.17 35.96 -28.39
N LYS D 43 13.20 36.40 -27.60
CA LYS D 43 12.73 35.67 -26.43
C LYS D 43 11.20 35.62 -26.46
N ALA D 44 10.60 35.16 -25.38
CA ALA D 44 9.15 35.21 -25.22
C ALA D 44 8.80 36.27 -24.17
N PRO D 45 7.65 36.93 -24.30
CA PRO D 45 7.43 38.17 -23.55
C PRO D 45 7.29 37.96 -22.06
N LYS D 46 7.09 39.07 -21.37
CA LYS D 46 6.87 39.15 -19.94
C LYS D 46 5.47 39.70 -19.69
N LEU D 47 5.06 39.67 -18.43
CA LEU D 47 3.79 40.27 -18.04
C LEU D 47 4.07 41.54 -17.24
N LEU D 48 3.41 42.63 -17.60
CA LEU D 48 3.54 43.88 -16.86
C LEU D 48 2.23 44.30 -16.18
N ILE D 49 1.17 44.45 -16.97
CA ILE D 49 -0.14 44.84 -16.45
C ILE D 49 -1.18 43.91 -17.04
N TYR D 50 -2.20 43.62 -16.23
CA TYR D 50 -3.32 42.78 -16.60
C TYR D 50 -4.60 43.44 -16.13
N SER D 51 -5.62 43.43 -16.99
CA SER D 51 -6.89 44.11 -16.77
C SER D 51 -6.72 45.61 -16.60
N ALA D 52 -5.75 46.20 -17.30
CA ALA D 52 -5.54 47.63 -17.53
C ALA D 52 -5.08 48.41 -16.30
N SER D 53 -5.08 47.84 -15.10
CA SER D 53 -4.67 48.61 -13.93
C SER D 53 -3.59 47.93 -13.10
N SER D 54 -3.72 46.64 -12.83
CA SER D 54 -2.87 45.97 -11.84
C SER D 54 -1.55 45.56 -12.45
N LEU D 55 -0.48 45.76 -11.69
CA LEU D 55 0.87 45.61 -12.20
C LEU D 55 1.50 44.33 -11.66
N TYR D 56 2.29 43.68 -12.52
CA TYR D 56 2.94 42.42 -12.17
C TYR D 56 3.95 42.68 -11.05
N SER D 57 4.41 41.63 -10.39
CA SER D 57 5.35 41.83 -9.30
C SER D 57 6.78 41.57 -9.77
N GLY D 58 7.72 42.21 -9.09
CA GLY D 58 9.11 42.18 -9.51
C GLY D 58 9.30 42.92 -10.82
N VAL D 59 8.48 43.95 -11.02
CA VAL D 59 8.50 44.77 -12.23
C VAL D 59 8.65 46.22 -11.81
N PRO D 60 9.45 47.03 -12.50
CA PRO D 60 9.56 48.45 -12.16
C PRO D 60 8.22 49.17 -12.23
N SER D 61 7.95 49.97 -11.20
CA SER D 61 6.68 50.69 -11.08
C SER D 61 6.75 52.07 -11.71
N ARG D 62 7.17 52.13 -12.98
CA ARG D 62 7.17 53.35 -13.77
C ARG D 62 6.19 53.28 -14.93
N PHE D 63 5.37 52.24 -15.00
CA PHE D 63 4.38 52.06 -16.04
C PHE D 63 3.02 52.51 -15.51
N SER D 64 2.51 53.62 -16.03
CA SER D 64 1.24 54.18 -15.59
C SER D 64 0.16 53.81 -16.59
N GLY D 65 -0.86 53.10 -16.10
CA GLY D 65 -1.94 52.66 -16.96
C GLY D 65 -3.23 53.39 -16.67
N SER D 66 -3.95 53.76 -17.73
CA SER D 66 -5.18 54.51 -17.62
C SER D 66 -6.25 53.83 -18.45
N ARG D 67 -7.51 54.00 -18.04
CA ARG D 67 -8.65 53.48 -18.77
C ARG D 67 -9.72 54.55 -18.88
N SER D 68 -9.94 55.03 -20.11
CA SER D 68 -10.97 56.03 -20.37
C SER D 68 -11.98 55.39 -21.31
N GLY D 69 -13.01 54.76 -20.73
CA GLY D 69 -14.02 54.08 -21.50
C GLY D 69 -13.45 52.98 -22.37
N THR D 70 -13.45 53.21 -23.69
CA THR D 70 -12.89 52.26 -24.64
C THR D 70 -11.42 52.55 -24.93
N ASP D 71 -10.70 53.17 -24.00
CA ASP D 71 -9.31 53.51 -24.21
C ASP D 71 -8.46 52.91 -23.09
N PHE D 72 -7.33 52.32 -23.46
CA PHE D 72 -6.34 51.77 -22.55
C PHE D 72 -4.98 52.36 -22.88
N THR D 73 -4.43 53.12 -21.93
CA THR D 73 -3.29 53.97 -22.22
C THR D 73 -2.13 53.59 -21.31
N LEU D 74 -0.95 53.47 -21.91
CA LEU D 74 0.27 53.08 -21.18
C LEU D 74 1.33 54.16 -21.31
N THR D 75 1.63 54.84 -20.22
CA THR D 75 2.63 55.91 -20.21
C THR D 75 3.80 55.52 -19.33
N ILE D 76 4.99 55.48 -19.93
CA ILE D 76 6.23 55.32 -19.17
C ILE D 76 7.07 56.57 -19.34
N SER D 77 7.69 56.99 -18.24
CA SER D 77 8.40 58.27 -18.22
C SER D 77 9.86 58.17 -17.83
N SER D 78 10.30 57.06 -17.23
CA SER D 78 11.70 56.95 -16.81
C SER D 78 12.58 56.45 -17.94
N LEU D 79 12.26 55.28 -18.50
CA LEU D 79 12.94 54.71 -19.67
C LEU D 79 14.42 54.45 -19.40
N GLN D 80 14.67 53.62 -18.39
CA GLN D 80 16.04 53.20 -18.10
C GLN D 80 16.58 52.37 -19.27
N PRO D 81 17.89 52.04 -19.27
CA PRO D 81 18.45 51.28 -20.41
C PRO D 81 17.75 49.97 -20.74
N GLU D 82 17.00 49.40 -19.78
CA GLU D 82 16.36 48.12 -19.99
C GLU D 82 15.06 48.22 -20.78
N ASP D 83 14.51 49.43 -20.95
CA ASP D 83 13.34 49.63 -21.79
C ASP D 83 13.75 49.63 -23.26
N PHE D 84 12.86 50.14 -24.12
CA PHE D 84 13.08 50.21 -25.56
C PHE D 84 13.13 48.80 -26.16
N ALA D 85 12.03 48.10 -25.95
CA ALA D 85 11.80 46.77 -26.51
C ALA D 85 10.32 46.65 -26.84
N THR D 86 9.94 45.56 -27.51
CA THR D 86 8.61 45.41 -28.10
C THR D 86 7.53 45.34 -27.04
N TYR D 87 6.37 45.91 -27.35
CA TYR D 87 5.16 45.76 -26.54
C TYR D 87 4.16 44.86 -27.23
N TYR D 88 3.16 44.41 -26.48
CA TYR D 88 2.00 43.72 -27.01
C TYR D 88 0.77 44.02 -26.17
N CYS D 89 -0.33 44.29 -26.85
CA CYS D 89 -1.66 44.49 -26.26
C CYS D 89 -2.53 43.34 -26.77
N GLN D 90 -2.82 42.37 -25.90
CA GLN D 90 -3.47 41.16 -26.33
C GLN D 90 -4.79 40.94 -25.58
N GLN D 91 -5.83 40.59 -26.34
CA GLN D 91 -7.19 40.50 -25.80
C GLN D 91 -7.67 39.07 -25.75
N GLY D 92 -8.08 38.63 -24.56
CA GLY D 92 -8.70 37.33 -24.39
C GLY D 92 -10.11 37.44 -23.83
N TYR D 93 -11.10 37.08 -24.64
CA TYR D 93 -12.49 37.36 -24.31
C TYR D 93 -13.37 36.40 -25.10
N SER D 94 -14.45 35.94 -24.48
CA SER D 94 -15.48 35.14 -25.14
C SER D 94 -14.88 34.03 -26.00
N LYS D 95 -14.14 33.14 -25.32
CA LYS D 95 -13.62 31.92 -25.93
C LYS D 95 -12.66 32.18 -27.08
N LEU D 96 -12.24 33.42 -27.31
CA LEU D 96 -11.26 33.71 -28.35
C LEU D 96 -10.23 34.69 -27.81
N ILE D 97 -8.98 34.50 -28.21
CA ILE D 97 -7.88 35.37 -27.79
C ILE D 97 -7.06 35.72 -29.01
N THR D 98 -6.70 37.00 -29.14
CA THR D 98 -5.88 37.49 -30.24
C THR D 98 -4.87 38.50 -29.71
N PHE D 99 -3.62 38.36 -30.13
CA PHE D 99 -2.56 39.22 -29.60
C PHE D 99 -2.32 40.34 -30.60
N GLY D 100 -2.05 41.54 -30.08
CA GLY D 100 -1.92 42.70 -30.93
C GLY D 100 -0.64 42.74 -31.74
N GLN D 101 -0.68 43.47 -32.86
CA GLN D 101 0.49 43.62 -33.69
C GLN D 101 1.47 44.54 -32.97
N GLY D 102 2.42 43.93 -32.25
CA GLY D 102 3.19 44.62 -31.24
C GLY D 102 3.97 45.80 -31.75
N THR D 103 4.25 46.71 -30.82
CA THR D 103 4.93 47.97 -31.09
C THR D 103 6.41 47.84 -30.75
N LYS D 104 7.12 48.97 -30.87
CA LYS D 104 8.57 48.99 -30.68
C LYS D 104 8.98 50.38 -30.22
N VAL D 105 9.59 50.45 -29.04
CA VAL D 105 10.07 51.69 -28.47
C VAL D 105 11.51 51.89 -28.92
N GLU D 106 11.80 53.01 -29.58
CA GLU D 106 13.10 53.28 -30.16
C GLU D 106 13.84 54.33 -29.34
N ILE D 107 15.16 54.32 -29.43
CA ILE D 107 15.96 55.40 -28.86
C ILE D 107 16.03 56.54 -29.86
N LYS D 108 15.91 57.77 -29.37
CA LYS D 108 15.85 58.94 -30.23
C LYS D 108 17.25 59.52 -30.46
N ARG D 109 17.56 59.75 -31.72
CA ARG D 109 18.85 60.32 -32.11
C ARG D 109 18.59 61.39 -33.16
N THR D 110 19.63 62.15 -33.50
CA THR D 110 19.54 63.20 -34.50
C THR D 110 19.88 62.64 -35.87
N VAL D 111 19.54 63.40 -36.92
CA VAL D 111 19.75 62.96 -38.29
C VAL D 111 21.21 62.65 -38.53
N ALA D 112 21.48 61.56 -39.22
CA ALA D 112 22.82 61.23 -39.72
C ALA D 112 22.72 60.95 -41.20
N ALA D 113 23.61 61.55 -41.98
CA ALA D 113 23.58 61.42 -43.43
C ALA D 113 23.76 59.96 -43.84
N PRO D 114 22.81 59.36 -44.55
CA PRO D 114 23.00 58.00 -45.05
C PRO D 114 24.18 57.87 -45.99
N SER D 115 25.02 56.87 -45.71
CA SER D 115 26.15 56.55 -46.58
CA SER D 115 26.15 56.55 -46.59
C SER D 115 25.68 55.59 -47.66
N VAL D 116 25.86 55.98 -48.92
CA VAL D 116 25.29 55.29 -50.07
C VAL D 116 26.37 54.49 -50.79
N PHE D 117 26.03 53.28 -51.20
CA PHE D 117 26.90 52.44 -52.01
C PHE D 117 26.06 51.64 -53.00
N ILE D 118 26.68 51.26 -54.11
CA ILE D 118 26.14 50.26 -55.02
C ILE D 118 27.20 49.20 -55.24
N PHE D 119 26.78 47.94 -55.42
CA PHE D 119 27.77 46.92 -55.66
C PHE D 119 27.22 45.88 -56.62
N PRO D 120 27.61 45.93 -57.90
CA PRO D 120 27.21 44.89 -58.83
C PRO D 120 27.90 43.57 -58.50
N PRO D 121 27.52 42.47 -59.15
CA PRO D 121 28.25 41.22 -58.92
C PRO D 121 29.68 41.33 -59.44
N SER D 122 30.59 40.71 -58.69
CA SER D 122 31.92 40.46 -59.23
C SER D 122 31.78 39.55 -60.45
N ASP D 123 32.80 39.56 -61.31
CA ASP D 123 32.73 38.73 -62.51
C ASP D 123 32.61 37.25 -62.17
N SER D 124 32.77 36.89 -60.90
CA SER D 124 32.59 35.51 -60.47
C SER D 124 31.12 35.08 -60.51
N GLN D 125 30.19 36.04 -60.51
CA GLN D 125 28.77 35.69 -60.38
C GLN D 125 28.05 35.60 -61.73
N LEU D 126 28.44 36.41 -62.71
CA LEU D 126 27.80 36.35 -64.02
C LEU D 126 27.99 35.01 -64.71
N LYS D 127 29.01 34.24 -64.33
CA LYS D 127 29.24 32.93 -64.96
C LYS D 127 28.01 32.04 -64.85
N SER D 128 27.32 32.08 -63.72
CA SER D 128 26.15 31.23 -63.52
C SER D 128 24.90 31.80 -64.19
N GLY D 129 24.85 33.11 -64.43
CA GLY D 129 23.75 33.71 -65.16
C GLY D 129 22.87 34.64 -64.35
N THR D 130 23.25 35.02 -63.14
CA THR D 130 22.42 35.85 -62.29
C THR D 130 23.24 37.03 -61.79
N ALA D 131 22.57 38.16 -61.61
CA ALA D 131 23.20 39.35 -61.09
C ALA D 131 22.43 39.83 -59.87
N SER D 132 23.14 39.87 -58.74
CA SER D 132 22.56 40.26 -57.47
C SER D 132 23.31 41.52 -57.00
N VAL D 133 22.85 42.67 -57.48
CA VAL D 133 23.48 43.93 -57.11
C VAL D 133 22.87 44.43 -55.81
N VAL D 134 23.71 44.53 -54.78
CA VAL D 134 23.30 45.00 -53.47
C VAL D 134 23.69 46.46 -53.35
N CYS D 135 22.73 47.33 -53.05
CA CYS D 135 23.03 48.72 -52.76
C CYS D 135 22.84 48.98 -51.27
N LEU D 136 23.78 49.71 -50.70
CA LEU D 136 23.95 49.86 -49.27
C LEU D 136 23.58 51.26 -48.83
N LEU D 137 22.91 51.34 -47.68
CA LEU D 137 22.59 52.59 -47.02
C LEU D 137 22.91 52.43 -45.54
N ASN D 138 24.01 53.03 -45.11
CA ASN D 138 24.51 52.74 -43.77
C ASN D 138 24.50 53.99 -42.90
N ASN D 139 24.35 53.76 -41.59
CA ASN D 139 24.40 54.78 -40.55
C ASN D 139 23.57 56.01 -40.93
N PHE D 140 22.32 55.72 -41.28
CA PHE D 140 21.34 56.75 -41.53
C PHE D 140 20.35 56.84 -40.37
N TYR D 141 20.14 58.05 -39.88
CA TYR D 141 19.07 58.29 -38.94
C TYR D 141 18.20 59.42 -39.49
N PRO D 142 16.87 59.28 -39.46
CA PRO D 142 16.17 58.07 -39.00
C PRO D 142 16.09 56.99 -40.06
N ARG D 143 15.31 55.95 -39.78
CA ARG D 143 15.22 54.78 -40.65
C ARG D 143 14.45 55.06 -41.93
N GLU D 144 13.44 55.92 -41.86
CA GLU D 144 12.45 56.04 -42.93
C GLU D 144 13.06 56.71 -44.15
N ALA D 145 13.43 55.90 -45.13
CA ALA D 145 13.96 56.35 -46.41
C ALA D 145 13.32 55.54 -47.52
N LYS D 146 13.41 56.06 -48.74
CA LYS D 146 12.88 55.39 -49.92
C LYS D 146 14.02 55.02 -50.85
N VAL D 147 14.01 53.79 -51.35
CA VAL D 147 15.06 53.26 -52.21
C VAL D 147 14.44 52.71 -53.47
N GLN D 148 14.99 53.08 -54.62
CA GLN D 148 14.42 52.69 -55.91
C GLN D 148 15.54 52.41 -56.89
N TRP D 149 15.30 51.46 -57.80
CA TRP D 149 16.27 51.15 -58.84
C TRP D 149 15.82 51.67 -60.20
N LYS D 150 16.77 51.72 -61.13
CA LYS D 150 16.52 52.10 -62.52
C LYS D 150 17.45 51.27 -63.41
N VAL D 151 16.92 50.79 -64.53
CA VAL D 151 17.66 49.93 -65.46
C VAL D 151 17.78 50.62 -66.81
N ASP D 152 19.01 50.95 -67.21
CA ASP D 152 19.29 51.66 -68.47
C ASP D 152 18.43 52.91 -68.59
N ASN D 153 18.38 53.69 -67.51
CA ASN D 153 17.55 54.89 -67.44
C ASN D 153 16.10 54.56 -67.78
N ALA D 154 15.55 53.60 -67.05
CA ALA D 154 14.15 53.21 -67.17
C ALA D 154 13.66 52.73 -65.81
N LEU D 155 12.35 52.49 -65.73
CA LEU D 155 11.69 52.20 -64.46
C LEU D 155 11.89 50.71 -64.11
N GLN D 156 12.76 50.48 -63.13
CA GLN D 156 13.00 49.14 -62.62
C GLN D 156 12.09 48.86 -61.43
N SER D 157 11.50 47.66 -61.38
CA SER D 157 10.63 47.28 -60.29
C SER D 157 10.48 45.75 -60.23
N GLY D 158 10.13 45.24 -59.05
CA GLY D 158 9.71 43.87 -58.87
C GLY D 158 10.83 42.87 -58.61
N ASN D 159 12.06 43.31 -58.39
CA ASN D 159 13.18 42.41 -58.18
C ASN D 159 14.15 42.90 -57.10
N SER D 160 13.62 43.32 -55.96
CA SER D 160 14.47 43.87 -54.90
C SER D 160 13.99 43.37 -53.55
N GLN D 161 14.92 43.28 -52.60
CA GLN D 161 14.61 42.89 -51.22
C GLN D 161 15.47 43.75 -50.31
N GLU D 162 14.84 44.38 -49.33
CA GLU D 162 15.50 45.33 -48.44
C GLU D 162 15.67 44.73 -47.06
N SER D 163 16.88 44.27 -46.75
CA SER D 163 17.22 43.74 -45.44
C SER D 163 17.74 44.86 -44.56
N VAL D 164 17.06 45.07 -43.43
CA VAL D 164 17.33 46.18 -42.53
C VAL D 164 17.67 45.64 -41.16
N THR D 165 18.74 46.18 -40.58
CA THR D 165 19.22 45.73 -39.28
C THR D 165 18.34 46.28 -38.17
N GLU D 166 18.68 45.91 -36.94
CA GLU D 166 17.96 46.35 -35.75
C GLU D 166 18.83 47.32 -34.98
N GLN D 167 18.20 48.42 -34.51
CA GLN D 167 18.93 49.53 -33.90
C GLN D 167 20.03 49.07 -32.97
N ASP D 168 21.22 49.62 -33.17
CA ASP D 168 22.36 49.30 -32.32
C ASP D 168 22.11 49.76 -30.90
N SER D 169 22.93 49.26 -29.98
CA SER D 169 22.93 49.77 -28.62
C SER D 169 23.61 51.13 -28.50
N LYS D 170 24.77 51.28 -29.14
CA LYS D 170 25.61 52.47 -28.97
C LYS D 170 24.96 53.72 -29.53
N ASP D 171 24.68 53.74 -30.84
CA ASP D 171 24.25 54.95 -31.52
C ASP D 171 22.82 54.85 -32.04
N SER D 172 22.18 53.69 -31.91
CA SER D 172 20.78 53.49 -32.34
C SER D 172 20.63 53.82 -33.83
N THR D 173 21.61 53.38 -34.59
CA THR D 173 21.71 53.71 -36.02
C THR D 173 21.03 52.64 -36.86
N TYR D 174 20.91 52.93 -38.14
CA TYR D 174 20.20 52.10 -39.10
C TYR D 174 21.09 51.74 -40.28
N SER D 175 20.97 50.48 -40.71
CA SER D 175 21.69 50.01 -41.89
C SER D 175 20.71 49.23 -42.75
N LEU D 176 20.93 49.28 -44.06
CA LEU D 176 19.95 48.82 -45.02
C LEU D 176 20.68 48.31 -46.26
N SER D 177 20.23 47.17 -46.78
CA SER D 177 20.79 46.63 -48.02
C SER D 177 19.66 46.20 -48.92
N SER D 178 19.53 46.84 -50.08
CA SER D 178 18.57 46.47 -51.10
C SER D 178 19.32 45.73 -52.20
N THR D 179 18.63 44.84 -52.91
CA THR D 179 19.28 43.91 -53.83
C THR D 179 18.45 43.67 -55.08
N LEU D 180 18.86 44.28 -56.18
CA LEU D 180 18.28 44.03 -57.50
C LEU D 180 18.84 42.74 -58.07
N THR D 181 17.97 41.78 -58.38
CA THR D 181 18.37 40.51 -58.96
C THR D 181 17.80 40.37 -60.37
N LEU D 182 18.67 39.98 -61.31
CA LEU D 182 18.26 39.83 -62.71
C LEU D 182 18.94 38.65 -63.38
N SER D 183 18.28 38.10 -64.39
CA SER D 183 18.75 36.96 -65.17
C SER D 183 19.94 37.35 -66.05
N LYS D 184 20.43 36.35 -66.79
CA LYS D 184 21.59 36.55 -67.65
C LYS D 184 21.25 37.39 -68.89
N ALA D 185 20.16 37.06 -69.56
CA ALA D 185 19.78 37.80 -70.77
C ALA D 185 19.43 39.25 -70.45
N ASP D 186 19.21 39.57 -69.18
CA ASP D 186 18.88 40.93 -68.78
C ASP D 186 20.09 41.63 -68.13
N TYR D 187 21.10 40.86 -67.74
CA TYR D 187 22.33 41.47 -67.26
C TYR D 187 23.43 41.47 -68.31
N GLU D 188 23.18 40.87 -69.47
CA GLU D 188 24.11 40.96 -70.59
C GLU D 188 23.72 42.04 -71.58
N LYS D 189 22.46 42.46 -71.60
CA LYS D 189 22.00 43.52 -72.49
C LYS D 189 21.65 44.81 -71.79
N HIS D 190 21.82 44.88 -70.47
CA HIS D 190 21.53 46.07 -69.69
C HIS D 190 22.78 46.53 -68.94
N LYS D 191 23.07 47.83 -69.04
CA LYS D 191 24.34 48.39 -68.59
C LYS D 191 24.22 49.16 -67.27
N VAL D 192 23.36 50.16 -67.23
CA VAL D 192 23.26 51.06 -66.08
C VAL D 192 22.22 50.51 -65.11
N TYR D 193 22.66 50.21 -63.89
CA TYR D 193 21.77 49.83 -62.80
C TYR D 193 21.97 50.85 -61.68
N ALA D 194 20.94 51.64 -61.42
CA ALA D 194 21.03 52.72 -60.44
C ALA D 194 20.20 52.39 -59.21
N CYS D 195 20.80 52.58 -58.03
CA CYS D 195 20.10 52.53 -56.76
C CYS D 195 20.11 53.92 -56.14
N GLU D 196 18.94 54.56 -56.10
CA GLU D 196 18.81 55.93 -55.63
C GLU D 196 17.96 55.96 -54.36
N VAL D 197 18.36 56.79 -53.41
CA VAL D 197 17.75 56.84 -52.10
C VAL D 197 17.32 58.27 -51.79
N THR D 198 16.14 58.39 -51.20
CA THR D 198 15.62 59.65 -50.67
C THR D 198 15.48 59.48 -49.17
N HIS D 199 16.30 60.21 -48.41
CA HIS D 199 16.23 60.19 -46.96
C HIS D 199 16.42 61.61 -46.45
N GLN D 200 15.91 61.88 -45.25
CA GLN D 200 15.98 63.25 -44.72
C GLN D 200 17.41 63.68 -44.45
N GLY D 201 18.36 62.74 -44.39
CA GLY D 201 19.76 63.11 -44.33
C GLY D 201 20.30 63.62 -45.64
N LEU D 202 19.89 63.03 -46.76
CA LEU D 202 20.30 63.46 -48.09
C LEU D 202 19.21 64.35 -48.67
N SER D 203 19.45 65.67 -48.64
CA SER D 203 18.45 66.62 -49.12
C SER D 203 18.05 66.32 -50.56
N SER D 204 19.02 66.06 -51.42
CA SER D 204 18.78 65.75 -52.83
CA SER D 204 18.78 65.75 -52.83
C SER D 204 19.06 64.27 -53.06
N PRO D 205 18.07 63.48 -53.50
CA PRO D 205 18.30 62.06 -53.74
C PRO D 205 19.51 61.78 -54.60
N VAL D 206 20.52 61.10 -54.04
CA VAL D 206 21.75 60.84 -54.77
C VAL D 206 21.65 59.50 -55.50
N THR D 207 22.28 59.44 -56.67
CA THR D 207 22.29 58.24 -57.48
C THR D 207 23.74 57.82 -57.71
N LYS D 208 24.09 56.63 -57.22
CA LYS D 208 25.34 56.01 -57.60
C LYS D 208 25.18 55.35 -58.96
N SER D 209 26.25 55.40 -59.76
CA SER D 209 26.17 54.96 -61.15
C SER D 209 27.46 54.26 -61.52
N PHE D 210 27.31 53.16 -62.27
CA PHE D 210 28.43 52.33 -62.67
C PHE D 210 28.21 51.91 -64.11
N ASN D 211 29.27 51.45 -64.76
CA ASN D 211 29.20 50.93 -66.12
C ASN D 211 29.36 49.42 -66.10
N ARG D 212 28.82 48.77 -67.13
CA ARG D 212 28.76 47.31 -67.18
C ARG D 212 30.16 46.76 -67.47
N GLY D 213 30.75 46.13 -66.46
CA GLY D 213 32.02 45.47 -66.63
C GLY D 213 32.89 45.49 -65.40
N SER E 3 8.78 25.18 -6.40
CA SER E 3 9.61 25.26 -7.60
C SER E 3 9.14 26.39 -8.52
N GLU E 4 9.79 26.52 -9.67
CA GLU E 4 9.58 27.62 -10.59
C GLU E 4 8.88 27.12 -11.85
N VAL E 5 8.03 27.96 -12.41
CA VAL E 5 7.19 27.56 -13.54
C VAL E 5 8.05 27.39 -14.78
N GLN E 6 8.26 26.14 -15.19
CA GLN E 6 9.10 25.84 -16.35
C GLN E 6 8.27 25.09 -17.38
N LEU E 7 8.31 25.54 -18.62
CA LEU E 7 7.55 24.96 -19.72
C LEU E 7 8.51 24.62 -20.85
N VAL E 8 8.94 23.36 -20.92
CA VAL E 8 10.02 22.96 -21.81
C VAL E 8 9.46 22.20 -23.01
N GLU E 9 10.09 22.40 -24.16
CA GLU E 9 9.52 21.97 -25.43
C GLU E 9 10.40 20.92 -26.08
N SER E 10 9.75 19.97 -26.74
CA SER E 10 10.41 19.00 -27.60
C SER E 10 9.69 18.99 -28.95
N GLY E 11 10.12 18.12 -29.85
CA GLY E 11 9.40 17.86 -31.07
C GLY E 11 9.30 19.02 -32.05
N GLY E 12 8.89 18.70 -33.28
CA GLY E 12 8.64 19.71 -34.30
C GLY E 12 9.86 20.39 -34.87
N GLY E 13 9.67 21.13 -35.95
CA GLY E 13 10.71 22.00 -36.48
C GLY E 13 11.02 21.82 -37.96
N LEU E 14 10.98 20.58 -38.45
CA LEU E 14 11.40 20.31 -39.82
C LEU E 14 10.48 19.32 -40.51
N VAL E 15 9.62 19.80 -41.41
CA VAL E 15 8.81 18.92 -42.25
C VAL E 15 8.27 19.75 -43.41
N GLN E 16 7.92 19.07 -44.49
CA GLN E 16 7.27 19.67 -45.65
C GLN E 16 5.86 20.10 -45.28
N PRO E 17 5.32 21.10 -45.97
CA PRO E 17 3.87 21.37 -45.86
C PRO E 17 3.07 20.14 -46.27
N GLY E 18 2.18 19.73 -45.38
CA GLY E 18 1.45 18.49 -45.59
C GLY E 18 1.86 17.37 -44.66
N GLY E 19 2.24 17.71 -43.43
CA GLY E 19 2.73 16.71 -42.50
C GLY E 19 2.49 17.12 -41.06
N SER E 20 2.55 16.14 -40.18
CA SER E 20 2.23 16.30 -38.77
C SER E 20 3.44 16.76 -37.98
N LEU E 21 3.15 17.36 -36.82
CA LEU E 21 4.17 17.78 -35.87
C LEU E 21 3.60 17.68 -34.45
N ARG E 22 4.44 17.23 -33.53
CA ARG E 22 4.02 16.96 -32.16
C ARG E 22 4.70 17.94 -31.23
N LEU E 23 4.09 19.10 -31.01
CA LEU E 23 4.60 20.09 -30.07
C LEU E 23 4.33 19.59 -28.66
N SER E 24 5.36 19.04 -28.02
CA SER E 24 5.25 18.50 -26.68
C SER E 24 5.79 19.52 -25.70
N CYS E 25 5.10 19.68 -24.57
CA CYS E 25 5.37 20.76 -23.62
C CYS E 25 5.32 20.19 -22.22
N ALA E 26 6.46 19.79 -21.68
CA ALA E 26 6.56 19.30 -20.31
C ALA E 26 6.46 20.50 -19.39
N ALA E 27 5.45 20.50 -18.53
CA ALA E 27 5.27 21.59 -17.58
C ALA E 27 5.71 21.15 -16.19
N SER E 28 6.90 21.59 -15.82
CA SER E 28 7.48 21.19 -14.54
C SER E 28 7.43 22.37 -13.59
N GLY E 29 7.14 22.07 -12.33
CA GLY E 29 6.80 23.08 -11.34
C GLY E 29 5.42 22.92 -10.74
N PHE E 30 4.51 22.23 -11.44
CA PHE E 30 3.11 22.20 -11.06
C PHE E 30 2.42 21.09 -11.85
N ASN E 31 1.11 20.94 -11.60
CA ASN E 31 0.33 19.98 -12.37
C ASN E 31 -0.53 20.71 -13.40
N LEU E 32 -0.76 20.04 -14.53
CA LEU E 32 -1.45 20.67 -15.64
C LEU E 32 -2.87 21.09 -15.26
N TYR E 33 -3.45 20.45 -14.25
CA TYR E 33 -4.89 20.55 -14.05
C TYR E 33 -5.30 21.74 -13.20
N SER E 34 -4.41 22.70 -12.94
CA SER E 34 -4.80 23.82 -12.10
C SER E 34 -4.95 25.11 -12.88
N SER E 35 -4.28 25.25 -14.02
CA SER E 35 -4.30 26.48 -14.79
C SER E 35 -4.22 26.17 -16.29
N TYR E 36 -4.54 27.17 -17.09
CA TYR E 36 -4.69 26.98 -18.52
C TYR E 36 -3.33 26.91 -19.20
N ILE E 37 -3.27 26.14 -20.28
CA ILE E 37 -2.04 26.01 -21.06
C ILE E 37 -2.37 26.33 -22.51
N HIS E 38 -2.04 27.54 -22.94
CA HIS E 38 -2.25 27.94 -24.32
C HIS E 38 -1.04 27.54 -25.15
N TRP E 39 -1.25 27.47 -26.46
CA TRP E 39 -0.18 27.53 -27.44
C TRP E 39 -0.24 28.89 -28.11
N VAL E 40 0.93 29.48 -28.35
CA VAL E 40 1.00 30.84 -28.86
C VAL E 40 1.99 30.91 -30.03
N ARG E 41 1.94 32.04 -30.72
CA ARG E 41 2.46 32.18 -32.08
C ARG E 41 3.26 33.46 -32.17
N GLN E 42 4.54 33.35 -32.52
CA GLN E 42 5.36 34.51 -32.86
C GLN E 42 5.53 34.53 -34.38
N ALA E 43 4.72 35.33 -35.05
CA ALA E 43 4.82 35.47 -36.49
C ALA E 43 6.20 36.02 -36.85
N PRO E 44 6.74 35.71 -38.03
CA PRO E 44 8.17 35.93 -38.26
C PRO E 44 8.56 37.39 -38.26
N GLY E 45 8.54 38.00 -37.07
CA GLY E 45 8.78 39.42 -36.93
C GLY E 45 7.55 40.27 -37.10
N LYS E 46 6.36 39.73 -36.83
CA LYS E 46 5.10 40.38 -37.14
C LYS E 46 4.26 40.56 -35.87
N GLY E 47 4.38 39.66 -34.92
CA GLY E 47 3.59 39.77 -33.70
C GLY E 47 3.31 38.40 -33.12
N LEU E 48 2.50 38.41 -32.06
CA LEU E 48 2.15 37.20 -31.33
C LEU E 48 0.68 36.91 -31.55
N GLU E 49 0.24 35.73 -31.12
CA GLU E 49 -1.14 35.30 -31.32
C GLU E 49 -1.46 34.08 -30.46
N TRP E 50 -2.69 34.03 -29.95
CA TRP E 50 -3.21 32.80 -29.36
C TRP E 50 -3.57 31.80 -30.46
N VAL E 51 -3.36 30.51 -30.21
CA VAL E 51 -3.65 29.54 -31.25
C VAL E 51 -4.62 28.47 -30.73
N ALA E 52 -4.57 28.18 -29.44
CA ALA E 52 -5.39 27.11 -28.86
C ALA E 52 -5.20 27.11 -27.36
N TYR E 53 -6.02 26.33 -26.66
CA TYR E 53 -5.83 26.06 -25.24
C TYR E 53 -6.61 24.82 -24.85
N ILE E 54 -6.17 24.20 -23.76
CA ILE E 54 -6.86 23.05 -23.16
C ILE E 54 -6.83 23.19 -21.64
N SER E 55 -7.99 23.50 -21.07
CA SER E 55 -8.17 23.47 -19.62
C SER E 55 -8.58 22.04 -19.25
N SER E 56 -7.67 21.33 -18.60
CA SER E 56 -7.84 19.91 -18.34
C SER E 56 -8.29 19.59 -16.94
N TYR E 57 -9.08 20.46 -16.31
CA TYR E 57 -9.91 20.09 -15.18
C TYR E 57 -11.36 20.44 -15.44
N TYR E 58 -11.66 20.77 -16.70
CA TYR E 58 -13.01 20.91 -17.20
C TYR E 58 -13.14 20.22 -18.55
N GLY E 59 -12.03 19.79 -19.13
CA GLY E 59 -12.06 19.08 -20.39
C GLY E 59 -12.24 19.99 -21.57
N SER E 60 -12.08 21.29 -21.37
CA SER E 60 -12.44 22.28 -22.39
C SER E 60 -11.24 22.52 -23.28
N THR E 61 -11.47 22.66 -24.58
CA THR E 61 -10.42 23.02 -25.52
C THR E 61 -10.94 24.03 -26.53
N SER E 62 -10.00 24.67 -27.22
CA SER E 62 -10.37 25.61 -28.28
C SER E 62 -9.19 25.89 -29.21
N TYR E 63 -9.43 25.76 -30.51
CA TYR E 63 -8.42 25.98 -31.54
C TYR E 63 -8.72 27.24 -32.33
N ALA E 64 -7.68 27.77 -32.97
CA ALA E 64 -7.77 29.03 -33.69
C ALA E 64 -8.50 28.87 -35.02
N ASP E 65 -9.10 29.98 -35.47
CA ASP E 65 -9.99 29.95 -36.63
C ASP E 65 -9.25 29.50 -37.89
N SER E 66 -7.94 29.77 -37.95
CA SER E 66 -7.16 29.44 -39.14
C SER E 66 -6.64 28.00 -39.14
N VAL E 67 -6.64 27.34 -37.98
CA VAL E 67 -6.09 26.00 -37.83
C VAL E 67 -7.14 24.97 -37.45
N LYS E 68 -8.42 25.33 -37.48
CA LYS E 68 -9.48 24.42 -37.04
C LYS E 68 -9.43 23.10 -37.80
N GLY E 69 -9.44 22.01 -37.05
CA GLY E 69 -9.51 20.68 -37.63
C GLY E 69 -8.16 20.01 -37.81
N ARG E 70 -7.09 20.78 -37.73
CA ARG E 70 -5.76 20.22 -37.90
C ARG E 70 -5.03 20.05 -36.56
N PHE E 71 -5.43 20.80 -35.55
CA PHE E 71 -4.75 20.78 -34.26
C PHE E 71 -5.58 20.06 -33.21
N THR E 72 -5.02 18.99 -32.65
CA THR E 72 -5.62 18.27 -31.54
C THR E 72 -4.71 18.37 -30.33
N ILE E 73 -5.13 19.09 -29.34
CA ILE E 73 -4.34 19.19 -28.12
C ILE E 73 -4.68 17.97 -27.27
N SER E 74 -3.86 17.73 -26.25
CA SER E 74 -4.20 16.79 -25.20
C SER E 74 -3.36 17.15 -23.99
N ALA E 75 -3.91 16.88 -22.81
CA ALA E 75 -3.19 17.18 -21.57
C ALA E 75 -2.77 15.85 -20.95
N ASP E 76 -1.58 15.39 -21.29
CA ASP E 76 -1.10 14.12 -20.77
C ASP E 76 -0.78 14.33 -19.30
N THR E 77 -1.84 14.49 -18.50
CA THR E 77 -1.72 14.93 -17.12
C THR E 77 -1.59 13.79 -16.13
N SER E 78 -1.19 12.60 -16.60
CA SER E 78 -0.65 11.60 -15.69
C SER E 78 0.87 11.65 -15.67
N LYS E 79 1.49 11.89 -16.82
CA LYS E 79 2.93 12.10 -16.91
C LYS E 79 3.25 13.57 -17.15
N ASN E 80 2.28 14.45 -16.91
CA ASN E 80 2.47 15.89 -16.81
C ASN E 80 3.21 16.49 -18.02
N THR E 81 2.54 16.42 -19.16
CA THR E 81 2.99 17.07 -20.36
C THR E 81 1.75 17.57 -21.09
N ALA E 82 1.90 18.50 -22.02
CA ALA E 82 0.83 18.90 -22.93
C ALA E 82 1.26 18.54 -24.34
N TYR E 83 0.52 17.63 -24.97
CA TYR E 83 0.80 17.25 -26.35
C TYR E 83 -0.03 18.10 -27.30
N LEU E 84 0.57 18.43 -28.45
CA LEU E 84 -0.15 19.16 -29.50
C LEU E 84 0.12 18.48 -30.82
N GLN E 85 -0.92 17.89 -31.40
CA GLN E 85 -0.87 17.29 -32.72
C GLN E 85 -1.22 18.34 -33.76
N MET E 86 -0.33 18.55 -34.73
CA MET E 86 -0.54 19.44 -35.86
C MET E 86 -0.54 18.59 -37.11
N ASN E 87 -1.41 18.92 -38.06
CA ASN E 87 -1.58 18.13 -39.28
C ASN E 87 -1.55 19.04 -40.50
N SER E 88 -0.79 18.63 -41.50
CA SER E 88 -0.66 19.18 -42.85
C SER E 88 0.10 20.52 -42.89
N LEU E 89 0.31 21.18 -41.75
CA LEU E 89 1.28 22.26 -41.60
C LEU E 89 1.42 23.15 -42.83
N ARG E 90 0.38 23.88 -43.18
CA ARG E 90 0.36 24.56 -44.48
C ARG E 90 1.26 25.80 -44.43
N ALA E 91 1.15 26.64 -45.46
CA ALA E 91 2.22 27.58 -45.78
C ALA E 91 2.58 28.49 -44.62
N GLU E 92 1.64 29.30 -44.16
CA GLU E 92 2.00 30.33 -43.17
C GLU E 92 2.00 29.76 -41.77
N ASP E 93 2.87 28.77 -41.53
CA ASP E 93 3.09 28.23 -40.20
C ASP E 93 4.57 28.25 -39.84
N THR E 94 5.32 29.21 -40.40
CA THR E 94 6.73 29.37 -40.08
C THR E 94 6.95 30.23 -38.85
N ALA E 95 5.89 30.62 -38.17
CA ALA E 95 6.00 31.32 -36.91
C ALA E 95 6.60 30.40 -35.86
N VAL E 96 7.15 31.00 -34.82
CA VAL E 96 7.73 30.21 -33.73
C VAL E 96 6.68 30.01 -32.66
N TYR E 97 6.42 28.75 -32.33
CA TYR E 97 5.28 28.38 -31.49
C TYR E 97 5.79 28.13 -30.08
N TYR E 98 5.13 28.76 -29.10
CA TYR E 98 5.53 28.64 -27.70
C TYR E 98 4.41 28.02 -26.88
N CYS E 99 4.79 27.43 -25.75
CA CYS E 99 3.87 26.93 -24.74
C CYS E 99 3.72 27.97 -23.63
N ALA E 100 2.50 28.50 -23.49
CA ALA E 100 2.25 29.58 -22.53
C ALA E 100 1.30 29.08 -21.46
N ARG E 101 1.44 29.63 -20.25
CA ARG E 101 0.57 29.28 -19.13
C ARG E 101 -0.21 30.52 -18.70
N SER E 102 -1.51 30.36 -18.53
CA SER E 102 -2.33 31.47 -18.09
C SER E 102 -2.25 31.63 -16.58
N PHE E 103 -3.13 32.47 -16.05
CA PHE E 103 -2.97 33.00 -14.71
C PHE E 103 -3.78 32.18 -13.71
N SER E 104 -3.50 32.39 -12.43
CA SER E 104 -4.35 31.89 -11.35
C SER E 104 -4.51 32.98 -10.31
N ILE E 105 -5.76 33.21 -9.89
CA ILE E 105 -6.04 34.25 -8.91
C ILE E 105 -5.47 33.87 -7.54
N ASN E 106 -5.42 32.57 -7.25
CA ASN E 106 -4.86 32.13 -5.98
C ASN E 106 -3.52 31.46 -6.17
N GLY E 107 -3.45 30.52 -7.12
CA GLY E 107 -2.30 29.68 -7.30
C GLY E 107 -2.57 28.19 -7.20
N SER E 108 -3.55 27.80 -6.38
CA SER E 108 -3.93 26.41 -6.23
C SER E 108 -5.08 25.99 -7.12
N TYR E 109 -5.57 26.85 -8.02
CA TYR E 109 -6.65 26.50 -8.91
C TYR E 109 -6.89 27.63 -9.91
N SER E 110 -7.50 27.26 -11.03
CA SER E 110 -8.23 28.18 -11.90
C SER E 110 -9.61 27.61 -12.14
N TRP E 111 -10.54 28.50 -12.49
CA TRP E 111 -11.94 28.14 -12.65
C TRP E 111 -12.41 28.64 -14.02
N TRP E 112 -13.47 28.01 -14.55
CA TRP E 112 -13.86 28.28 -15.93
C TRP E 112 -14.26 29.73 -16.13
N TRP E 113 -14.81 30.38 -15.10
CA TRP E 113 -15.10 31.80 -15.18
C TRP E 113 -13.81 32.60 -15.30
N ASP E 114 -13.85 33.67 -16.09
CA ASP E 114 -12.67 34.50 -16.36
C ASP E 114 -11.54 33.66 -16.98
N GLN E 115 -11.80 33.20 -18.20
CA GLN E 115 -10.82 32.39 -18.92
C GLN E 115 -9.60 33.20 -19.34
N ALA E 116 -8.54 33.16 -18.52
CA ALA E 116 -7.23 33.72 -18.87
C ALA E 116 -7.30 35.22 -19.11
N ALA E 117 -8.14 35.91 -18.36
CA ALA E 117 -8.28 37.36 -18.48
C ALA E 117 -7.31 38.11 -17.58
N TYR E 118 -6.72 37.46 -16.59
CA TYR E 118 -5.75 38.10 -15.72
C TYR E 118 -4.31 37.80 -16.11
N GLY E 119 -4.02 37.66 -17.40
CA GLY E 119 -2.68 37.80 -17.93
C GLY E 119 -1.96 36.47 -18.08
N LEU E 120 -0.95 36.51 -18.96
CA LEU E 120 -0.13 35.36 -19.35
C LEU E 120 1.15 35.36 -18.53
N ASP E 121 1.03 34.94 -17.26
CA ASP E 121 2.07 35.21 -16.28
C ASP E 121 3.34 34.37 -16.45
N TYR E 122 3.28 33.27 -17.19
CA TYR E 122 4.46 32.43 -17.34
C TYR E 122 4.56 31.84 -18.74
N TRP E 123 5.79 31.70 -19.23
CA TRP E 123 6.06 31.26 -20.59
C TRP E 123 7.27 30.33 -20.62
N GLY E 124 7.60 29.89 -21.83
CA GLY E 124 8.80 29.13 -22.10
C GLY E 124 9.32 29.40 -23.51
N GLN E 125 10.43 28.75 -23.83
CA GLN E 125 11.05 28.88 -25.15
C GLN E 125 10.89 27.59 -25.95
N GLY E 126 10.23 27.70 -27.09
CA GLY E 126 9.98 26.52 -27.92
C GLY E 126 10.97 26.43 -29.06
N THR E 127 10.85 25.37 -29.85
CA THR E 127 11.74 25.16 -30.98
C THR E 127 11.17 25.82 -32.23
N LEU E 128 12.07 26.35 -33.07
CA LEU E 128 11.66 26.96 -34.31
C LEU E 128 11.06 25.90 -35.23
N VAL E 129 10.14 26.33 -36.09
CA VAL E 129 9.53 25.44 -37.08
C VAL E 129 9.53 26.15 -38.42
N THR E 130 9.41 25.37 -39.49
CA THR E 130 9.49 25.91 -40.84
C THR E 130 8.64 25.06 -41.78
N VAL E 131 8.12 25.72 -42.81
CA VAL E 131 7.21 25.11 -43.77
C VAL E 131 7.81 25.33 -45.16
N SER E 132 8.58 24.36 -45.65
CA SER E 132 9.15 24.46 -46.99
C SER E 132 9.64 23.09 -47.44
N SER E 133 9.77 22.93 -48.75
CA SER E 133 10.35 21.74 -49.35
C SER E 133 11.84 21.86 -49.61
N ALA E 134 12.47 22.93 -49.15
CA ALA E 134 13.90 23.11 -49.36
C ALA E 134 14.69 22.16 -48.49
N SER E 135 15.47 21.29 -49.14
CA SER E 135 16.24 20.26 -48.45
C SER E 135 17.52 20.90 -47.89
N THR E 136 18.44 20.07 -47.40
CA THR E 136 19.77 20.56 -47.02
C THR E 136 20.56 20.86 -48.28
N LYS E 137 20.97 22.11 -48.44
CA LYS E 137 21.68 22.57 -49.62
C LYS E 137 22.89 23.40 -49.21
N GLY E 138 24.05 23.09 -49.77
CA GLY E 138 25.25 23.84 -49.52
C GLY E 138 25.10 25.28 -49.97
N PRO E 139 25.84 26.18 -49.35
CA PRO E 139 25.73 27.61 -49.67
C PRO E 139 26.72 28.02 -50.75
N SER E 140 26.29 29.00 -51.55
CA SER E 140 27.14 29.60 -52.57
C SER E 140 27.50 31.01 -52.12
N VAL E 141 28.80 31.29 -52.01
CA VAL E 141 29.28 32.56 -51.49
C VAL E 141 29.89 33.37 -52.63
N PHE E 142 29.60 34.65 -52.66
CA PHE E 142 30.31 35.61 -53.50
C PHE E 142 30.73 36.79 -52.65
N PRO E 143 32.02 37.04 -52.48
CA PRO E 143 32.44 38.24 -51.73
C PRO E 143 32.16 39.51 -52.53
N LEU E 144 31.20 40.29 -52.04
CA LEU E 144 30.87 41.56 -52.67
C LEU E 144 31.98 42.55 -52.37
N ALA E 145 32.99 42.57 -53.23
CA ALA E 145 34.24 43.24 -52.92
C ALA E 145 34.03 44.75 -52.80
N PRO E 146 34.94 45.47 -52.15
CA PRO E 146 34.91 46.93 -52.25
C PRO E 146 35.15 47.38 -53.67
N SER E 147 34.25 48.20 -54.19
CA SER E 147 34.23 48.51 -55.61
C SER E 147 35.50 49.24 -56.02
N SER E 148 35.95 48.96 -57.26
CA SER E 148 37.12 49.62 -57.80
C SER E 148 36.98 51.13 -57.80
N LYS E 149 35.75 51.65 -57.73
CA LYS E 149 35.47 53.07 -57.62
C LYS E 149 35.51 53.56 -56.18
N SER E 150 36.17 52.82 -55.29
CA SER E 150 36.31 53.26 -53.90
C SER E 150 37.00 54.62 -53.84
N THR E 151 36.48 55.48 -52.97
CA THR E 151 37.03 56.82 -52.80
C THR E 151 38.44 56.77 -52.24
N SER E 152 39.40 57.30 -53.00
CA SER E 152 40.79 57.33 -52.55
C SER E 152 40.94 58.28 -51.37
N GLY E 153 41.21 57.71 -50.20
CA GLY E 153 41.31 58.49 -48.97
C GLY E 153 40.01 58.59 -48.22
N GLY E 154 38.99 57.86 -48.67
CA GLY E 154 37.69 57.93 -48.05
C GLY E 154 37.23 56.65 -47.38
N THR E 155 35.95 56.33 -47.51
CA THR E 155 35.35 55.16 -46.90
C THR E 155 34.80 54.25 -47.99
N ALA E 156 35.17 52.98 -47.94
CA ALA E 156 34.75 51.99 -48.93
C ALA E 156 34.00 50.87 -48.22
N ALA E 157 32.92 50.41 -48.83
CA ALA E 157 32.15 49.30 -48.27
C ALA E 157 32.68 47.98 -48.80
N LEU E 158 32.88 47.04 -47.90
CA LEU E 158 33.37 45.71 -48.27
C LEU E 158 32.50 44.68 -47.57
N GLY E 159 32.11 43.66 -48.32
CA GLY E 159 31.19 42.67 -47.78
C GLY E 159 31.15 41.42 -48.63
N CYS E 160 30.09 40.64 -48.41
CA CYS E 160 29.97 39.32 -49.02
C CYS E 160 28.57 38.78 -48.84
N LEU E 161 28.10 38.04 -49.86
CA LEU E 161 26.77 37.47 -49.89
C LEU E 161 26.87 35.95 -49.82
N VAL E 162 26.03 35.34 -48.98
CA VAL E 162 25.90 33.88 -48.95
C VAL E 162 24.47 33.51 -49.34
N LYS E 163 24.32 32.81 -50.46
CA LYS E 163 23.01 32.59 -51.07
C LYS E 163 22.78 31.11 -51.33
N ASP E 164 21.52 30.79 -51.66
CA ASP E 164 21.09 29.44 -52.04
C ASP E 164 21.52 28.40 -51.01
N TYR E 165 20.98 28.53 -49.80
CA TYR E 165 21.18 27.55 -48.75
C TYR E 165 19.89 27.31 -47.99
N PHE E 166 19.84 26.18 -47.29
CA PHE E 166 18.75 25.80 -46.40
C PHE E 166 19.19 24.63 -45.53
N PRO E 167 18.94 24.65 -44.20
CA PRO E 167 18.39 25.75 -43.40
C PRO E 167 19.45 26.59 -42.71
N GLU E 168 19.01 27.49 -41.82
CA GLU E 168 19.92 28.29 -41.01
C GLU E 168 20.78 27.40 -40.12
N PRO E 169 21.94 27.89 -39.66
CA PRO E 169 22.51 29.22 -39.92
C PRO E 169 23.67 29.23 -40.91
N VAL E 170 24.02 30.42 -41.38
CA VAL E 170 25.26 30.65 -42.13
C VAL E 170 26.01 31.79 -41.48
N THR E 171 26.91 31.45 -40.55
CA THR E 171 27.66 32.44 -39.80
C THR E 171 28.72 33.06 -40.70
N VAL E 172 28.61 34.35 -40.93
CA VAL E 172 29.50 35.07 -41.84
C VAL E 172 30.48 35.89 -41.02
N SER E 173 31.71 35.41 -40.92
CA SER E 173 32.77 36.13 -40.23
C SER E 173 33.81 36.58 -41.25
N TRP E 174 34.74 37.40 -40.78
CA TRP E 174 35.85 37.84 -41.60
C TRP E 174 37.15 37.50 -40.90
N ASN E 175 38.16 37.14 -41.68
CA ASN E 175 39.46 36.70 -41.16
C ASN E 175 39.29 35.60 -40.12
N SER E 176 38.30 34.71 -40.34
CA SER E 176 38.10 33.52 -39.53
C SER E 176 37.74 33.86 -38.08
N GLY E 177 36.94 34.92 -37.91
CA GLY E 177 36.36 35.20 -36.62
C GLY E 177 37.12 36.19 -35.76
N ALA E 178 38.32 36.59 -36.19
CA ALA E 178 39.10 37.57 -35.44
C ALA E 178 38.75 39.01 -35.79
N LEU E 179 37.92 39.23 -36.80
CA LEU E 179 37.50 40.58 -37.17
C LEU E 179 35.98 40.62 -37.14
N THR E 180 35.42 41.28 -36.12
CA THR E 180 33.98 41.28 -35.90
C THR E 180 33.44 42.68 -35.66
N SER E 181 34.24 43.71 -35.95
CA SER E 181 33.81 45.09 -35.73
C SER E 181 33.14 45.62 -36.99
N GLY E 182 32.05 46.36 -36.81
CA GLY E 182 31.37 47.00 -37.93
C GLY E 182 30.76 46.08 -38.96
N VAL E 183 30.89 44.77 -38.79
CA VAL E 183 30.41 43.80 -39.77
C VAL E 183 28.92 43.54 -39.53
N HIS E 184 28.09 44.27 -40.27
CA HIS E 184 26.65 44.09 -40.26
C HIS E 184 26.30 42.84 -41.04
N THR E 185 25.98 41.77 -40.32
CA THR E 185 25.31 40.60 -40.89
C THR E 185 23.81 40.83 -40.71
N PHE E 186 23.09 40.83 -41.83
CA PHE E 186 21.68 41.16 -41.80
C PHE E 186 20.84 39.90 -41.57
N PRO E 187 19.58 40.02 -41.19
CA PRO E 187 18.71 38.84 -41.07
C PRO E 187 18.82 37.94 -42.30
N ALA E 188 18.81 36.63 -42.04
CA ALA E 188 19.02 35.66 -43.09
C ALA E 188 17.86 35.69 -44.06
N VAL E 189 18.07 36.32 -45.21
CA VAL E 189 17.01 36.62 -46.16
C VAL E 189 16.72 35.38 -46.98
N LEU E 190 15.47 35.25 -47.41
CA LEU E 190 14.99 34.07 -48.10
C LEU E 190 15.09 34.27 -49.60
N GLN E 191 15.33 33.17 -50.32
CA GLN E 191 15.49 33.19 -51.76
C GLN E 191 14.12 33.26 -52.43
N SER E 192 14.11 33.28 -53.77
CA SER E 192 12.86 33.20 -54.50
C SER E 192 12.30 31.78 -54.45
N SER E 193 13.17 30.77 -54.58
CA SER E 193 12.73 29.38 -54.62
C SER E 193 12.13 28.90 -53.32
N GLY E 194 12.54 29.46 -52.19
CA GLY E 194 12.31 28.86 -50.88
C GLY E 194 13.59 28.54 -50.14
N LEU E 195 14.74 28.80 -50.76
CA LEU E 195 16.05 28.62 -50.15
C LEU E 195 16.31 29.83 -49.25
N TYR E 196 17.57 30.04 -48.86
CA TYR E 196 17.85 31.22 -48.06
C TYR E 196 19.12 31.93 -48.52
N SER E 197 19.51 32.95 -47.77
CA SER E 197 20.64 33.81 -48.09
C SER E 197 20.82 34.80 -46.96
N LEU E 198 21.91 35.56 -47.02
CA LEU E 198 22.06 36.77 -46.24
C LEU E 198 23.23 37.58 -46.79
N SER E 199 23.30 38.82 -46.32
CA SER E 199 24.30 39.78 -46.75
C SER E 199 25.18 40.16 -45.57
N SER E 200 26.41 40.60 -45.87
CA SER E 200 27.34 41.07 -44.85
C SER E 200 28.06 42.29 -45.40
N VAL E 201 28.08 43.37 -44.62
CA VAL E 201 28.75 44.60 -45.05
C VAL E 201 29.61 45.12 -43.91
N VAL E 202 30.59 45.96 -44.23
CA VAL E 202 31.37 46.67 -43.24
C VAL E 202 32.10 47.82 -43.94
N THR E 203 32.46 48.85 -43.18
CA THR E 203 33.14 50.01 -43.70
C THR E 203 34.64 49.88 -43.49
N VAL E 204 35.42 50.46 -44.41
CA VAL E 204 36.87 50.47 -44.29
C VAL E 204 37.39 51.82 -44.73
N PRO E 205 38.43 52.31 -44.05
CA PRO E 205 39.16 53.48 -44.56
C PRO E 205 40.02 53.09 -45.74
N SER E 206 40.23 54.06 -46.63
CA SER E 206 40.91 53.80 -47.90
C SER E 206 42.42 53.71 -47.78
N SER E 207 42.95 53.56 -46.56
CA SER E 207 44.40 53.49 -46.39
C SER E 207 44.94 52.10 -46.72
N SER E 208 44.30 51.05 -46.20
CA SER E 208 44.86 49.70 -46.23
C SER E 208 44.15 48.79 -47.22
N LEU E 209 43.64 49.31 -48.34
CA LEU E 209 43.17 48.44 -49.40
C LEU E 209 44.32 47.87 -50.21
N GLY E 210 45.44 48.61 -50.28
CA GLY E 210 46.62 48.07 -50.94
C GLY E 210 47.54 47.33 -49.98
N THR E 211 47.47 47.67 -48.70
CA THR E 211 48.35 47.08 -47.69
C THR E 211 47.86 45.71 -47.21
N GLN E 212 46.65 45.65 -46.65
CA GLN E 212 46.14 44.44 -46.04
C GLN E 212 44.90 43.94 -46.76
N THR E 213 44.72 42.62 -46.77
CA THR E 213 43.62 41.98 -47.48
C THR E 213 42.73 41.23 -46.51
N TYR E 214 41.50 40.97 -46.91
CA TYR E 214 40.48 40.44 -46.02
C TYR E 214 39.77 39.24 -46.62
N ILE E 215 39.16 38.44 -45.75
CA ILE E 215 38.59 37.14 -46.09
C ILE E 215 37.19 37.05 -45.51
N CYS E 216 36.23 36.57 -46.30
CA CYS E 216 34.89 36.33 -45.80
C CYS E 216 34.59 34.84 -45.74
N ASN E 217 34.52 34.29 -44.52
CA ASN E 217 34.25 32.87 -44.34
C ASN E 217 32.82 32.70 -43.86
N VAL E 218 32.16 31.65 -44.36
CA VAL E 218 30.77 31.34 -44.03
C VAL E 218 30.71 29.94 -43.43
N ASN E 219 29.82 29.75 -42.46
CA ASN E 219 29.65 28.47 -41.78
C ASN E 219 28.17 28.07 -41.85
N HIS E 220 27.85 27.14 -42.75
CA HIS E 220 26.53 26.54 -42.86
C HIS E 220 26.60 25.16 -42.23
N LYS E 221 26.28 25.06 -40.95
CA LYS E 221 26.41 23.81 -40.20
C LYS E 221 25.45 22.72 -40.69
N PRO E 222 24.16 23.01 -40.94
CA PRO E 222 23.28 21.96 -41.47
C PRO E 222 23.66 21.48 -42.86
N SER E 223 24.60 22.13 -43.54
CA SER E 223 25.27 21.58 -44.69
C SER E 223 26.73 21.23 -44.38
N ASN E 224 27.19 21.53 -43.17
CA ASN E 224 28.55 21.22 -42.72
C ASN E 224 29.60 21.81 -43.65
N THR E 225 29.46 23.10 -43.95
CA THR E 225 30.37 23.80 -44.84
C THR E 225 30.97 24.99 -44.12
N LYS E 226 32.28 24.93 -43.87
CA LYS E 226 33.03 26.05 -43.33
C LYS E 226 33.96 26.55 -44.42
N VAL E 227 33.47 27.46 -45.26
CA VAL E 227 34.11 27.79 -46.51
C VAL E 227 34.73 29.18 -46.41
N ASP E 228 35.90 29.33 -47.03
CA ASP E 228 36.74 30.51 -46.94
C ASP E 228 36.89 31.11 -48.34
N LYS E 229 37.07 32.42 -48.41
CA LYS E 229 37.18 33.09 -49.71
C LYS E 229 37.73 34.50 -49.54
N LYS E 230 38.71 34.84 -50.36
CA LYS E 230 39.37 36.14 -50.29
C LYS E 230 38.54 37.23 -50.96
N VAL E 231 38.72 38.48 -50.51
CA VAL E 231 38.11 39.64 -51.16
C VAL E 231 39.23 40.48 -51.75
N GLU E 232 38.91 41.24 -52.81
CA GLU E 232 39.87 42.17 -53.41
C GLU E 232 39.12 43.19 -54.26
N PRO E 233 39.43 44.48 -54.11
CA PRO E 233 38.89 45.50 -55.03
C PRO E 233 39.10 45.09 -56.48
N LYS E 234 38.15 45.43 -57.34
CA LYS E 234 38.15 44.92 -58.71
C LYS E 234 39.36 45.43 -59.48
N SER E 235 40.13 44.49 -60.02
CA SER E 235 41.29 44.79 -60.84
C SER E 235 40.93 44.58 -62.30
N CYS E 236 41.02 45.65 -63.09
CA CYS E 236 40.67 45.59 -64.50
C CYS E 236 41.91 45.60 -65.39
#